data_4RUS
#
_entry.id   4RUS
#
_cell.length_a   204.410
_cell.length_b   120.810
_cell.length_c   69.270
_cell.angle_alpha   90.00
_cell.angle_beta   91.42
_cell.angle_gamma   90.00
#
_symmetry.space_group_name_H-M   'C 1 2 1'
#
loop_
_entity.id
_entity.type
_entity.pdbx_description
1 polymer 'Fish-egg lectin'
2 branched 2-acetamido-2-deoxy-beta-D-glucopyranose-(1-4)-2-acetamido-2-deoxy-beta-D-glucopyranose
3 non-polymer 'CALCIUM ION'
4 non-polymer 2-acetamido-2-deoxy-alpha-D-glucopyranose
5 non-polymer 'PENTAETHYLENE GLYCOL'
6 non-polymer 'MAGNESIUM ION'
7 non-polymer 2-acetamido-2-deoxy-beta-D-glucopyranose
8 water water
#
_entity_poly.entity_id   1
_entity_poly.type   'polypeptide(L)'
_entity_poly.pdbx_seq_one_letter_code
;LDCTVIDGNLKQIDAGSGSVVGVNNLNETFVLIDNVFTKISGSLKHFSVGPAGQLGVNTANNIFKYQSGGFVQLAGLLKQ
VDAGGDQIIAGVNMYDDIYCLNMDANNKWPSSNTPWVQLNGKLKYYSCGPYSCWGVNSNDQIFIMKDVSSNVCSGSGSFI
NIPGLLSMIEVATDGSVFGVNSQGNLYQRTGVTRSKPDGTDWISMVACPNGHKHVSFDLGVLWLVCVDGSIRKCILTD
;
_entity_poly.pdbx_strand_id   A,B,C,D,E,F
#
loop_
_chem_comp.id
_chem_comp.type
_chem_comp.name
_chem_comp.formula
1PE non-polymer 'PENTAETHYLENE GLYCOL' 'C10 H22 O6'
CA non-polymer 'CALCIUM ION' 'Ca 2'
MG non-polymer 'MAGNESIUM ION' 'Mg 2'
NAG D-saccharide, beta linking 2-acetamido-2-deoxy-beta-D-glucopyranose 'C8 H15 N O6'
NDG D-saccharide, alpha linking 2-acetamido-2-deoxy-alpha-D-glucopyranose 'C8 H15 N O6'
#
# COMPACT_ATOMS: atom_id res chain seq x y z
N LEU A 1 -20.09 0.66 -24.01
CA LEU A 1 -19.60 0.94 -22.64
C LEU A 1 -18.81 -0.25 -22.10
N ASP A 2 -17.56 -0.01 -21.69
CA ASP A 2 -16.74 -1.03 -21.02
C ASP A 2 -16.64 -0.64 -19.57
N CYS A 3 -16.82 -1.60 -18.66
CA CYS A 3 -16.67 -1.33 -17.23
C CYS A 3 -15.82 -2.39 -16.56
N THR A 4 -15.14 -1.99 -15.49
CA THR A 4 -14.55 -2.95 -14.56
C THR A 4 -15.10 -2.69 -13.16
N VAL A 5 -14.95 -3.67 -12.29
CA VAL A 5 -15.27 -3.48 -10.88
C VAL A 5 -14.03 -2.96 -10.14
N ILE A 6 -14.21 -1.88 -9.36
CA ILE A 6 -13.15 -1.34 -8.52
C ILE A 6 -13.42 -1.67 -7.05
N ASP A 7 -12.38 -2.11 -6.35
CA ASP A 7 -12.53 -2.53 -4.95
C ASP A 7 -13.08 -1.40 -4.09
N GLY A 8 -13.89 -1.78 -3.11
CA GLY A 8 -14.41 -0.83 -2.14
C GLY A 8 -15.90 -0.94 -2.05
N ASN A 9 -16.49 -0.16 -1.16
CA ASN A 9 -17.93 -0.16 -1.01
C ASN A 9 -18.37 1.21 -0.51
N LEU A 10 -19.30 1.82 -1.24
CA LEU A 10 -19.69 3.21 -0.97
C LEU A 10 -21.20 3.35 -1.05
N LYS A 11 -21.74 4.49 -0.60
CA LYS A 11 -23.12 4.83 -0.92
C LYS A 11 -23.19 6.02 -1.87
N GLN A 12 -22.07 6.71 -2.02
CA GLN A 12 -22.00 7.94 -2.83
C GLN A 12 -20.59 8.14 -3.35
N ILE A 13 -20.49 8.67 -4.56
CA ILE A 13 -19.19 8.85 -5.22
C ILE A 13 -19.21 10.15 -6.01
N ASP A 14 -18.09 10.87 -6.02
CA ASP A 14 -17.98 12.07 -6.87
C ASP A 14 -16.59 12.17 -7.47
N ALA A 15 -16.53 12.61 -8.72
CA ALA A 15 -15.24 12.74 -9.39
C ALA A 15 -15.13 14.13 -10.02
N GLY A 16 -13.93 14.71 -9.97
CA GLY A 16 -13.71 16.09 -10.48
C GLY A 16 -12.28 16.50 -10.27
N SER A 17 -11.73 17.29 -11.20
CA SER A 17 -10.38 17.84 -11.08
C SER A 17 -9.32 16.75 -10.98
N GLY A 18 -9.61 15.56 -11.52
CA GLY A 18 -8.70 14.42 -11.45
C GLY A 18 -8.80 13.60 -10.16
N SER A 19 -9.59 14.08 -9.21
CA SER A 19 -9.83 13.36 -7.95
C SER A 19 -11.08 12.50 -8.02
N VAL A 20 -11.15 11.49 -7.14
CA VAL A 20 -12.36 10.69 -6.97
C VAL A 20 -12.51 10.47 -5.46
N VAL A 21 -13.70 10.80 -4.94
CA VAL A 21 -13.96 10.72 -3.50
C VAL A 21 -15.33 10.08 -3.26
N GLY A 22 -15.63 9.74 -2.01
CA GLY A 22 -16.93 9.15 -1.71
C GLY A 22 -17.06 8.86 -0.25
N VAL A 23 -18.24 8.40 0.13
CA VAL A 23 -18.50 8.01 1.52
C VAL A 23 -19.18 6.65 1.51
N ASN A 24 -19.01 5.90 2.59
CA ASN A 24 -19.69 4.61 2.74
C ASN A 24 -20.92 4.64 3.66
N ASN A 25 -21.54 3.49 3.92
CA ASN A 25 -22.74 3.43 4.77
C ASN A 25 -22.50 3.92 6.19
N LEU A 26 -21.26 3.85 6.66
CA LEU A 26 -20.90 4.30 8.00
C LEU A 26 -20.54 5.79 8.04
N ASN A 27 -20.61 6.44 6.87
CA ASN A 27 -20.23 7.84 6.71
C ASN A 27 -18.72 8.05 6.89
N GLU A 28 -17.96 7.00 6.63
CA GLU A 28 -16.52 7.12 6.52
C GLU A 28 -16.22 7.72 5.16
N THR A 29 -15.14 8.47 5.10
CA THR A 29 -14.81 9.30 3.95
C THR A 29 -13.60 8.77 3.23
N PHE A 30 -13.70 8.66 1.91
CA PHE A 30 -12.68 8.02 1.09
C PHE A 30 -12.17 8.91 -0.02
N VAL A 31 -10.89 8.75 -0.33
CA VAL A 31 -10.24 9.40 -1.49
C VAL A 31 -9.51 8.30 -2.26
N LEU A 32 -9.63 8.34 -3.58
CA LEU A 32 -8.93 7.39 -4.42
C LEU A 32 -7.44 7.78 -4.50
N ILE A 33 -6.63 7.10 -3.69
CA ILE A 33 -5.21 7.38 -3.60
C ILE A 33 -4.43 6.19 -4.14
N ASP A 34 -3.66 6.43 -5.18
CA ASP A 34 -2.92 5.36 -5.89
C ASP A 34 -3.82 4.16 -6.19
N ASN A 35 -4.97 4.48 -6.78
CA ASN A 35 -5.95 3.49 -7.22
C ASN A 35 -6.62 2.67 -6.13
N VAL A 36 -6.51 3.13 -4.88
CA VAL A 36 -7.20 2.47 -3.77
C VAL A 36 -8.06 3.49 -3.02
N PHE A 37 -9.33 3.17 -2.83
CA PHE A 37 -10.21 4.00 -2.01
C PHE A 37 -9.74 3.93 -0.56
N THR A 38 -9.19 5.05 -0.10
CA THR A 38 -8.45 5.15 1.13
C THR A 38 -9.23 6.01 2.11
N LYS A 39 -9.51 5.44 3.29
CA LYS A 39 -10.25 6.18 4.31
C LYS A 39 -9.41 7.29 4.93
N ILE A 40 -9.96 8.50 4.95
CA ILE A 40 -9.31 9.61 5.65
C ILE A 40 -10.22 9.98 6.83
N SER A 41 -9.74 10.79 7.78
CA SER A 41 -10.59 11.19 8.92
C SER A 41 -11.81 11.98 8.46
N GLY A 42 -12.89 11.87 9.22
CA GLY A 42 -14.07 12.63 8.90
C GLY A 42 -15.29 11.75 8.84
N SER A 43 -16.42 12.34 9.19
CA SER A 43 -17.69 11.67 9.11
C SER A 43 -18.55 12.54 8.19
N LEU A 44 -18.92 12.01 7.04
CA LEU A 44 -19.71 12.75 6.04
C LEU A 44 -20.70 11.81 5.37
N LYS A 45 -21.88 12.32 5.05
CA LYS A 45 -22.91 11.54 4.35
C LYS A 45 -22.89 11.84 2.85
N HIS A 46 -22.12 12.87 2.47
CA HIS A 46 -21.91 13.23 1.06
C HIS A 46 -20.57 13.95 0.94
N PHE A 47 -19.74 13.54 -0.02
CA PHE A 47 -18.40 14.11 -0.21
C PHE A 47 -18.21 14.37 -1.71
N SER A 48 -17.89 15.62 -2.04
CA SER A 48 -17.76 16.06 -3.42
C SER A 48 -16.37 16.62 -3.66
N VAL A 49 -15.89 16.50 -4.91
CA VAL A 49 -14.61 17.07 -5.29
C VAL A 49 -14.69 17.64 -6.70
N GLY A 50 -14.03 18.77 -6.90
CA GLY A 50 -13.99 19.42 -8.19
C GLY A 50 -13.21 20.72 -8.13
N PRO A 51 -13.38 21.57 -9.14
CA PRO A 51 -12.55 22.78 -9.19
C PRO A 51 -12.76 23.72 -8.00
N ALA A 52 -13.87 23.55 -7.27
CA ALA A 52 -14.16 24.37 -6.08
C ALA A 52 -13.60 23.79 -4.77
N GLY A 53 -12.99 22.61 -4.84
CA GLY A 53 -12.35 21.98 -3.68
C GLY A 53 -12.94 20.63 -3.30
N GLN A 54 -12.71 20.24 -2.05
CA GLN A 54 -13.22 19.01 -1.47
C GLN A 54 -14.23 19.41 -0.40
N LEU A 55 -15.50 19.19 -0.70
CA LEU A 55 -16.62 19.67 0.12
C LEU A 55 -17.51 18.53 0.53
N GLY A 56 -18.03 18.59 1.75
CA GLY A 56 -18.90 17.53 2.23
C GLY A 56 -19.88 18.03 3.26
N VAL A 57 -20.83 17.16 3.62
CA VAL A 57 -21.81 17.46 4.67
C VAL A 57 -22.00 16.25 5.57
N ASN A 58 -22.32 16.49 6.83
CA ASN A 58 -22.54 15.39 7.77
C ASN A 58 -24.01 15.19 8.07
N THR A 59 -24.31 14.24 8.96
CA THR A 59 -25.68 13.88 9.30
C THR A 59 -26.48 15.08 9.87
N ALA A 60 -25.80 15.95 10.60
CA ALA A 60 -26.37 17.17 11.15
C ALA A 60 -26.56 18.27 10.10
N ASN A 61 -26.17 17.97 8.86
CA ASN A 61 -26.17 18.94 7.75
C ASN A 61 -25.17 20.09 7.91
N ASN A 62 -24.17 19.91 8.76
CA ASN A 62 -23.06 20.86 8.79
C ASN A 62 -22.18 20.66 7.56
N ILE A 63 -21.60 21.75 7.08
CA ILE A 63 -20.79 21.76 5.85
C ILE A 63 -19.30 21.78 6.21
N PHE A 64 -18.51 20.97 5.50
CA PHE A 64 -17.08 20.87 5.74
C PHE A 64 -16.32 21.03 4.42
N LYS A 65 -15.18 21.72 4.50
CA LYS A 65 -14.29 21.86 3.37
C LYS A 65 -12.92 21.38 3.82
N TYR A 66 -12.27 20.55 3.01
CA TYR A 66 -10.91 20.17 3.31
C TYR A 66 -10.01 21.39 3.11
N GLN A 67 -9.34 21.84 4.18
CA GLN A 67 -8.38 22.94 4.07
C GLN A 67 -7.23 22.75 5.03
N SER A 68 -6.02 22.94 4.52
CA SER A 68 -4.84 23.10 5.36
C SER A 68 -4.63 21.92 6.28
N GLY A 69 -4.92 20.72 5.78
CA GLY A 69 -4.61 19.50 6.50
C GLY A 69 -5.76 18.71 7.08
N GLY A 70 -6.97 19.24 7.01
CA GLY A 70 -8.15 18.53 7.49
C GLY A 70 -9.43 19.24 7.15
N PHE A 71 -10.54 18.64 7.56
CA PHE A 71 -11.86 19.23 7.31
C PHE A 71 -12.09 20.40 8.27
N VAL A 72 -12.58 21.51 7.71
CA VAL A 72 -12.90 22.71 8.46
C VAL A 72 -14.39 22.96 8.30
N GLN A 73 -15.08 23.26 9.40
CA GLN A 73 -16.50 23.52 9.30
C GLN A 73 -16.79 24.91 8.74
N LEU A 74 -17.67 24.96 7.73
CA LEU A 74 -18.13 26.21 7.16
C LEU A 74 -19.40 26.69 7.87
N ALA A 75 -19.78 27.92 7.59
CA ALA A 75 -20.99 28.47 8.17
C ALA A 75 -22.13 28.12 7.20
N GLY A 76 -23.17 27.51 7.72
CA GLY A 76 -24.34 27.18 6.92
C GLY A 76 -24.75 25.74 7.07
N LEU A 77 -25.91 25.39 6.51
CA LEU A 77 -26.41 24.03 6.57
C LEU A 77 -26.80 23.53 5.17
N LEU A 78 -26.30 22.34 4.82
CA LEU A 78 -26.66 21.69 3.55
C LEU A 78 -26.81 20.19 3.77
N LYS A 79 -27.70 19.54 3.02
CA LYS A 79 -27.82 18.08 3.05
C LYS A 79 -27.07 17.45 1.88
N GLN A 80 -26.66 18.29 0.94
CA GLN A 80 -25.86 17.86 -0.20
C GLN A 80 -25.14 19.10 -0.73
N VAL A 81 -23.90 18.91 -1.16
CA VAL A 81 -23.04 19.97 -1.64
C VAL A 81 -22.24 19.46 -2.83
N ASP A 82 -21.98 20.32 -3.80
CA ASP A 82 -21.18 19.96 -4.95
C ASP A 82 -20.07 20.98 -5.22
N ALA A 83 -18.92 20.48 -5.65
CA ALA A 83 -17.73 21.30 -5.92
C ALA A 83 -17.30 21.31 -7.40
N GLY A 84 -18.20 20.91 -8.31
CA GLY A 84 -17.85 20.78 -9.72
C GLY A 84 -17.90 22.08 -10.51
N GLY A 85 -18.54 23.09 -9.93
CA GLY A 85 -18.63 24.41 -10.58
C GLY A 85 -17.30 25.14 -10.70
N ASP A 86 -17.33 26.30 -11.34
CA ASP A 86 -16.09 27.03 -11.58
C ASP A 86 -15.64 27.83 -10.35
N GLN A 87 -15.12 27.09 -9.37
CA GLN A 87 -14.69 27.61 -8.07
C GLN A 87 -15.86 28.11 -7.21
N ILE A 88 -17.09 27.79 -7.62
CA ILE A 88 -18.27 28.06 -6.79
C ILE A 88 -18.66 26.81 -6.01
N ILE A 89 -19.35 27.02 -4.89
CA ILE A 89 -19.97 25.94 -4.12
C ILE A 89 -21.45 25.96 -4.45
N ALA A 90 -22.08 24.80 -4.50
CA ALA A 90 -23.52 24.73 -4.71
C ALA A 90 -24.11 23.63 -3.85
N GLY A 91 -25.38 23.75 -3.47
CA GLY A 91 -26.03 22.67 -2.74
C GLY A 91 -27.46 22.94 -2.36
N VAL A 92 -28.02 22.03 -1.59
CA VAL A 92 -29.38 22.13 -1.11
C VAL A 92 -29.39 21.85 0.39
N ASN A 93 -30.33 22.45 1.11
CA ASN A 93 -30.47 22.18 2.53
C ASN A 93 -31.63 21.23 2.85
N MET A 94 -31.93 21.06 4.14
CA MET A 94 -32.93 20.10 4.62
C MET A 94 -34.36 20.43 4.20
N TYR A 95 -34.57 21.68 3.74
CA TYR A 95 -35.88 22.13 3.29
C TYR A 95 -35.96 22.19 1.76
N ASP A 96 -34.93 21.64 1.12
CA ASP A 96 -34.79 21.68 -0.35
C ASP A 96 -34.59 23.11 -0.88
N ASP A 97 -34.20 24.03 0.00
CA ASP A 97 -33.73 25.34 -0.45
C ASP A 97 -32.36 25.22 -1.10
N ILE A 98 -32.12 26.07 -2.09
CA ILE A 98 -30.96 25.94 -2.98
C ILE A 98 -30.01 27.09 -2.75
N TYR A 99 -28.73 26.76 -2.61
CA TYR A 99 -27.68 27.74 -2.33
C TYR A 99 -26.48 27.63 -3.27
N CYS A 100 -25.85 28.77 -3.53
CA CYS A 100 -24.52 28.77 -4.11
C CYS A 100 -23.65 29.82 -3.41
N LEU A 101 -22.34 29.65 -3.54
CA LEU A 101 -21.34 30.57 -3.01
C LEU A 101 -20.41 30.93 -4.13
N ASN A 102 -20.25 32.23 -4.37
CA ASN A 102 -19.40 32.71 -5.43
C ASN A 102 -17.91 32.47 -5.19
N MET A 103 -17.13 32.45 -6.27
CA MET A 103 -15.72 32.11 -6.24
C MET A 103 -14.93 32.96 -5.23
N ASP A 104 -15.13 34.27 -5.26
CA ASP A 104 -14.37 35.14 -4.37
C ASP A 104 -14.64 34.85 -2.90
N ALA A 105 -15.88 34.51 -2.58
CA ALA A 105 -16.27 34.11 -1.23
C ALA A 105 -15.69 32.73 -0.87
N ASN A 106 -15.77 31.78 -1.80
CA ASN A 106 -15.26 30.44 -1.57
C ASN A 106 -13.77 30.46 -1.23
N ASN A 107 -13.04 31.39 -1.83
CA ASN A 107 -11.59 31.44 -1.63
C ASN A 107 -11.10 32.35 -0.50
N LYS A 108 -12.04 32.98 0.21
CA LYS A 108 -11.71 33.90 1.30
C LYS A 108 -11.74 33.19 2.65
N TRP A 109 -10.61 33.19 3.36
CA TRP A 109 -10.55 32.57 4.69
C TRP A 109 -9.59 33.35 5.60
N PRO A 110 -10.01 33.62 6.85
CA PRO A 110 -11.30 33.30 7.48
C PRO A 110 -12.48 34.02 6.82
N SER A 111 -13.67 33.50 7.05
CA SER A 111 -14.91 34.05 6.48
C SER A 111 -15.93 34.22 7.60
N SER A 112 -15.96 35.39 8.22
CA SER A 112 -16.90 35.58 9.35
C SER A 112 -18.32 35.98 8.92
N ASN A 113 -18.50 36.32 7.64
CA ASN A 113 -19.79 36.77 7.10
C ASN A 113 -20.04 36.14 5.73
N THR A 114 -20.24 34.83 5.69
CA THR A 114 -20.24 34.06 4.44
C THR A 114 -21.45 34.39 3.54
N PRO A 115 -21.21 34.98 2.34
CA PRO A 115 -22.33 35.49 1.54
C PRO A 115 -22.99 34.44 0.64
N TRP A 116 -23.52 33.39 1.26
CA TRP A 116 -24.37 32.44 0.57
C TRP A 116 -25.47 33.15 -0.21
N VAL A 117 -25.78 32.63 -1.39
CA VAL A 117 -26.84 33.17 -2.24
C VAL A 117 -27.90 32.09 -2.31
N GLN A 118 -29.13 32.43 -1.91
CA GLN A 118 -30.25 31.51 -2.08
C GLN A 118 -30.91 31.67 -3.46
N LEU A 119 -31.01 30.55 -4.18
CA LEU A 119 -31.65 30.56 -5.49
C LEU A 119 -33.17 30.36 -5.36
N ASN A 120 -33.92 30.83 -6.34
CA ASN A 120 -35.38 30.72 -6.34
C ASN A 120 -35.80 29.31 -6.79
N GLY A 121 -36.35 28.53 -5.85
CA GLY A 121 -36.81 27.19 -6.20
C GLY A 121 -36.61 26.17 -5.10
N LYS A 122 -36.95 24.92 -5.41
CA LYS A 122 -36.76 23.82 -4.49
C LYS A 122 -36.07 22.67 -5.24
N LEU A 123 -34.95 22.17 -4.70
CA LEU A 123 -34.31 20.97 -5.22
C LEU A 123 -33.83 20.08 -4.06
N LYS A 124 -33.78 18.77 -4.28
CA LYS A 124 -33.17 17.85 -3.32
C LYS A 124 -31.72 17.48 -3.68
N TYR A 125 -31.27 17.89 -4.86
CA TYR A 125 -29.93 17.53 -5.31
C TYR A 125 -29.52 18.55 -6.35
N TYR A 126 -28.29 19.07 -6.23
CA TYR A 126 -27.82 20.13 -7.13
C TYR A 126 -26.33 20.02 -7.42
N SER A 127 -25.96 20.05 -8.71
CA SER A 127 -24.58 19.83 -9.13
C SER A 127 -24.18 20.85 -10.18
N CYS A 128 -22.93 21.31 -10.14
CA CYS A 128 -22.48 22.32 -11.09
C CYS A 128 -21.34 21.86 -11.97
N GLY A 129 -21.29 22.45 -13.17
CA GLY A 129 -20.22 22.26 -14.14
C GLY A 129 -19.73 23.61 -14.64
N PRO A 130 -19.06 23.64 -15.80
CA PRO A 130 -18.35 24.85 -16.23
C PRO A 130 -19.24 26.06 -16.52
N TYR A 131 -20.45 25.85 -17.03
CA TYR A 131 -21.30 26.99 -17.42
C TYR A 131 -22.77 26.85 -17.01
N SER A 132 -23.09 25.85 -16.20
CA SER A 132 -24.47 25.61 -15.82
C SER A 132 -24.48 24.73 -14.58
N CYS A 133 -25.63 24.65 -13.92
CA CYS A 133 -25.83 23.66 -12.85
C CYS A 133 -27.12 22.92 -13.11
N TRP A 134 -27.19 21.66 -12.68
CA TRP A 134 -28.39 20.85 -12.87
C TRP A 134 -28.82 20.29 -11.52
N GLY A 135 -30.12 20.11 -11.36
CA GLY A 135 -30.64 19.52 -10.13
C GLY A 135 -31.94 18.78 -10.32
N VAL A 136 -32.38 18.09 -9.28
CA VAL A 136 -33.68 17.44 -9.32
C VAL A 136 -34.43 17.81 -8.05
N ASN A 137 -35.75 17.89 -8.14
CA ASN A 137 -36.56 18.15 -6.95
C ASN A 137 -37.05 16.87 -6.29
N SER A 138 -37.85 17.00 -5.24
CA SER A 138 -38.30 15.84 -4.46
C SER A 138 -39.28 14.93 -5.24
N ASN A 139 -39.79 15.43 -6.36
CA ASN A 139 -40.60 14.60 -7.25
C ASN A 139 -39.83 14.11 -8.48
N ASP A 140 -38.50 14.20 -8.38
CA ASP A 140 -37.58 13.71 -9.40
C ASP A 140 -37.58 14.52 -10.70
N GLN A 141 -38.26 15.66 -10.69
CA GLN A 141 -38.27 16.57 -11.85
C GLN A 141 -36.92 17.25 -11.98
N ILE A 142 -36.51 17.49 -13.23
CA ILE A 142 -35.14 17.88 -13.52
C ILE A 142 -35.10 19.33 -13.99
N PHE A 143 -34.08 20.06 -13.53
CA PHE A 143 -33.96 21.48 -13.81
C PHE A 143 -32.52 21.85 -14.15
N ILE A 144 -32.38 22.87 -14.99
CA ILE A 144 -31.08 23.43 -15.28
C ILE A 144 -31.09 24.93 -14.93
N MET A 145 -29.99 25.40 -14.33
CA MET A 145 -29.72 26.84 -14.26
C MET A 145 -28.67 27.16 -15.30
N LYS A 146 -29.02 28.02 -16.25
CA LYS A 146 -28.12 28.43 -17.32
C LYS A 146 -27.31 29.67 -16.93
N ASP A 147 -26.25 29.94 -17.68
CA ASP A 147 -25.46 31.19 -17.54
C ASP A 147 -24.80 31.34 -16.16
N VAL A 148 -24.47 30.22 -15.54
CA VAL A 148 -23.74 30.21 -14.27
C VAL A 148 -22.29 30.58 -14.53
N SER A 149 -21.75 31.49 -13.70
CA SER A 149 -20.34 31.81 -13.79
C SER A 149 -19.76 32.02 -12.39
N SER A 150 -18.45 32.10 -12.35
CA SER A 150 -17.66 32.13 -11.12
C SER A 150 -18.14 33.14 -10.10
N ASN A 151 -18.49 34.34 -10.56
CA ASN A 151 -18.97 35.33 -9.61
C ASN A 151 -20.41 35.77 -9.85
N VAL A 152 -21.13 34.97 -10.64
CA VAL A 152 -22.59 35.01 -10.72
C VAL A 152 -23.07 33.57 -10.60
N CYS A 153 -22.89 32.99 -9.41
CA CYS A 153 -23.18 31.57 -9.24
C CYS A 153 -24.67 31.28 -9.43
N SER A 154 -25.51 32.29 -9.23
CA SER A 154 -26.96 32.14 -9.43
C SER A 154 -27.38 32.16 -10.91
N GLY A 155 -26.43 32.41 -11.81
CA GLY A 155 -26.69 32.31 -13.25
C GLY A 155 -27.78 33.25 -13.72
N SER A 156 -28.69 32.75 -14.55
CA SER A 156 -29.79 33.58 -15.08
C SER A 156 -30.80 33.92 -13.97
N GLY A 157 -30.83 33.10 -12.93
CA GLY A 157 -31.77 33.26 -11.83
C GLY A 157 -33.07 32.49 -12.01
N SER A 158 -33.29 31.94 -13.20
CA SER A 158 -34.54 31.23 -13.50
C SER A 158 -34.29 29.79 -13.93
N PHE A 159 -34.67 28.85 -13.07
CA PHE A 159 -34.56 27.42 -13.41
C PHE A 159 -35.47 27.05 -14.57
N ILE A 160 -34.94 26.21 -15.47
CA ILE A 160 -35.70 25.68 -16.58
C ILE A 160 -35.89 24.18 -16.40
N ASN A 161 -37.13 23.73 -16.49
CA ASN A 161 -37.48 22.32 -16.36
C ASN A 161 -37.10 21.55 -17.63
N ILE A 162 -36.42 20.43 -17.44
CA ILE A 162 -35.99 19.58 -18.55
C ILE A 162 -36.80 18.30 -18.42
N PRO A 163 -37.48 17.86 -19.49
CA PRO A 163 -38.32 16.66 -19.34
C PRO A 163 -37.56 15.42 -18.86
N GLY A 164 -38.21 14.60 -18.06
CA GLY A 164 -37.62 13.37 -17.54
C GLY A 164 -37.70 13.27 -16.03
N LEU A 165 -37.25 12.15 -15.49
CA LEU A 165 -37.20 11.98 -14.04
C LEU A 165 -35.86 11.40 -13.64
N LEU A 166 -35.23 11.99 -12.64
CA LEU A 166 -33.97 11.48 -12.07
C LEU A 166 -33.96 11.71 -10.56
N SER A 167 -33.23 10.87 -9.82
CA SER A 167 -33.11 11.00 -8.36
C SER A 167 -31.87 11.75 -7.95
N MET A 168 -30.84 11.69 -8.79
CA MET A 168 -29.65 12.50 -8.62
C MET A 168 -29.05 12.76 -10.00
N ILE A 169 -28.14 13.72 -10.06
CA ILE A 169 -27.60 14.20 -11.34
C ILE A 169 -26.27 14.88 -11.08
N GLU A 170 -25.30 14.67 -11.96
CA GLU A 170 -23.97 15.25 -11.77
C GLU A 170 -23.48 15.85 -13.07
N VAL A 171 -22.81 16.97 -12.96
CA VAL A 171 -22.28 17.69 -14.13
C VAL A 171 -20.77 17.68 -14.06
N ALA A 172 -20.11 17.30 -15.17
CA ALA A 172 -18.66 17.11 -15.20
C ALA A 172 -17.92 18.37 -15.67
N THR A 173 -16.60 18.41 -15.46
CA THR A 173 -15.82 19.59 -15.83
C THR A 173 -15.78 19.81 -17.35
N ASP A 174 -16.02 18.76 -18.15
CA ASP A 174 -16.13 18.93 -19.59
C ASP A 174 -17.58 19.15 -20.04
N GLY A 175 -18.49 19.33 -19.07
CA GLY A 175 -19.89 19.60 -19.38
C GLY A 175 -20.81 18.39 -19.48
N SER A 176 -20.26 17.18 -19.36
CA SER A 176 -21.05 15.95 -19.45
C SER A 176 -22.06 15.89 -18.29
N VAL A 177 -23.24 15.36 -18.59
CA VAL A 177 -24.32 15.27 -17.60
C VAL A 177 -24.79 13.83 -17.52
N PHE A 178 -24.74 13.26 -16.31
CA PHE A 178 -25.25 11.90 -16.08
C PHE A 178 -26.16 11.89 -14.88
N GLY A 179 -27.10 10.95 -14.83
CA GLY A 179 -27.96 10.81 -13.65
C GLY A 179 -28.52 9.40 -13.46
N VAL A 180 -29.09 9.14 -12.30
CA VAL A 180 -29.67 7.84 -11.97
C VAL A 180 -31.09 8.14 -11.52
N ASN A 181 -32.04 7.34 -12.01
CA ASN A 181 -33.43 7.53 -11.62
C ASN A 181 -33.83 6.64 -10.43
N SER A 182 -35.04 6.84 -9.92
CA SER A 182 -35.49 6.09 -8.72
C SER A 182 -35.58 4.58 -8.94
N GLN A 183 -35.69 4.14 -10.20
CA GLN A 183 -35.71 2.71 -10.53
C GLN A 183 -34.30 2.13 -10.68
N GLY A 184 -33.29 2.98 -10.53
CA GLY A 184 -31.91 2.51 -10.60
C GLY A 184 -31.35 2.46 -12.01
N ASN A 185 -32.02 3.12 -12.95
CA ASN A 185 -31.49 3.23 -14.33
C ASN A 185 -30.55 4.40 -14.47
N LEU A 186 -29.65 4.33 -15.44
CA LEU A 186 -28.58 5.31 -15.65
C LEU A 186 -28.78 5.99 -16.99
N TYR A 187 -28.69 7.32 -17.00
CA TYR A 187 -28.84 8.15 -18.20
C TYR A 187 -27.71 9.14 -18.42
N GLN A 188 -27.43 9.42 -19.68
CA GLN A 188 -26.58 10.54 -20.05
C GLN A 188 -27.43 11.55 -20.83
N ARG A 189 -27.19 12.84 -20.63
CA ARG A 189 -27.81 13.87 -21.48
C ARG A 189 -27.03 14.02 -22.79
N THR A 190 -27.73 13.97 -23.92
CA THR A 190 -27.04 14.14 -25.21
C THR A 190 -27.28 15.56 -25.73
N GLY A 191 -26.46 15.97 -26.70
CA GLY A 191 -26.61 17.29 -27.33
C GLY A 191 -26.22 18.50 -26.49
N VAL A 192 -25.49 18.27 -25.39
CA VAL A 192 -25.10 19.37 -24.49
C VAL A 192 -23.90 20.13 -25.05
N THR A 193 -24.05 21.45 -25.20
CA THR A 193 -22.97 22.32 -25.60
C THR A 193 -23.17 23.64 -24.88
N ARG A 194 -22.17 24.51 -24.93
CA ARG A 194 -22.28 25.85 -24.36
C ARG A 194 -23.46 26.62 -24.98
N SER A 195 -23.66 26.43 -26.28
CA SER A 195 -24.78 27.06 -27.00
C SER A 195 -26.13 26.46 -26.64
N LYS A 196 -26.13 25.15 -26.33
CA LYS A 196 -27.35 24.38 -26.01
C LYS A 196 -27.10 23.67 -24.67
N PRO A 197 -27.06 24.46 -23.57
CA PRO A 197 -26.64 23.86 -22.30
C PRO A 197 -27.61 22.81 -21.78
N ASP A 198 -28.88 22.92 -22.16
CA ASP A 198 -29.90 21.96 -21.75
C ASP A 198 -29.84 20.66 -22.55
N GLY A 199 -29.06 20.66 -23.62
CA GLY A 199 -28.98 19.45 -24.44
C GLY A 199 -30.29 19.11 -25.11
N THR A 200 -30.38 17.90 -25.65
CA THR A 200 -31.51 17.56 -26.50
C THR A 200 -32.30 16.29 -26.08
N ASP A 201 -31.64 15.33 -25.45
CA ASP A 201 -32.32 14.08 -25.09
C ASP A 201 -31.56 13.30 -24.03
N TRP A 202 -32.17 12.21 -23.56
CA TRP A 202 -31.53 11.29 -22.63
C TRP A 202 -31.24 9.98 -23.33
N ILE A 203 -30.09 9.39 -23.03
CA ILE A 203 -29.77 8.04 -23.51
C ILE A 203 -29.46 7.14 -22.31
N SER A 204 -30.05 5.95 -22.29
CA SER A 204 -29.80 5.00 -21.20
C SER A 204 -28.52 4.19 -21.44
N MET A 205 -27.88 3.79 -20.35
CA MET A 205 -26.69 2.93 -20.40
C MET A 205 -26.74 2.00 -19.20
N VAL A 206 -26.00 0.91 -19.27
CA VAL A 206 -25.95 -0.06 -18.16
C VAL A 206 -24.51 -0.36 -17.77
N ALA A 207 -24.16 0.02 -16.54
CA ALA A 207 -22.86 -0.32 -15.93
C ALA A 207 -23.04 -1.36 -14.82
N CYS A 208 -24.13 -1.22 -14.07
CA CYS A 208 -24.46 -2.11 -12.96
C CYS A 208 -25.61 -3.03 -13.38
N PRO A 209 -25.33 -4.34 -13.53
CA PRO A 209 -26.37 -5.27 -13.97
C PRO A 209 -27.53 -5.44 -12.98
N ASN A 210 -27.33 -5.06 -11.72
CA ASN A 210 -28.39 -5.16 -10.73
C ASN A 210 -28.96 -3.81 -10.27
N GLY A 211 -28.65 -2.74 -11.00
CA GLY A 211 -29.21 -1.43 -10.69
C GLY A 211 -28.16 -0.48 -10.19
N HIS A 212 -28.31 0.79 -10.58
CA HIS A 212 -27.38 1.85 -10.24
C HIS A 212 -27.89 2.66 -9.06
N LYS A 213 -26.96 3.15 -8.24
CA LYS A 213 -27.31 3.97 -7.07
C LYS A 213 -26.82 5.41 -7.21
N HIS A 214 -25.61 5.58 -7.72
CA HIS A 214 -24.99 6.91 -7.79
C HIS A 214 -24.03 6.97 -8.95
N VAL A 215 -23.87 8.16 -9.53
CA VAL A 215 -22.99 8.31 -10.68
C VAL A 215 -22.20 9.61 -10.62
N SER A 216 -20.97 9.60 -11.13
CA SER A 216 -20.23 10.83 -11.36
C SER A 216 -19.25 10.58 -12.50
N PHE A 217 -18.84 11.64 -13.17
CA PHE A 217 -17.95 11.50 -14.32
C PHE A 217 -16.83 12.52 -14.27
N ASP A 218 -15.61 12.10 -14.59
CA ASP A 218 -14.50 13.04 -14.69
C ASP A 218 -13.44 12.53 -15.65
N LEU A 219 -13.00 13.40 -16.54
CA LEU A 219 -11.85 13.13 -17.42
C LEU A 219 -11.95 11.77 -18.10
N GLY A 220 -13.07 11.55 -18.78
CA GLY A 220 -13.21 10.36 -19.63
C GLY A 220 -13.54 9.08 -18.88
N VAL A 221 -13.81 9.20 -17.58
CA VAL A 221 -14.10 8.03 -16.77
C VAL A 221 -15.42 8.21 -16.03
N LEU A 222 -16.30 7.23 -16.21
CA LEU A 222 -17.60 7.22 -15.55
C LEU A 222 -17.53 6.31 -14.32
N TRP A 223 -17.96 6.84 -13.17
CA TRP A 223 -17.91 6.12 -11.89
C TRP A 223 -19.31 5.83 -11.41
N LEU A 224 -19.56 4.57 -11.07
CA LEU A 224 -20.85 4.15 -10.53
C LEU A 224 -20.72 3.54 -9.15
N VAL A 225 -21.68 3.89 -8.30
CA VAL A 225 -21.97 3.05 -7.14
C VAL A 225 -23.22 2.25 -7.53
N CYS A 226 -23.15 0.92 -7.39
CA CYS A 226 -24.28 0.05 -7.72
C CYS A 226 -25.17 -0.09 -6.49
N VAL A 227 -26.36 -0.67 -6.67
CA VAL A 227 -27.33 -0.84 -5.56
C VAL A 227 -26.73 -1.51 -4.32
N ASP A 228 -25.79 -2.43 -4.51
CA ASP A 228 -25.15 -3.13 -3.40
C ASP A 228 -23.94 -2.38 -2.81
N GLY A 229 -23.67 -1.16 -3.30
CA GLY A 229 -22.54 -0.39 -2.79
C GLY A 229 -21.22 -0.64 -3.52
N SER A 230 -21.20 -1.66 -4.39
CA SER A 230 -20.01 -1.93 -5.19
C SER A 230 -19.79 -0.82 -6.24
N ILE A 231 -18.58 -0.75 -6.76
CA ILE A 231 -18.14 0.37 -7.57
C ILE A 231 -17.79 -0.13 -8.97
N ARG A 232 -18.22 0.62 -9.98
CA ARG A 232 -17.80 0.35 -11.38
C ARG A 232 -17.03 1.55 -11.90
N LYS A 233 -16.04 1.27 -12.73
CA LYS A 233 -15.28 2.30 -13.44
C LYS A 233 -15.42 1.98 -14.92
N CYS A 234 -15.94 2.94 -15.69
CA CYS A 234 -16.29 2.68 -17.07
C CYS A 234 -15.71 3.71 -18.02
N ILE A 235 -15.56 3.29 -19.27
CA ILE A 235 -15.10 4.17 -20.33
C ILE A 235 -16.10 4.02 -21.47
N LEU A 236 -16.65 5.15 -21.92
CA LEU A 236 -17.61 5.15 -23.03
C LEU A 236 -16.92 4.89 -24.38
N THR A 237 -17.67 4.31 -25.32
CA THR A 237 -17.18 4.03 -26.68
C THR A 237 -16.60 5.27 -27.39
N LEU B 1 3.80 36.97 12.26
CA LEU B 1 3.38 35.58 11.96
C LEU B 1 3.46 34.68 13.20
N ASP B 2 2.33 34.05 13.52
CA ASP B 2 2.30 33.01 14.53
C ASP B 2 2.30 31.67 13.80
N CYS B 3 3.38 30.92 13.97
CA CYS B 3 3.58 29.69 13.21
C CYS B 3 3.68 28.48 14.12
N THR B 4 3.33 27.33 13.58
CA THR B 4 3.62 26.08 14.26
C THR B 4 4.53 25.26 13.35
N VAL B 5 5.22 24.29 13.95
CA VAL B 5 6.05 23.38 13.19
C VAL B 5 5.19 22.18 12.79
N ILE B 6 5.25 21.81 11.52
CA ILE B 6 4.62 20.58 11.04
C ILE B 6 5.72 19.57 10.76
N ASP B 7 5.57 18.35 11.27
CA ASP B 7 6.61 17.35 11.11
C ASP B 7 6.84 16.98 9.66
N GLY B 8 8.09 16.66 9.35
CA GLY B 8 8.45 16.26 8.00
C GLY B 8 9.62 17.05 7.46
N ASN B 9 9.99 16.75 6.21
CA ASN B 9 11.06 17.45 5.52
C ASN B 9 10.72 17.51 4.04
N LEU B 10 10.80 18.72 3.49
CA LEU B 10 10.48 18.95 2.08
C LEU B 10 11.50 19.91 1.46
N LYS B 11 11.52 19.96 0.12
CA LYS B 11 12.27 21.02 -0.58
C LYS B 11 11.33 22.02 -1.25
N GLN B 12 10.07 21.62 -1.43
CA GLN B 12 9.06 22.39 -2.16
C GLN B 12 7.68 22.06 -1.61
N ILE B 13 6.82 23.09 -1.54
CA ILE B 13 5.47 22.96 -0.99
C ILE B 13 4.54 23.83 -1.83
N ASP B 14 3.33 23.35 -2.07
CA ASP B 14 2.32 24.15 -2.75
C ASP B 14 0.97 23.91 -2.10
N ALA B 15 0.23 24.99 -1.91
CA ALA B 15 -1.10 24.93 -1.30
C ALA B 15 -2.11 25.58 -2.22
N GLY B 16 -3.29 24.98 -2.33
CA GLY B 16 -4.31 25.46 -3.24
C GLY B 16 -5.52 24.55 -3.19
N SER B 17 -6.70 25.15 -3.32
CA SER B 17 -7.98 24.43 -3.35
C SER B 17 -8.22 23.63 -2.07
N GLY B 18 -7.64 24.08 -0.97
CA GLY B 18 -7.76 23.35 0.31
C GLY B 18 -6.76 22.23 0.51
N SER B 19 -5.97 21.95 -0.53
CA SER B 19 -4.94 20.90 -0.44
C SER B 19 -3.57 21.48 -0.13
N VAL B 20 -2.68 20.62 0.35
CA VAL B 20 -1.29 21.01 0.57
C VAL B 20 -0.44 19.84 0.13
N VAL B 21 0.45 20.07 -0.82
CA VAL B 21 1.31 19.00 -1.36
C VAL B 21 2.76 19.46 -1.41
N GLY B 22 3.67 18.53 -1.66
CA GLY B 22 5.06 18.92 -1.81
C GLY B 22 5.93 17.72 -2.12
N VAL B 23 7.22 18.00 -2.28
CA VAL B 23 8.20 16.94 -2.52
C VAL B 23 9.40 17.15 -1.60
N ASN B 24 10.10 16.06 -1.30
CA ASN B 24 11.36 16.14 -0.56
C ASN B 24 12.60 16.05 -1.47
N ASN B 25 13.79 16.05 -0.87
CA ASN B 25 15.03 16.01 -1.65
C ASN B 25 15.24 14.73 -2.47
N LEU B 26 14.56 13.65 -2.08
CA LEU B 26 14.61 12.39 -2.79
C LEU B 26 13.53 12.32 -3.89
N ASN B 27 12.77 13.41 -4.04
CA ASN B 27 11.68 13.51 -5.02
C ASN B 27 10.53 12.58 -4.75
N GLU B 28 10.39 12.21 -3.48
CA GLU B 28 9.20 11.56 -3.00
C GLU B 28 8.10 12.61 -2.92
N THR B 29 6.87 12.18 -3.20
CA THR B 29 5.72 13.05 -3.37
C THR B 29 4.77 12.92 -2.17
N PHE B 30 4.31 14.05 -1.64
CA PHE B 30 3.54 14.05 -0.40
C PHE B 30 2.25 14.85 -0.53
N VAL B 31 1.23 14.38 0.20
CA VAL B 31 -0.02 15.11 0.34
C VAL B 31 -0.29 15.23 1.83
N LEU B 32 -0.71 16.41 2.27
CA LEU B 32 -1.03 16.61 3.67
C LEU B 32 -2.39 16.00 3.94
N ILE B 33 -2.38 14.88 4.66
CA ILE B 33 -3.61 14.16 4.95
C ILE B 33 -3.77 14.05 6.46
N ASP B 34 -4.87 14.62 6.97
CA ASP B 34 -5.12 14.66 8.41
C ASP B 34 -3.87 15.13 9.16
N ASN B 35 -3.31 16.25 8.70
CA ASN B 35 -2.21 16.96 9.36
C ASN B 35 -0.89 16.20 9.35
N VAL B 36 -0.77 15.18 8.50
CA VAL B 36 0.47 14.43 8.31
C VAL B 36 0.87 14.41 6.84
N PHE B 37 2.09 14.84 6.54
CA PHE B 37 2.59 14.70 5.17
C PHE B 37 2.74 13.23 4.81
N THR B 38 1.94 12.81 3.84
CA THR B 38 1.75 11.41 3.53
C THR B 38 2.30 11.13 2.14
N LYS B 39 3.23 10.19 2.03
CA LYS B 39 3.81 9.83 0.74
C LYS B 39 2.77 9.13 -0.15
N ILE B 40 2.71 9.55 -1.42
CA ILE B 40 1.91 8.87 -2.44
C ILE B 40 2.85 8.42 -3.57
N SER B 41 2.37 7.55 -4.46
CA SER B 41 3.22 7.06 -5.56
C SER B 41 3.69 8.20 -6.44
N GLY B 42 4.94 8.11 -6.88
CA GLY B 42 5.46 9.09 -7.81
C GLY B 42 6.85 9.56 -7.47
N SER B 43 7.52 10.10 -8.48
CA SER B 43 8.80 10.73 -8.30
C SER B 43 8.70 12.07 -9.02
N LEU B 44 8.71 13.15 -8.24
CA LEU B 44 8.54 14.50 -8.78
C LEU B 44 9.49 15.46 -8.11
N LYS B 45 10.02 16.41 -8.88
CA LYS B 45 10.86 17.48 -8.31
C LYS B 45 10.04 18.73 -7.95
N HIS B 46 8.80 18.78 -8.41
CA HIS B 46 7.90 19.88 -8.11
C HIS B 46 6.47 19.38 -8.19
N PHE B 47 5.69 19.64 -7.16
CA PHE B 47 4.30 19.18 -7.10
C PHE B 47 3.41 20.35 -6.72
N SER B 48 2.37 20.58 -7.53
CA SER B 48 1.48 21.72 -7.36
C SER B 48 0.02 21.26 -7.25
N VAL B 49 -0.77 22.01 -6.52
CA VAL B 49 -2.20 21.72 -6.43
C VAL B 49 -2.99 23.03 -6.41
N GLY B 50 -4.15 23.01 -7.06
CA GLY B 50 -5.00 24.19 -7.12
C GLY B 50 -6.21 23.90 -7.97
N PRO B 51 -6.93 24.96 -8.38
CA PRO B 51 -8.19 24.70 -9.08
C PRO B 51 -8.05 24.01 -10.42
N ALA B 52 -6.83 23.95 -10.97
CA ALA B 52 -6.57 23.24 -12.22
C ALA B 52 -6.19 21.76 -12.02
N GLY B 53 -6.13 21.32 -10.77
CA GLY B 53 -5.81 19.91 -10.46
C GLY B 53 -4.51 19.71 -9.72
N GLN B 54 -4.00 18.48 -9.77
CA GLN B 54 -2.74 18.12 -9.12
C GLN B 54 -1.72 17.82 -10.21
N LEU B 55 -0.73 18.71 -10.32
CA LEU B 55 0.21 18.68 -11.43
C LEU B 55 1.63 18.64 -10.90
N GLY B 56 2.46 17.81 -11.53
CA GLY B 56 3.86 17.75 -11.17
C GLY B 56 4.78 17.49 -12.34
N VAL B 57 6.07 17.73 -12.11
CA VAL B 57 7.09 17.36 -13.08
C VAL B 57 8.17 16.53 -12.40
N ASN B 58 8.77 15.61 -13.17
CA ASN B 58 9.87 14.80 -12.65
C ASN B 58 11.22 15.38 -13.08
N THR B 59 12.30 14.73 -12.68
CA THR B 59 13.64 15.26 -12.97
C THR B 59 13.90 15.40 -14.48
N ALA B 60 13.32 14.48 -15.25
CA ALA B 60 13.43 14.46 -16.71
C ALA B 60 12.53 15.51 -17.38
N ASN B 61 11.84 16.30 -16.56
CA ASN B 61 10.90 17.34 -17.02
C ASN B 61 9.61 16.80 -17.68
N ASN B 62 9.35 15.50 -17.52
CA ASN B 62 8.04 14.97 -17.93
C ASN B 62 6.96 15.55 -17.01
N ILE B 63 5.76 15.73 -17.57
CA ILE B 63 4.66 16.39 -16.85
C ILE B 63 3.60 15.36 -16.48
N PHE B 64 3.13 15.41 -15.24
CA PHE B 64 2.15 14.47 -14.74
C PHE B 64 0.96 15.18 -14.13
N LYS B 65 -0.21 14.63 -14.40
CA LYS B 65 -1.47 15.10 -13.81
C LYS B 65 -2.15 13.95 -13.09
N TYR B 66 -2.55 14.18 -11.86
CA TYR B 66 -3.25 13.14 -11.10
C TYR B 66 -4.66 13.08 -11.64
N GLN B 67 -5.06 11.91 -12.14
CA GLN B 67 -6.43 11.73 -12.61
C GLN B 67 -6.89 10.31 -12.47
N SER B 68 -8.11 10.14 -11.98
CA SER B 68 -8.75 8.83 -11.93
C SER B 68 -7.91 7.78 -11.21
N GLY B 69 -7.22 8.19 -10.14
CA GLY B 69 -6.52 7.22 -9.31
C GLY B 69 -5.00 7.26 -9.33
N GLY B 70 -4.41 8.06 -10.21
CA GLY B 70 -2.95 8.09 -10.30
C GLY B 70 -2.43 9.11 -11.28
N PHE B 71 -1.12 9.36 -11.24
CA PHE B 71 -0.48 10.25 -12.18
C PHE B 71 -0.51 9.69 -13.59
N VAL B 72 -0.89 10.54 -14.53
CA VAL B 72 -0.90 10.23 -15.93
C VAL B 72 -0.01 11.26 -16.61
N GLN B 73 0.90 10.82 -17.49
CA GLN B 73 1.77 11.75 -18.20
C GLN B 73 1.01 12.62 -19.21
N LEU B 74 1.23 13.93 -19.14
CA LEU B 74 0.76 14.83 -20.18
C LEU B 74 1.91 15.08 -21.15
N ALA B 75 1.59 15.26 -22.42
CA ALA B 75 2.62 15.50 -23.43
C ALA B 75 3.31 16.83 -23.17
N GLY B 76 4.64 16.84 -23.27
CA GLY B 76 5.41 18.06 -23.14
C GLY B 76 6.54 17.96 -22.13
N LEU B 77 7.26 19.06 -21.97
CA LEU B 77 8.38 19.13 -21.04
C LEU B 77 8.36 20.45 -20.27
N LEU B 78 8.41 20.36 -18.95
CA LEU B 78 8.50 21.53 -18.07
C LEU B 78 9.37 21.20 -16.88
N LYS B 79 10.07 22.21 -16.34
CA LYS B 79 10.88 22.02 -15.12
C LYS B 79 10.13 22.47 -13.86
N GLN B 80 9.01 23.18 -14.05
CA GLN B 80 8.18 23.65 -12.96
C GLN B 80 6.79 23.87 -13.54
N VAL B 81 5.76 23.58 -12.74
CA VAL B 81 4.38 23.65 -13.20
C VAL B 81 3.52 24.12 -12.05
N ASP B 82 2.48 24.89 -12.36
CA ASP B 82 1.55 25.38 -11.35
C ASP B 82 0.10 25.19 -11.74
N ALA B 83 -0.72 24.82 -10.77
CA ALA B 83 -2.13 24.52 -10.98
C ALA B 83 -3.02 25.52 -10.24
N GLY B 84 -2.47 26.69 -9.90
CA GLY B 84 -3.20 27.71 -9.14
C GLY B 84 -4.20 28.55 -9.92
N GLY B 85 -4.07 28.54 -11.24
CA GLY B 85 -4.91 29.32 -12.11
C GLY B 85 -6.32 28.80 -12.24
N ASP B 86 -7.13 29.52 -12.99
CA ASP B 86 -8.55 29.23 -13.06
C ASP B 86 -8.82 28.10 -14.07
N GLN B 87 -8.45 26.89 -13.64
CA GLN B 87 -8.57 25.67 -14.41
C GLN B 87 -7.58 25.65 -15.58
N ILE B 88 -6.61 26.57 -15.55
CA ILE B 88 -5.49 26.57 -16.52
C ILE B 88 -4.24 26.00 -15.85
N ILE B 89 -3.33 25.46 -16.66
CA ILE B 89 -2.03 25.01 -16.17
C ILE B 89 -0.96 25.95 -16.69
N ALA B 90 0.06 26.25 -15.89
CA ALA B 90 1.14 27.13 -16.34
C ALA B 90 2.47 26.58 -15.90
N GLY B 91 3.52 26.89 -16.65
CA GLY B 91 4.84 26.45 -16.26
C GLY B 91 5.93 26.96 -17.14
N VAL B 92 7.14 26.52 -16.83
CA VAL B 92 8.33 26.90 -17.61
C VAL B 92 9.16 25.66 -17.88
N ASN B 93 9.92 25.70 -18.97
CA ASN B 93 10.77 24.57 -19.33
C ASN B 93 12.25 24.82 -19.01
N MET B 94 13.11 23.88 -19.39
CA MET B 94 14.53 23.98 -19.03
C MET B 94 15.25 25.18 -19.67
N TYR B 95 14.63 25.78 -20.69
CA TYR B 95 15.20 26.95 -21.38
C TYR B 95 14.54 28.26 -20.92
N ASP B 96 13.80 28.18 -19.82
CA ASP B 96 13.03 29.30 -19.26
C ASP B 96 11.93 29.82 -20.20
N ASP B 97 11.53 29.01 -21.18
CA ASP B 97 10.35 29.34 -21.98
C ASP B 97 9.10 29.04 -21.19
N ILE B 98 8.06 29.82 -21.48
CA ILE B 98 6.87 29.90 -20.64
C ILE B 98 5.65 29.35 -21.39
N TYR B 99 4.88 28.48 -20.75
CA TYR B 99 3.75 27.82 -21.40
C TYR B 99 2.52 27.80 -20.52
N CYS B 100 1.34 27.80 -21.14
CA CYS B 100 0.13 27.56 -20.39
C CYS B 100 -0.82 26.68 -21.18
N LEU B 101 -1.71 25.98 -20.48
CA LEU B 101 -2.74 25.20 -21.13
C LEU B 101 -4.09 25.75 -20.70
N ASN B 102 -4.95 25.99 -21.69
CA ASN B 102 -6.26 26.54 -21.43
C ASN B 102 -7.22 25.52 -20.81
N MET B 103 -8.23 26.03 -20.13
CA MET B 103 -9.20 25.19 -19.44
C MET B 103 -9.85 24.13 -20.34
N ASP B 104 -10.25 24.53 -21.55
CA ASP B 104 -10.94 23.58 -22.43
C ASP B 104 -10.05 22.40 -22.78
N ALA B 105 -8.75 22.65 -22.93
CA ALA B 105 -7.80 21.55 -23.19
C ALA B 105 -7.50 20.75 -21.92
N ASN B 106 -7.36 21.45 -20.79
CA ASN B 106 -7.09 20.79 -19.49
C ASN B 106 -8.17 19.74 -19.17
N ASN B 107 -9.43 20.07 -19.48
CA ASN B 107 -10.55 19.23 -19.11
C ASN B 107 -10.97 18.25 -20.19
N LYS B 108 -10.22 18.17 -21.28
CA LYS B 108 -10.53 17.22 -22.36
C LYS B 108 -9.78 15.89 -22.16
N TRP B 109 -10.53 14.80 -22.06
CA TRP B 109 -9.95 13.45 -21.98
C TRP B 109 -10.92 12.42 -22.55
N PRO B 110 -10.45 11.50 -23.41
CA PRO B 110 -9.06 11.37 -23.88
C PRO B 110 -8.61 12.54 -24.74
N SER B 111 -7.30 12.68 -24.89
CA SER B 111 -6.72 13.71 -25.73
C SER B 111 -5.58 13.15 -26.60
N SER B 112 -5.57 13.50 -27.87
CA SER B 112 -4.48 13.09 -28.77
C SER B 112 -3.45 14.19 -28.95
N ASN B 113 -3.51 15.19 -28.08
CA ASN B 113 -2.73 16.41 -28.15
C ASN B 113 -2.83 17.16 -26.81
N THR B 114 -1.76 17.84 -26.41
CA THR B 114 -1.82 18.82 -25.32
C THR B 114 -1.37 20.19 -25.88
N PRO B 115 -2.34 21.02 -26.32
CA PRO B 115 -2.06 22.26 -27.07
C PRO B 115 -1.50 23.42 -26.22
N TRP B 116 -0.30 23.23 -25.68
CA TRP B 116 0.38 24.28 -24.92
C TRP B 116 0.48 25.56 -25.73
N VAL B 117 0.22 26.68 -25.06
CA VAL B 117 0.43 28.02 -25.63
C VAL B 117 1.75 28.57 -25.08
N GLN B 118 2.64 29.04 -25.95
CA GLN B 118 3.85 29.71 -25.46
C GLN B 118 3.60 31.19 -25.20
N LEU B 119 4.07 31.67 -24.04
CA LEU B 119 4.01 33.10 -23.72
C LEU B 119 5.33 33.77 -24.09
N ASN B 120 5.27 35.03 -24.51
CA ASN B 120 6.49 35.72 -24.91
C ASN B 120 7.28 36.21 -23.70
N GLY B 121 8.46 35.61 -23.50
CA GLY B 121 9.36 36.01 -22.42
C GLY B 121 10.21 34.87 -21.90
N LYS B 122 10.94 35.12 -20.81
CA LYS B 122 11.75 34.10 -20.14
C LYS B 122 11.52 34.14 -18.62
N LEU B 123 11.19 32.99 -18.04
CA LEU B 123 11.00 32.86 -16.60
C LEU B 123 11.52 31.52 -16.13
N LYS B 124 12.05 31.48 -14.90
CA LYS B 124 12.50 30.24 -14.28
C LYS B 124 11.44 29.66 -13.34
N TYR B 125 10.40 30.46 -13.05
CA TYR B 125 9.36 30.07 -12.11
C TYR B 125 8.10 30.87 -12.43
N TYR B 126 6.95 30.19 -12.50
CA TYR B 126 5.70 30.82 -12.93
C TYR B 126 4.53 30.23 -12.17
N SER B 127 3.70 31.10 -11.58
CA SER B 127 2.58 30.69 -10.72
C SER B 127 1.34 31.50 -11.08
N CYS B 128 0.18 30.85 -11.10
CA CYS B 128 -1.06 31.54 -11.48
C CYS B 128 -2.09 31.62 -10.36
N GLY B 129 -2.88 32.68 -10.42
CA GLY B 129 -4.03 32.87 -9.52
C GLY B 129 -5.30 33.11 -10.33
N PRO B 130 -6.34 33.68 -9.69
CA PRO B 130 -7.66 33.82 -10.31
C PRO B 130 -7.71 34.72 -11.55
N TYR B 131 -6.87 35.75 -11.61
CA TYR B 131 -6.97 36.74 -12.71
C TYR B 131 -5.62 37.17 -13.28
N SER B 132 -4.55 36.55 -12.80
CA SER B 132 -3.20 36.91 -13.21
C SER B 132 -2.25 35.77 -12.87
N CYS B 133 -1.06 35.85 -13.45
CA CYS B 133 0.05 34.98 -13.10
C CYS B 133 1.29 35.84 -12.83
N TRP B 134 2.12 35.39 -11.90
CA TRP B 134 3.37 36.06 -11.57
C TRP B 134 4.52 35.08 -11.75
N GLY B 135 5.69 35.60 -12.12
CA GLY B 135 6.88 34.77 -12.25
C GLY B 135 8.16 35.54 -12.00
N VAL B 136 9.28 34.82 -11.91
CA VAL B 136 10.60 35.45 -11.82
C VAL B 136 11.51 34.87 -12.90
N ASN B 137 12.45 35.68 -13.37
CA ASN B 137 13.42 35.20 -14.37
C ASN B 137 14.74 34.72 -13.72
N SER B 138 15.68 34.25 -14.54
CA SER B 138 16.95 33.73 -14.05
C SER B 138 17.79 34.78 -13.28
N ASN B 139 17.44 36.05 -13.42
CA ASN B 139 18.08 37.12 -12.66
C ASN B 139 17.22 37.65 -11.50
N ASP B 140 16.22 36.85 -11.10
CA ASP B 140 15.35 37.11 -9.96
C ASP B 140 14.43 38.33 -10.12
N GLN B 141 14.35 38.86 -11.34
CA GLN B 141 13.42 39.92 -11.64
C GLN B 141 12.00 39.40 -11.71
N ILE B 142 11.06 40.23 -11.28
CA ILE B 142 9.68 39.83 -11.03
C ILE B 142 8.72 40.34 -12.14
N PHE B 143 7.82 39.48 -12.60
CA PHE B 143 6.88 39.84 -13.68
C PHE B 143 5.46 39.43 -13.38
N ILE B 144 4.51 40.26 -13.81
CA ILE B 144 3.09 39.90 -13.80
C ILE B 144 2.52 39.84 -15.21
N MET B 145 1.69 38.83 -15.45
CA MET B 145 0.80 38.80 -16.61
C MET B 145 -0.63 39.06 -16.15
N LYS B 146 -1.18 40.19 -16.58
CA LYS B 146 -2.52 40.60 -16.20
C LYS B 146 -3.52 40.02 -17.19
N ASP B 147 -4.80 40.12 -16.86
CA ASP B 147 -5.92 39.69 -17.72
C ASP B 147 -5.86 38.23 -18.16
N VAL B 148 -5.40 37.37 -17.26
CA VAL B 148 -5.41 35.92 -17.52
C VAL B 148 -6.80 35.40 -17.21
N SER B 149 -7.34 34.58 -18.10
CA SER B 149 -8.63 33.92 -17.86
C SER B 149 -8.57 32.47 -18.33
N SER B 150 -9.64 31.72 -18.05
CA SER B 150 -9.66 30.27 -18.23
C SER B 150 -9.36 29.78 -19.64
N ASN B 151 -9.82 30.52 -20.64
CA ASN B 151 -9.49 30.20 -22.03
C ASN B 151 -8.73 31.31 -22.76
N VAL B 152 -8.06 32.14 -21.97
CA VAL B 152 -7.04 33.06 -22.45
C VAL B 152 -5.90 32.95 -21.42
N CYS B 153 -5.31 31.75 -21.34
CA CYS B 153 -4.29 31.51 -20.32
C CYS B 153 -3.07 32.41 -20.54
N SER B 154 -2.85 32.82 -21.79
CA SER B 154 -1.69 33.67 -22.12
C SER B 154 -1.90 35.14 -21.74
N GLY B 155 -3.11 35.48 -21.30
CA GLY B 155 -3.43 36.82 -20.80
C GLY B 155 -3.33 37.93 -21.84
N SER B 156 -2.96 39.13 -21.39
CA SER B 156 -2.79 40.32 -22.23
C SER B 156 -1.64 40.13 -23.22
N GLY B 157 -0.74 39.19 -22.91
CA GLY B 157 0.35 38.84 -23.80
C GLY B 157 1.62 39.62 -23.56
N SER B 158 1.56 40.65 -22.72
CA SER B 158 2.75 41.41 -22.38
C SER B 158 3.02 41.48 -20.89
N PHE B 159 4.09 40.81 -20.47
CA PHE B 159 4.52 40.82 -19.07
C PHE B 159 4.91 42.22 -18.61
N ILE B 160 4.59 42.52 -17.36
CA ILE B 160 4.96 43.80 -16.75
C ILE B 160 5.97 43.54 -15.64
N ASN B 161 7.11 44.22 -15.70
CA ASN B 161 8.13 44.07 -14.66
C ASN B 161 7.68 44.79 -13.39
N ILE B 162 7.76 44.08 -12.27
CA ILE B 162 7.44 44.68 -10.97
C ILE B 162 8.76 44.79 -10.19
N PRO B 163 9.14 46.01 -9.80
CA PRO B 163 10.42 46.19 -9.11
C PRO B 163 10.60 45.22 -7.94
N GLY B 164 11.82 44.73 -7.78
CA GLY B 164 12.16 43.85 -6.66
C GLY B 164 12.94 42.65 -7.13
N LEU B 165 13.32 41.79 -6.19
CA LEU B 165 14.04 40.56 -6.52
C LEU B 165 13.46 39.40 -5.72
N LEU B 166 13.08 38.34 -6.42
CA LEU B 166 12.62 37.12 -5.76
C LEU B 166 13.14 35.91 -6.52
N SER B 167 13.35 34.81 -5.79
CA SER B 167 13.84 33.57 -6.38
C SER B 167 12.69 32.63 -6.79
N MET B 168 11.57 32.74 -6.07
CA MET B 168 10.34 32.05 -6.46
C MET B 168 9.16 32.88 -5.98
N ILE B 169 7.97 32.57 -6.49
CA ILE B 169 6.79 33.36 -6.22
C ILE B 169 5.56 32.49 -6.44
N GLU B 170 4.58 32.61 -5.56
CA GLU B 170 3.32 31.87 -5.67
C GLU B 170 2.12 32.80 -5.55
N VAL B 171 1.10 32.52 -6.37
CA VAL B 171 -0.14 33.29 -6.35
C VAL B 171 -1.28 32.41 -5.84
N ALA B 172 -2.01 32.92 -4.86
CA ALA B 172 -3.00 32.12 -4.15
C ALA B 172 -4.36 32.28 -4.78
N THR B 173 -5.31 31.43 -4.38
CA THR B 173 -6.66 31.48 -4.97
C THR B 173 -7.44 32.75 -4.61
N ASP B 174 -7.07 33.40 -3.51
CA ASP B 174 -7.69 34.68 -3.14
C ASP B 174 -6.90 35.84 -3.72
N GLY B 175 -5.92 35.52 -4.56
CA GLY B 175 -5.10 36.54 -5.19
C GLY B 175 -3.82 36.92 -4.47
N SER B 176 -3.64 36.46 -3.22
CA SER B 176 -2.46 36.81 -2.43
C SER B 176 -1.17 36.36 -3.13
N VAL B 177 -0.11 37.15 -2.96
CA VAL B 177 1.14 36.93 -3.66
C VAL B 177 2.26 36.91 -2.63
N PHE B 178 2.99 35.80 -2.57
CA PHE B 178 4.13 35.67 -1.66
C PHE B 178 5.34 35.13 -2.41
N GLY B 179 6.53 35.45 -1.92
CA GLY B 179 7.75 34.94 -2.54
C GLY B 179 8.91 34.87 -1.59
N VAL B 180 9.97 34.17 -2.02
CA VAL B 180 11.21 34.08 -1.25
C VAL B 180 12.34 34.56 -2.16
N ASN B 181 13.27 35.34 -1.62
CA ASN B 181 14.37 35.84 -2.42
C ASN B 181 15.63 34.97 -2.23
N SER B 182 16.71 35.31 -2.95
CA SER B 182 17.98 34.55 -2.87
C SER B 182 18.62 34.51 -1.46
N GLN B 183 18.28 35.47 -0.61
CA GLN B 183 18.82 35.55 0.74
C GLN B 183 17.97 34.74 1.73
N GLY B 184 16.89 34.15 1.25
CA GLY B 184 15.98 33.39 2.09
C GLY B 184 15.02 34.23 2.90
N ASN B 185 14.85 35.50 2.51
CA ASN B 185 13.84 36.37 3.10
C ASN B 185 12.47 36.12 2.47
N LEU B 186 11.42 36.36 3.24
CA LEU B 186 10.05 36.11 2.80
C LEU B 186 9.30 37.43 2.61
N TYR B 187 8.52 37.54 1.53
CA TYR B 187 7.78 38.77 1.22
C TYR B 187 6.35 38.52 0.79
N GLN B 188 5.47 39.45 1.15
CA GLN B 188 4.12 39.49 0.58
C GLN B 188 3.98 40.75 -0.26
N ARG B 189 3.25 40.63 -1.36
CA ARG B 189 2.86 41.81 -2.14
C ARG B 189 1.62 42.46 -1.51
N THR B 190 1.72 43.73 -1.14
CA THR B 190 0.58 44.45 -0.58
C THR B 190 -0.28 45.07 -1.67
N GLY B 191 -1.55 45.34 -1.33
CA GLY B 191 -2.48 46.07 -2.20
C GLY B 191 -2.93 45.40 -3.48
N VAL B 192 -2.84 44.07 -3.54
CA VAL B 192 -3.22 43.30 -4.73
C VAL B 192 -4.73 43.10 -4.71
N THR B 193 -5.40 43.50 -5.79
CA THR B 193 -6.84 43.29 -5.98
C THR B 193 -7.09 43.02 -7.46
N ARG B 194 -8.32 42.62 -7.80
CA ARG B 194 -8.69 42.46 -9.21
C ARG B 194 -8.52 43.78 -9.97
N SER B 195 -8.81 44.90 -9.31
CA SER B 195 -8.65 46.24 -9.90
C SER B 195 -7.20 46.68 -10.01
N LYS B 196 -6.37 46.23 -9.06
CA LYS B 196 -4.94 46.57 -9.04
C LYS B 196 -4.13 45.29 -8.91
N PRO B 197 -4.09 44.47 -9.98
CA PRO B 197 -3.48 43.14 -9.87
C PRO B 197 -1.98 43.18 -9.58
N ASP B 198 -1.31 44.27 -9.93
CA ASP B 198 0.12 44.45 -9.64
C ASP B 198 0.41 44.83 -8.19
N GLY B 199 -0.62 45.21 -7.43
CA GLY B 199 -0.42 45.61 -6.04
C GLY B 199 0.45 46.85 -5.91
N THR B 200 0.98 47.09 -4.71
CA THR B 200 1.62 48.38 -4.45
C THR B 200 3.06 48.28 -3.96
N ASP B 201 3.36 47.41 -3.00
CA ASP B 201 4.72 47.27 -2.48
C ASP B 201 4.97 45.86 -1.92
N TRP B 202 6.21 45.62 -1.49
CA TRP B 202 6.59 44.39 -0.81
C TRP B 202 6.73 44.65 0.68
N ILE B 203 6.26 43.69 1.48
CA ILE B 203 6.49 43.73 2.93
C ILE B 203 7.12 42.41 3.39
N SER B 204 8.15 42.50 4.23
CA SER B 204 8.83 41.31 4.71
C SER B 204 8.12 40.71 5.93
N MET B 205 8.32 39.41 6.12
CA MET B 205 7.86 38.72 7.32
C MET B 205 8.79 37.54 7.60
N VAL B 206 8.71 37.00 8.81
CA VAL B 206 9.60 35.92 9.21
C VAL B 206 8.82 34.76 9.82
N ALA B 207 8.96 33.59 9.21
CA ALA B 207 8.37 32.36 9.73
C ALA B 207 9.44 31.36 10.15
N CYS B 208 10.56 31.37 9.41
CA CYS B 208 11.69 30.49 9.64
C CYS B 208 12.83 31.27 10.29
N PRO B 209 13.25 30.85 11.49
CA PRO B 209 14.35 31.52 12.20
C PRO B 209 15.69 31.50 11.46
N ASN B 210 15.84 30.51 10.57
CA ASN B 210 17.10 30.16 9.89
C ASN B 210 17.16 30.55 8.39
N GLY B 211 16.13 31.21 7.89
CA GLY B 211 16.01 31.44 6.44
C GLY B 211 14.91 30.60 5.81
N HIS B 212 14.27 31.16 4.78
CA HIS B 212 13.16 30.51 4.08
C HIS B 212 13.65 29.94 2.75
N LYS B 213 13.10 28.80 2.35
CA LYS B 213 13.44 28.19 1.06
C LYS B 213 12.27 28.26 0.08
N HIS B 214 11.06 28.01 0.56
CA HIS B 214 9.88 27.95 -0.33
C HIS B 214 8.62 28.38 0.38
N VAL B 215 7.69 29.00 -0.36
CA VAL B 215 6.45 29.49 0.23
C VAL B 215 5.23 29.18 -0.65
N SER B 216 4.08 28.93 -0.01
CA SER B 216 2.79 28.92 -0.70
C SER B 216 1.71 29.32 0.29
N PHE B 217 0.58 29.81 -0.22
CA PHE B 217 -0.48 30.30 0.65
C PHE B 217 -1.82 29.79 0.14
N ASP B 218 -2.70 29.43 1.07
CA ASP B 218 -4.04 29.05 0.68
C ASP B 218 -4.97 29.19 1.86
N LEU B 219 -6.11 29.84 1.63
CA LEU B 219 -7.19 29.84 2.62
C LEU B 219 -6.70 30.23 4.01
N GLY B 220 -6.05 31.39 4.06
CA GLY B 220 -5.68 32.02 5.33
C GLY B 220 -4.48 31.39 6.00
N VAL B 221 -3.83 30.45 5.33
CA VAL B 221 -2.68 29.75 5.91
C VAL B 221 -1.47 29.88 5.00
N LEU B 222 -0.37 30.37 5.58
CA LEU B 222 0.90 30.48 4.88
C LEU B 222 1.79 29.26 5.20
N TRP B 223 2.28 28.60 4.16
CA TRP B 223 3.10 27.41 4.31
C TRP B 223 4.54 27.71 3.92
N LEU B 224 5.48 27.35 4.80
CA LEU B 224 6.90 27.56 4.55
C LEU B 224 7.70 26.26 4.58
N VAL B 225 8.63 26.15 3.64
CA VAL B 225 9.74 25.22 3.78
C VAL B 225 10.93 26.09 4.21
N CYS B 226 11.51 25.79 5.37
CA CYS B 226 12.68 26.52 5.84
C CYS B 226 13.96 25.99 5.17
N VAL B 227 15.08 26.69 5.34
CA VAL B 227 16.36 26.30 4.71
C VAL B 227 16.75 24.84 5.01
N ASP B 228 16.40 24.38 6.20
CA ASP B 228 16.75 23.03 6.64
C ASP B 228 15.77 21.96 6.17
N GLY B 229 14.72 22.38 5.45
CA GLY B 229 13.73 21.44 4.93
C GLY B 229 12.53 21.26 5.84
N SER B 230 12.62 21.81 7.06
CA SER B 230 11.50 21.73 8.01
C SER B 230 10.34 22.62 7.54
N ILE B 231 9.15 22.36 8.09
CA ILE B 231 7.93 23.01 7.60
C ILE B 231 7.31 23.91 8.66
N ARG B 232 6.85 25.10 8.26
CA ARG B 232 6.05 25.96 9.15
C ARG B 232 4.66 26.19 8.58
N LYS B 233 3.67 26.21 9.47
CA LYS B 233 2.28 26.53 9.12
C LYS B 233 1.93 27.81 9.87
N CYS B 234 1.54 28.85 9.15
CA CYS B 234 1.33 30.17 9.74
C CYS B 234 -0.03 30.82 9.45
N ILE B 235 -0.61 31.43 10.48
CA ILE B 235 -1.77 32.32 10.32
C ILE B 235 -1.29 33.78 10.23
N LEU C 1 25.95 -11.91 26.25
CA LEU C 1 24.93 -11.46 25.26
C LEU C 1 25.27 -11.88 23.83
N ASP C 2 24.51 -12.84 23.31
CA ASP C 2 24.54 -13.17 21.90
C ASP C 2 23.50 -12.28 21.21
N CYS C 3 23.99 -11.34 20.40
CA CYS C 3 23.09 -10.43 19.69
C CYS C 3 23.25 -10.56 18.19
N THR C 4 22.16 -10.27 17.46
CA THR C 4 22.25 -10.12 16.01
C THR C 4 21.72 -8.74 15.64
N VAL C 5 22.10 -8.29 14.46
CA VAL C 5 21.66 -7.00 13.93
C VAL C 5 20.38 -7.21 13.12
N ILE C 6 19.39 -6.37 13.39
CA ILE C 6 18.17 -6.35 12.61
C ILE C 6 18.26 -5.11 11.75
N ASP C 7 17.96 -5.24 10.45
CA ASP C 7 18.04 -4.10 9.53
C ASP C 7 17.12 -2.99 9.99
N GLY C 8 17.46 -1.76 9.60
CA GLY C 8 16.61 -0.61 9.86
C GLY C 8 17.33 0.44 10.68
N ASN C 9 16.60 1.49 11.03
CA ASN C 9 17.12 2.58 11.84
C ASN C 9 15.95 3.17 12.62
N LEU C 10 16.13 3.28 13.93
CA LEU C 10 15.08 3.78 14.83
C LEU C 10 15.70 4.72 15.85
N LYS C 11 14.86 5.48 16.55
CA LYS C 11 15.30 6.24 17.72
C LYS C 11 14.72 5.65 19.01
N GLN C 12 13.65 4.88 18.88
CA GLN C 12 12.94 4.32 20.02
C GLN C 12 12.30 2.99 19.63
N ILE C 13 12.27 2.04 20.56
CA ILE C 13 11.79 0.69 20.32
C ILE C 13 11.04 0.23 21.56
N ASP C 14 9.95 -0.51 21.37
CA ASP C 14 9.24 -1.12 22.50
C ASP C 14 8.76 -2.51 22.12
N ALA C 15 8.91 -3.46 23.04
CA ALA C 15 8.45 -4.82 22.81
C ALA C 15 7.51 -5.26 23.93
N GLY C 16 6.48 -6.00 23.55
CA GLY C 16 5.48 -6.47 24.50
C GLY C 16 4.41 -7.28 23.79
N SER C 17 3.84 -8.26 24.48
CA SER C 17 2.77 -9.11 23.95
C SER C 17 3.15 -9.83 22.67
N GLY C 18 4.45 -10.07 22.48
CA GLY C 18 4.94 -10.73 21.26
C GLY C 18 5.17 -9.79 20.08
N SER C 19 4.81 -8.53 20.26
CA SER C 19 5.00 -7.50 19.23
C SER C 19 6.27 -6.70 19.50
N VAL C 20 6.81 -6.10 18.44
CA VAL C 20 7.91 -5.16 18.55
C VAL C 20 7.60 -3.98 17.63
N VAL C 21 7.68 -2.77 18.18
CA VAL C 21 7.38 -1.54 17.44
C VAL C 21 8.42 -0.46 17.71
N GLY C 22 8.40 0.59 16.92
CA GLY C 22 9.29 1.72 17.18
C GLY C 22 9.07 2.84 16.20
N VAL C 23 9.88 3.88 16.34
CA VAL C 23 9.83 5.04 15.45
C VAL C 23 11.25 5.47 15.09
N ASN C 24 11.39 6.14 13.94
CA ASN C 24 12.67 6.71 13.57
C ASN C 24 12.72 8.22 13.78
N ASN C 25 13.82 8.86 13.37
CA ASN C 25 13.99 10.30 13.57
C ASN C 25 13.03 11.14 12.74
N LEU C 26 12.50 10.55 11.69
CA LEU C 26 11.47 11.19 10.88
C LEU C 26 10.07 11.04 11.51
N ASN C 27 10.00 10.31 12.62
CA ASN C 27 8.75 9.99 13.31
C ASN C 27 7.82 9.10 12.52
N GLU C 28 8.43 8.34 11.63
CA GLU C 28 7.74 7.27 10.93
C GLU C 28 7.59 6.12 11.90
N THR C 29 6.49 5.41 11.75
CA THR C 29 6.03 4.44 12.74
C THR C 29 6.23 3.03 12.17
N PHE C 30 6.89 2.14 12.94
CA PHE C 30 7.23 0.78 12.44
C PHE C 30 6.68 -0.35 13.31
N VAL C 31 6.32 -1.46 12.66
CA VAL C 31 5.97 -2.72 13.35
C VAL C 31 6.90 -3.80 12.79
N LEU C 32 7.42 -4.67 13.66
CA LEU C 32 8.21 -5.80 13.20
C LEU C 32 7.30 -6.90 12.67
N ILE C 33 7.32 -7.07 11.35
CA ILE C 33 6.50 -8.04 10.68
C ILE C 33 7.43 -8.97 9.89
N ASP C 34 7.40 -10.24 10.23
CA ASP C 34 8.25 -11.22 9.56
C ASP C 34 9.71 -10.74 9.54
N ASN C 35 10.16 -10.31 10.71
CA ASN C 35 11.55 -9.91 10.98
C ASN C 35 12.00 -8.64 10.27
N VAL C 36 11.03 -7.89 9.73
CA VAL C 36 11.34 -6.64 9.02
C VAL C 36 10.57 -5.49 9.65
N PHE C 37 11.29 -4.43 10.03
CA PHE C 37 10.62 -3.22 10.53
C PHE C 37 9.87 -2.54 9.40
N THR C 38 8.54 -2.59 9.54
CA THR C 38 7.62 -2.29 8.45
C THR C 38 6.86 -1.02 8.76
N LYS C 39 6.96 -0.04 7.87
CA LYS C 39 6.31 1.24 8.09
C LYS C 39 4.79 1.08 7.99
N ILE C 40 4.09 1.62 9.00
CA ILE C 40 2.63 1.75 8.94
C ILE C 40 2.30 3.25 8.97
N SER C 41 1.08 3.61 8.57
CA SER C 41 0.66 5.03 8.63
C SER C 41 0.80 5.63 10.02
N GLY C 42 1.26 6.87 10.08
CA GLY C 42 1.34 7.56 11.36
C GLY C 42 2.59 8.38 11.50
N SER C 43 2.52 9.34 12.41
CA SER C 43 3.64 10.17 12.76
C SER C 43 3.67 10.20 14.27
N LEU C 44 4.64 9.49 14.85
CA LEU C 44 4.76 9.35 16.29
C LEU C 44 6.23 9.52 16.71
N LYS C 45 6.46 10.18 17.85
CA LYS C 45 7.82 10.27 18.42
C LYS C 45 8.12 9.17 19.44
N HIS C 46 7.10 8.39 19.79
CA HIS C 46 7.23 7.27 20.73
C HIS C 46 6.08 6.34 20.48
N PHE C 47 6.39 5.05 20.34
CA PHE C 47 5.39 4.04 20.00
C PHE C 47 5.61 2.83 20.91
N SER C 48 4.55 2.47 21.63
CA SER C 48 4.60 1.41 22.62
C SER C 48 3.63 0.29 22.27
N VAL C 49 4.00 -0.95 22.60
CA VAL C 49 3.10 -2.07 22.46
C VAL C 49 3.21 -3.00 23.68
N GLY C 50 2.07 -3.50 24.12
CA GLY C 50 2.04 -4.47 25.22
C GLY C 50 0.63 -4.91 25.45
N PRO C 51 0.34 -5.49 26.63
CA PRO C 51 -0.99 -6.01 26.89
C PRO C 51 -2.10 -4.96 26.88
N ALA C 52 -1.72 -3.68 27.00
CA ALA C 52 -2.71 -2.59 26.96
C ALA C 52 -3.01 -2.09 25.55
N GLY C 53 -2.34 -2.66 24.54
CA GLY C 53 -2.54 -2.27 23.15
C GLY C 53 -1.34 -1.62 22.50
N GLN C 54 -1.61 -0.89 21.42
CA GLN C 54 -0.58 -0.21 20.64
C GLN C 54 -0.83 1.28 20.82
N LEU C 55 0.06 1.94 21.57
CA LEU C 55 -0.13 3.33 21.96
C LEU C 55 1.04 4.20 21.59
N GLY C 56 0.78 5.44 21.16
CA GLY C 56 1.86 6.36 20.83
C GLY C 56 1.52 7.82 21.01
N VAL C 57 2.55 8.66 20.94
CA VAL C 57 2.34 10.11 20.94
C VAL C 57 3.08 10.76 19.78
N ASN C 58 2.56 11.89 19.30
CA ASN C 58 3.25 12.63 18.25
C ASN C 58 4.02 13.81 18.81
N THR C 59 4.58 14.62 17.92
CA THR C 59 5.41 15.74 18.34
C THR C 59 4.58 16.79 19.13
N ALA C 60 3.31 16.94 18.78
CA ALA C 60 2.40 17.86 19.48
C ALA C 60 1.85 17.23 20.75
N ASN C 61 2.34 16.03 21.07
CA ASN C 61 1.97 15.30 22.28
C ASN C 61 0.53 14.79 22.28
N ASN C 62 -0.11 14.75 21.10
CA ASN C 62 -1.38 14.06 20.96
C ASN C 62 -1.17 12.55 21.17
N ILE C 63 -2.15 11.89 21.75
CA ILE C 63 -2.06 10.46 22.09
C ILE C 63 -2.91 9.65 21.12
N PHE C 64 -2.33 8.56 20.60
CA PHE C 64 -2.99 7.73 19.60
C PHE C 64 -2.99 6.27 20.03
N LYS C 65 -4.08 5.58 19.72
CA LYS C 65 -4.18 4.16 19.99
C LYS C 65 -4.59 3.48 18.69
N TYR C 66 -3.89 2.42 18.32
CA TYR C 66 -4.27 1.70 17.13
C TYR C 66 -5.52 0.87 17.42
N GLN C 67 -6.56 1.09 16.63
CA GLN C 67 -7.78 0.29 16.77
C GLN C 67 -8.57 0.22 15.48
N SER C 68 -9.10 -0.97 15.21
CA SER C 68 -9.96 -1.20 14.04
C SER C 68 -9.31 -0.72 12.73
N GLY C 69 -8.02 -0.98 12.59
CA GLY C 69 -7.32 -0.74 11.33
C GLY C 69 -6.51 0.53 11.20
N GLY C 70 -6.51 1.39 12.22
CA GLY C 70 -5.68 2.59 12.18
C GLY C 70 -5.62 3.32 13.49
N PHE C 71 -4.75 4.33 13.55
CA PHE C 71 -4.61 5.12 14.78
C PHE C 71 -5.81 6.03 15.02
N VAL C 72 -6.29 6.04 16.25
CA VAL C 72 -7.37 6.93 16.67
C VAL C 72 -6.82 7.78 17.83
N GLN C 73 -7.17 9.05 17.84
CA GLN C 73 -6.70 9.95 18.91
C GLN C 73 -7.50 9.76 20.20
N LEU C 74 -6.77 9.62 21.31
CA LEU C 74 -7.39 9.62 22.64
C LEU C 74 -7.31 11.04 23.19
N ALA C 75 -8.18 11.39 24.14
CA ALA C 75 -8.12 12.73 24.73
C ALA C 75 -6.92 12.87 25.68
N GLY C 76 -6.16 13.95 25.55
CA GLY C 76 -5.07 14.25 26.48
C GLY C 76 -3.77 14.61 25.81
N LEU C 77 -2.74 14.83 26.62
CA LEU C 77 -1.40 15.16 26.14
C LEU C 77 -0.35 14.40 26.93
N LEU C 78 0.51 13.66 26.22
CA LEU C 78 1.66 13.00 26.84
C LEU C 78 2.88 13.12 25.93
N LYS C 79 4.07 13.23 26.52
CA LYS C 79 5.30 13.18 25.72
C LYS C 79 5.86 11.75 25.58
N GLN C 80 5.37 10.86 26.41
CA GLN C 80 5.77 9.44 26.38
C GLN C 80 4.63 8.63 26.96
N VAL C 81 4.43 7.43 26.40
CA VAL C 81 3.31 6.60 26.80
C VAL C 81 3.73 5.13 26.77
N ASP C 82 3.21 4.33 27.69
CA ASP C 82 3.55 2.91 27.73
C ASP C 82 2.34 2.00 27.86
N ALA C 83 2.38 0.89 27.13
CA ALA C 83 1.27 -0.04 27.04
C ALA C 83 1.61 -1.40 27.65
N GLY C 84 2.68 -1.46 28.45
CA GLY C 84 3.14 -2.72 29.02
C GLY C 84 2.39 -3.18 30.25
N GLY C 85 1.63 -2.28 30.86
CA GLY C 85 0.85 -2.61 32.05
C GLY C 85 -0.27 -3.59 31.81
N ASP C 86 -0.95 -3.98 32.89
CA ASP C 86 -1.97 -4.99 32.80
C ASP C 86 -3.29 -4.42 32.29
N GLN C 87 -3.30 -4.13 30.98
CA GLN C 87 -4.45 -3.48 30.30
C GLN C 87 -4.66 -2.03 30.75
N ILE C 88 -3.69 -1.49 31.48
CA ILE C 88 -3.64 -0.06 31.83
C ILE C 88 -2.69 0.69 30.91
N ILE C 89 -2.93 1.99 30.74
CA ILE C 89 -2.00 2.84 30.02
C ILE C 89 -1.33 3.79 31.02
N ALA C 90 -0.07 4.13 30.79
CA ALA C 90 0.63 5.07 31.65
C ALA C 90 1.57 5.94 30.84
N GLY C 91 1.90 7.11 31.38
CA GLY C 91 2.78 8.02 30.67
C GLY C 91 3.05 9.30 31.42
N VAL C 92 3.81 10.19 30.80
CA VAL C 92 4.15 11.47 31.42
C VAL C 92 3.94 12.58 30.38
N ASN C 93 3.64 13.79 30.84
CA ASN C 93 3.48 14.91 29.91
C ASN C 93 4.71 15.81 29.88
N MET C 94 4.61 16.93 29.16
CA MET C 94 5.76 17.80 28.93
C MET C 94 6.25 18.46 30.23
N TYR C 95 5.41 18.46 31.26
CA TYR C 95 5.72 19.07 32.56
C TYR C 95 6.23 18.04 33.57
N ASP C 96 6.39 16.80 33.10
CA ASP C 96 6.79 15.66 33.93
C ASP C 96 5.71 15.26 34.94
N ASP C 97 4.47 15.68 34.70
CA ASP C 97 3.33 15.10 35.41
C ASP C 97 3.09 13.68 34.91
N ILE C 98 2.59 12.82 35.79
CA ILE C 98 2.45 11.37 35.53
C ILE C 98 0.98 10.98 35.52
N TYR C 99 0.57 10.21 34.52
CA TYR C 99 -0.82 9.78 34.39
C TYR C 99 -0.94 8.30 34.09
N CYS C 100 -2.04 7.72 34.55
CA CYS C 100 -2.43 6.38 34.14
C CYS C 100 -3.92 6.26 33.80
N LEU C 101 -4.26 5.28 32.97
CA LEU C 101 -5.64 4.97 32.62
C LEU C 101 -5.96 3.54 33.03
N ASN C 102 -7.03 3.37 33.80
CA ASN C 102 -7.47 2.06 34.23
C ASN C 102 -8.04 1.21 33.10
N MET C 103 -8.03 -0.10 33.33
CA MET C 103 -8.46 -1.10 32.35
C MET C 103 -9.85 -0.87 31.75
N ASP C 104 -10.84 -0.65 32.60
CA ASP C 104 -12.22 -0.45 32.15
C ASP C 104 -12.37 0.78 31.26
N ALA C 105 -11.59 1.82 31.54
CA ALA C 105 -11.57 3.02 30.70
C ALA C 105 -10.83 2.76 29.38
N ASN C 106 -9.68 2.10 29.45
CA ASN C 106 -8.93 1.72 28.25
C ASN C 106 -9.82 0.99 27.23
N ASN C 107 -10.64 0.06 27.71
CA ASN C 107 -11.45 -0.81 26.86
C ASN C 107 -12.83 -0.27 26.50
N LYS C 108 -13.13 0.95 26.92
CA LYS C 108 -14.41 1.57 26.59
C LYS C 108 -14.31 2.37 25.30
N TRP C 109 -15.14 2.01 24.31
CA TRP C 109 -15.19 2.73 23.04
C TRP C 109 -16.50 2.48 22.28
N PRO C 110 -17.15 3.55 21.77
CA PRO C 110 -16.73 4.95 21.89
C PRO C 110 -16.74 5.49 23.32
N SER C 111 -16.00 6.57 23.54
CA SER C 111 -16.00 7.25 24.82
C SER C 111 -15.85 8.76 24.63
N SER C 112 -16.76 9.51 25.22
CA SER C 112 -16.72 10.97 25.19
C SER C 112 -15.79 11.50 26.28
N ASN C 113 -14.75 10.72 26.59
CA ASN C 113 -13.91 10.96 27.76
C ASN C 113 -12.77 9.92 27.86
N THR C 114 -11.57 10.39 28.19
CA THR C 114 -10.45 9.53 28.61
C THR C 114 -10.06 9.92 30.04
N PRO C 115 -10.57 9.19 31.07
CA PRO C 115 -10.37 9.61 32.46
C PRO C 115 -8.98 9.29 33.07
N TRP C 116 -7.94 9.95 32.57
CA TRP C 116 -6.60 9.86 33.15
C TRP C 116 -6.59 10.14 34.66
N VAL C 117 -5.81 9.36 35.39
CA VAL C 117 -5.60 9.56 36.83
C VAL C 117 -4.20 10.11 37.03
N GLN C 118 -4.07 11.22 37.76
CA GLN C 118 -2.74 11.75 38.01
C GLN C 118 -2.08 11.08 39.21
N LEU C 119 -0.82 10.72 39.03
CA LEU C 119 -0.04 10.12 40.09
C LEU C 119 0.73 11.20 40.85
N ASN C 120 1.02 10.93 42.13
CA ASN C 120 1.75 11.86 42.97
C ASN C 120 3.25 11.69 42.79
N GLY C 121 3.80 12.37 41.79
CA GLY C 121 5.22 12.36 41.56
C GLY C 121 5.55 13.16 40.32
N LYS C 122 6.85 13.19 39.98
CA LYS C 122 7.33 13.84 38.76
C LYS C 122 8.30 12.90 38.10
N LEU C 123 8.02 12.52 36.84
CA LEU C 123 8.92 11.69 36.06
C LEU C 123 8.98 12.15 34.61
N LYS C 124 10.08 11.82 33.94
CA LYS C 124 10.26 12.11 32.51
C LYS C 124 10.05 10.87 31.64
N TYR C 125 10.00 9.71 32.28
CA TYR C 125 9.80 8.44 31.58
C TYR C 125 9.15 7.44 32.52
N TYR C 126 8.12 6.75 32.04
CA TYR C 126 7.34 5.83 32.89
C TYR C 126 6.91 4.60 32.09
N SER C 127 7.15 3.42 32.65
CA SER C 127 6.82 2.16 31.97
C SER C 127 6.16 1.18 32.95
N CYS C 128 5.22 0.37 32.48
CA CYS C 128 4.49 -0.54 33.38
C CYS C 128 4.62 -2.02 33.02
N GLY C 129 4.55 -2.86 34.04
CA GLY C 129 4.59 -4.30 33.89
C GLY C 129 3.41 -4.91 34.63
N PRO C 130 3.46 -6.24 34.88
CA PRO C 130 2.35 -6.99 35.46
C PRO C 130 1.86 -6.53 36.84
N TYR C 131 2.76 -6.07 37.71
CA TYR C 131 2.37 -5.72 39.09
C TYR C 131 2.98 -4.42 39.62
N SER C 132 3.69 -3.70 38.76
CA SER C 132 4.35 -2.46 39.14
C SER C 132 4.65 -1.63 37.90
N CYS C 133 5.05 -0.37 38.13
CA CYS C 133 5.61 0.47 37.08
C CYS C 133 6.90 1.09 37.59
N TRP C 134 7.83 1.36 36.67
CA TRP C 134 9.09 2.02 36.98
C TRP C 134 9.25 3.25 36.10
N GLY C 135 9.88 4.29 36.64
CA GLY C 135 10.17 5.48 35.88
C GLY C 135 11.40 6.22 36.38
N VAL C 136 11.83 7.23 35.63
CA VAL C 136 12.96 8.06 36.02
C VAL C 136 12.55 9.53 35.95
N ASN C 137 13.08 10.33 36.87
CA ASN C 137 12.84 11.77 36.82
C ASN C 137 13.91 12.49 35.98
N SER C 138 13.82 13.82 35.89
CA SER C 138 14.73 14.60 35.06
C SER C 138 16.17 14.61 35.58
N ASN C 139 16.36 14.24 36.85
CA ASN C 139 17.70 14.08 37.43
C ASN C 139 18.22 12.64 37.31
N ASP C 140 17.49 11.83 36.53
CA ASP C 140 17.81 10.43 36.24
C ASP C 140 17.67 9.49 37.45
N GLN C 141 16.98 9.96 38.49
CA GLN C 141 16.67 9.10 39.63
C GLN C 141 15.54 8.13 39.30
N ILE C 142 15.63 6.95 39.89
CA ILE C 142 14.78 5.79 39.54
C ILE C 142 13.74 5.56 40.61
N PHE C 143 12.48 5.39 40.19
CA PHE C 143 11.40 5.13 41.13
C PHE C 143 10.54 3.96 40.69
N ILE C 144 10.04 3.21 41.66
CA ILE C 144 9.07 2.16 41.43
C ILE C 144 7.74 2.49 42.12
N MET C 145 6.65 2.24 41.41
CA MET C 145 5.33 2.25 42.02
C MET C 145 4.86 0.80 42.17
N LYS C 146 4.76 0.37 43.42
CA LYS C 146 4.33 -1.00 43.74
C LYS C 146 2.81 -1.12 43.79
N ASP C 147 2.34 -2.37 43.77
CA ASP C 147 0.92 -2.73 43.93
C ASP C 147 -0.01 -2.16 42.85
N VAL C 148 0.55 -1.96 41.67
CA VAL C 148 -0.22 -1.53 40.49
C VAL C 148 -1.09 -2.69 40.00
N SER C 149 -2.37 -2.39 39.78
CA SER C 149 -3.31 -3.38 39.25
C SER C 149 -4.26 -2.79 38.19
N SER C 150 -4.97 -3.67 37.50
CA SER C 150 -5.82 -3.31 36.36
C SER C 150 -6.76 -2.14 36.57
N ASN C 151 -7.42 -2.12 37.72
CA ASN C 151 -8.35 -1.02 37.99
C ASN C 151 -7.96 -0.16 39.21
N VAL C 152 -6.69 -0.27 39.61
CA VAL C 152 -6.04 0.68 40.52
C VAL C 152 -4.66 0.95 39.90
N CYS C 153 -4.64 1.69 38.80
CA CYS C 153 -3.41 1.88 38.03
C CYS C 153 -2.36 2.71 38.76
N SER C 154 -2.78 3.46 39.78
CA SER C 154 -1.85 4.27 40.57
C SER C 154 -1.15 3.47 41.67
N GLY C 155 -1.55 2.20 41.84
CA GLY C 155 -0.95 1.32 42.84
C GLY C 155 -1.07 1.82 44.27
N SER C 156 0.03 1.75 45.00
CA SER C 156 0.05 2.20 46.40
C SER C 156 -0.17 3.70 46.47
N GLY C 157 0.14 4.36 45.36
CA GLY C 157 0.08 5.81 45.27
C GLY C 157 1.36 6.50 45.73
N SER C 158 2.28 5.73 46.29
CA SER C 158 3.51 6.26 46.87
C SER C 158 4.75 5.68 46.21
N PHE C 159 5.44 6.50 45.41
CA PHE C 159 6.67 6.11 44.74
C PHE C 159 7.80 5.80 45.72
N ILE C 160 8.63 4.82 45.36
CA ILE C 160 9.80 4.46 46.16
C ILE C 160 11.07 4.60 45.32
N ASN C 161 12.05 5.30 45.87
CA ASN C 161 13.34 5.45 45.19
C ASN C 161 14.17 4.16 45.21
N ILE C 162 14.71 3.82 44.05
CA ILE C 162 15.62 2.69 43.89
C ILE C 162 16.97 3.31 43.54
N PRO C 163 18.01 3.06 44.36
CA PRO C 163 19.30 3.69 44.09
C PRO C 163 19.83 3.41 42.70
N GLY C 164 20.49 4.41 42.10
CA GLY C 164 21.00 4.30 40.75
C GLY C 164 20.58 5.48 39.88
N LEU C 165 21.10 5.51 38.66
CA LEU C 165 20.74 6.55 37.69
C LEU C 165 20.45 5.95 36.30
N LEU C 166 19.33 6.34 35.70
CA LEU C 166 18.96 5.92 34.33
C LEU C 166 18.23 7.04 33.58
N SER C 167 18.37 7.07 32.25
CA SER C 167 17.67 8.05 31.40
C SER C 167 16.31 7.54 30.94
N MET C 168 16.20 6.23 30.73
CA MET C 168 14.93 5.60 30.43
C MET C 168 14.94 4.19 31.05
N ILE C 169 13.76 3.60 31.14
CA ILE C 169 13.59 2.32 31.82
C ILE C 169 12.31 1.66 31.31
N GLU C 170 12.35 0.36 31.06
CA GLU C 170 11.20 -0.40 30.58
C GLU C 170 10.95 -1.64 31.42
N VAL C 171 9.68 -1.94 31.65
CA VAL C 171 9.26 -3.12 32.40
C VAL C 171 8.56 -4.12 31.45
N ALA C 172 9.04 -5.36 31.45
CA ALA C 172 8.53 -6.40 30.55
C ALA C 172 7.37 -7.15 31.17
N THR C 173 6.64 -7.88 30.34
CA THR C 173 5.46 -8.64 30.78
C THR C 173 5.76 -9.76 31.77
N ASP C 174 7.02 -10.21 31.80
CA ASP C 174 7.44 -11.23 32.77
C ASP C 174 8.07 -10.58 34.02
N GLY C 175 8.01 -9.25 34.07
CA GLY C 175 8.50 -8.48 35.23
C GLY C 175 9.90 -7.92 35.08
N SER C 176 10.61 -8.35 34.05
CA SER C 176 12.00 -7.94 33.82
C SER C 176 12.11 -6.44 33.67
N VAL C 177 13.19 -5.87 34.21
CA VAL C 177 13.44 -4.43 34.19
C VAL C 177 14.80 -4.13 33.58
N PHE C 178 14.82 -3.36 32.49
CA PHE C 178 16.05 -2.91 31.84
C PHE C 178 16.04 -1.41 31.66
N GLY C 179 17.22 -0.80 31.62
CA GLY C 179 17.31 0.64 31.39
C GLY C 179 18.61 1.05 30.75
N VAL C 180 18.66 2.29 30.27
CA VAL C 180 19.89 2.86 29.74
C VAL C 180 20.19 4.16 30.50
N ASN C 181 21.46 4.38 30.85
CA ASN C 181 21.85 5.63 31.51
C ASN C 181 22.27 6.73 30.52
N SER C 182 22.53 7.93 31.04
CA SER C 182 22.82 9.09 30.17
C SER C 182 24.11 8.94 29.36
N GLN C 183 24.99 8.06 29.82
CA GLN C 183 26.26 7.78 29.14
C GLN C 183 26.16 6.61 28.16
N GLY C 184 24.96 6.04 28.04
CA GLY C 184 24.71 4.98 27.06
C GLY C 184 24.98 3.55 27.55
N ASN C 185 25.16 3.38 28.86
CA ASN C 185 25.32 2.04 29.45
C ASN C 185 23.98 1.37 29.65
N LEU C 186 23.97 0.04 29.53
CA LEU C 186 22.76 -0.78 29.67
C LEU C 186 22.78 -1.54 31.00
N TYR C 187 21.66 -1.55 31.70
CA TYR C 187 21.53 -2.27 32.97
C TYR C 187 20.25 -3.09 33.06
N GLN C 188 20.33 -4.22 33.77
CA GLN C 188 19.16 -4.98 34.19
C GLN C 188 19.03 -4.93 35.70
N ARG C 189 17.80 -4.88 36.19
CA ARG C 189 17.55 -5.09 37.62
C ARG C 189 17.52 -6.59 37.94
N THR C 190 18.37 -7.00 38.87
CA THR C 190 18.39 -8.40 39.32
C THR C 190 17.36 -8.61 40.42
N GLY C 191 16.92 -9.86 40.59
CA GLY C 191 16.11 -10.26 41.74
C GLY C 191 14.66 -9.78 41.77
N VAL C 192 14.17 -9.26 40.65
CA VAL C 192 12.80 -8.78 40.55
C VAL C 192 11.78 -9.92 40.50
N THR C 193 10.84 -9.91 41.45
CA THR C 193 9.73 -10.89 41.52
C THR C 193 8.48 -10.20 42.06
N ARG C 194 7.35 -10.90 41.97
CA ARG C 194 6.10 -10.39 42.54
C ARG C 194 6.24 -10.13 44.05
N SER C 195 7.00 -10.99 44.73
CA SER C 195 7.25 -10.85 46.18
C SER C 195 8.21 -9.73 46.52
N LYS C 196 9.18 -9.51 45.63
CA LYS C 196 10.12 -8.42 45.81
C LYS C 196 10.22 -7.61 44.52
N PRO C 197 9.23 -6.73 44.29
CA PRO C 197 9.14 -5.99 43.02
C PRO C 197 10.28 -5.00 42.78
N ASP C 198 10.95 -4.58 43.85
CA ASP C 198 12.07 -3.64 43.75
C ASP C 198 13.39 -4.30 43.33
N GLY C 199 13.46 -5.63 43.41
CA GLY C 199 14.69 -6.36 43.05
C GLY C 199 15.83 -6.06 44.01
N THR C 200 17.05 -6.43 43.63
CA THR C 200 18.18 -6.36 44.57
C THR C 200 19.36 -5.49 44.11
N ASP C 201 19.71 -5.57 42.83
CA ASP C 201 20.92 -4.92 42.29
C ASP C 201 20.76 -4.56 40.82
N TRP C 202 21.71 -3.79 40.30
CA TRP C 202 21.82 -3.55 38.87
C TRP C 202 23.02 -4.32 38.33
N ILE C 203 22.88 -4.89 37.13
CA ILE C 203 24.03 -5.48 36.42
C ILE C 203 24.16 -4.87 35.02
N SER C 204 25.38 -4.53 34.65
CA SER C 204 25.65 -3.97 33.32
C SER C 204 25.74 -5.07 32.27
N MET C 205 25.37 -4.73 31.04
CA MET C 205 25.40 -5.64 29.89
C MET C 205 25.85 -4.82 28.68
N VAL C 206 26.44 -5.49 27.68
CA VAL C 206 26.81 -4.80 26.45
C VAL C 206 26.24 -5.51 25.22
N ALA C 207 25.41 -4.79 24.48
CA ALA C 207 24.84 -5.25 23.23
C ALA C 207 25.28 -4.34 22.09
N CYS C 208 25.44 -3.05 22.39
CA CYS C 208 25.90 -2.05 21.41
C CYS C 208 27.38 -1.72 21.64
N PRO C 209 28.18 -1.74 20.56
CA PRO C 209 29.62 -1.55 20.71
C PRO C 209 30.02 -0.13 21.10
N ASN C 210 29.23 0.86 20.69
CA ASN C 210 29.58 2.26 20.89
C ASN C 210 28.54 3.06 21.66
N GLY C 211 27.76 2.39 22.50
CA GLY C 211 26.77 3.04 23.34
C GLY C 211 25.35 2.64 23.00
N HIS C 212 24.51 2.55 24.03
CA HIS C 212 23.10 2.16 23.89
C HIS C 212 22.22 3.41 23.97
N LYS C 213 21.16 3.44 23.17
CA LYS C 213 20.24 4.58 23.14
C LYS C 213 18.89 4.24 23.77
N HIS C 214 18.33 3.08 23.45
CA HIS C 214 17.01 2.70 23.92
C HIS C 214 16.91 1.19 24.10
N VAL C 215 16.07 0.75 25.05
CA VAL C 215 15.96 -0.68 25.35
C VAL C 215 14.52 -1.10 25.64
N SER C 216 14.17 -2.31 25.20
CA SER C 216 12.94 -2.96 25.63
C SER C 216 13.14 -4.46 25.60
N PHE C 217 12.34 -5.17 26.39
CA PHE C 217 12.49 -6.62 26.53
C PHE C 217 11.13 -7.31 26.44
N ASP C 218 11.08 -8.45 25.78
CA ASP C 218 9.83 -9.20 25.71
C ASP C 218 10.11 -10.64 25.33
N LEU C 219 9.58 -11.56 26.14
CA LEU C 219 9.59 -13.00 25.82
C LEU C 219 10.98 -13.53 25.50
N GLY C 220 11.93 -13.24 26.40
CA GLY C 220 13.27 -13.78 26.32
C GLY C 220 14.17 -13.10 25.31
N VAL C 221 13.68 -12.00 24.73
CA VAL C 221 14.44 -11.25 23.73
C VAL C 221 14.60 -9.80 24.15
N LEU C 222 15.86 -9.36 24.22
CA LEU C 222 16.21 -7.99 24.57
C LEU C 222 16.43 -7.21 23.28
N TRP C 223 15.78 -6.04 23.17
CA TRP C 223 15.87 -5.21 21.97
C TRP C 223 16.59 -3.90 22.25
N LEU C 224 17.59 -3.59 21.45
CA LEU C 224 18.35 -2.37 21.61
C LEU C 224 18.30 -1.47 20.37
N VAL C 225 18.17 -0.16 20.60
CA VAL C 225 18.57 0.83 19.62
C VAL C 225 19.92 1.35 20.10
N CYS C 226 20.92 1.27 19.22
CA CYS C 226 22.28 1.76 19.52
C CYS C 226 22.36 3.25 19.24
N VAL C 227 23.45 3.90 19.64
CA VAL C 227 23.55 5.36 19.48
C VAL C 227 23.39 5.80 18.01
N ASP C 228 23.86 4.96 17.08
CA ASP C 228 23.77 5.25 15.65
C ASP C 228 22.39 4.94 15.05
N GLY C 229 21.46 4.46 15.88
CA GLY C 229 20.10 4.14 15.42
C GLY C 229 19.91 2.72 14.95
N SER C 230 20.99 1.96 14.86
CA SER C 230 20.92 0.56 14.44
C SER C 230 20.28 -0.30 15.53
N ILE C 231 19.83 -1.49 15.17
CA ILE C 231 19.02 -2.31 16.07
C ILE C 231 19.71 -3.62 16.40
N ARG C 232 19.61 -4.03 17.67
CA ARG C 232 20.17 -5.33 18.07
C ARG C 232 19.09 -6.19 18.71
N LYS C 233 19.09 -7.47 18.33
CA LYS C 233 18.20 -8.46 18.89
C LYS C 233 19.05 -9.43 19.70
N CYS C 234 18.81 -9.49 21.00
CA CYS C 234 19.63 -10.32 21.89
C CYS C 234 18.77 -11.35 22.60
N ILE C 235 18.86 -12.60 22.12
CA ILE C 235 18.15 -13.73 22.70
C ILE C 235 19.00 -14.21 23.87
N LEU C 236 18.52 -13.98 25.09
CA LEU C 236 19.28 -14.27 26.32
C LEU C 236 19.40 -15.77 26.61
N LEU D 1 -28.10 -2.25 13.46
CA LEU D 1 -26.73 -2.37 12.91
C LEU D 1 -26.57 -1.58 11.63
N ASP D 2 -25.59 -0.68 11.62
CA ASP D 2 -25.12 -0.07 10.38
C ASP D 2 -23.82 -0.74 9.99
N CYS D 3 -23.72 -1.17 8.72
CA CYS D 3 -22.52 -1.89 8.26
C CYS D 3 -21.98 -1.37 6.93
N THR D 4 -20.71 -1.68 6.68
CA THR D 4 -20.13 -1.60 5.35
C THR D 4 -19.40 -2.91 5.02
N VAL D 5 -19.10 -3.11 3.75
CA VAL D 5 -18.31 -4.24 3.29
C VAL D 5 -16.83 -3.83 3.31
N ILE D 6 -15.99 -4.65 3.94
CA ILE D 6 -14.54 -4.42 3.96
C ILE D 6 -13.90 -5.43 3.00
N ASP D 7 -12.97 -4.95 2.18
CA ASP D 7 -12.28 -5.82 1.23
C ASP D 7 -11.56 -6.99 1.92
N GLY D 8 -11.57 -8.13 1.24
CA GLY D 8 -10.93 -9.35 1.72
C GLY D 8 -11.88 -10.53 1.71
N ASN D 9 -11.35 -11.70 2.05
CA ASN D 9 -12.15 -12.91 2.10
C ASN D 9 -11.46 -13.80 3.12
N LEU D 10 -12.23 -14.24 4.12
CA LEU D 10 -11.69 -15.01 5.23
C LEU D 10 -12.64 -16.15 5.55
N LYS D 11 -12.21 -17.06 6.43
CA LYS D 11 -13.12 -18.04 7.01
C LYS D 11 -13.33 -17.77 8.49
N GLN D 12 -12.45 -16.97 9.09
CA GLN D 12 -12.45 -16.74 10.51
C GLN D 12 -11.83 -15.38 10.76
N ILE D 13 -12.37 -14.66 11.74
CA ILE D 13 -11.90 -13.32 12.09
C ILE D 13 -11.88 -13.15 13.62
N ASP D 14 -10.91 -12.40 14.15
CA ASP D 14 -10.88 -12.09 15.58
C ASP D 14 -10.37 -10.69 15.82
N ALA D 15 -10.98 -10.01 16.79
CA ALA D 15 -10.61 -8.65 17.10
C ALA D 15 -10.39 -8.51 18.59
N GLY D 16 -9.37 -7.74 18.94
CA GLY D 16 -9.04 -7.49 20.35
C GLY D 16 -7.79 -6.65 20.48
N SER D 17 -7.70 -5.87 21.55
CA SER D 17 -6.53 -5.03 21.84
C SER D 17 -6.28 -4.01 20.74
N GLY D 18 -7.35 -3.69 19.99
CA GLY D 18 -7.27 -2.73 18.89
C GLY D 18 -6.77 -3.35 17.60
N SER D 19 -6.46 -4.65 17.65
CA SER D 19 -6.04 -5.38 16.44
C SER D 19 -7.22 -6.15 15.84
N VAL D 20 -7.07 -6.52 14.57
CA VAL D 20 -8.04 -7.37 13.87
C VAL D 20 -7.24 -8.33 13.00
N VAL D 21 -7.49 -9.63 13.21
CA VAL D 21 -6.77 -10.67 12.46
C VAL D 21 -7.73 -11.71 11.91
N GLY D 22 -7.25 -12.54 10.99
CA GLY D 22 -8.07 -13.62 10.48
C GLY D 22 -7.27 -14.54 9.61
N VAL D 23 -7.93 -15.61 9.15
CA VAL D 23 -7.33 -16.52 8.18
C VAL D 23 -8.32 -16.80 7.05
N ASN D 24 -7.81 -17.14 5.87
CA ASN D 24 -8.71 -17.53 4.75
C ASN D 24 -8.73 -19.05 4.52
N ASN D 25 -9.40 -19.50 3.46
CA ASN D 25 -9.53 -20.94 3.19
C ASN D 25 -8.20 -21.62 2.88
N LEU D 26 -7.20 -20.85 2.46
CA LEU D 26 -5.88 -21.39 2.22
C LEU D 26 -5.02 -21.43 3.50
N ASN D 27 -5.60 -21.00 4.61
CA ASN D 27 -4.87 -20.86 5.88
C ASN D 27 -3.75 -19.84 5.84
N GLU D 28 -3.89 -18.88 4.93
CA GLU D 28 -3.09 -17.67 4.97
C GLU D 28 -3.57 -16.80 6.13
N THR D 29 -2.62 -16.13 6.77
CA THR D 29 -2.84 -15.35 7.99
C THR D 29 -2.81 -13.86 7.67
N PHE D 30 -3.77 -13.11 8.21
CA PHE D 30 -3.92 -11.69 7.90
C PHE D 30 -3.98 -10.83 9.15
N VAL D 31 -3.49 -9.61 9.03
CA VAL D 31 -3.60 -8.60 10.08
C VAL D 31 -4.17 -7.36 9.39
N LEU D 32 -5.11 -6.68 10.06
CA LEU D 32 -5.64 -5.45 9.52
C LEU D 32 -4.63 -4.31 9.73
N ILE D 33 -3.95 -3.91 8.65
CA ILE D 33 -2.91 -2.89 8.74
C ILE D 33 -3.32 -1.73 7.84
N ASP D 34 -3.47 -0.55 8.43
CA ASP D 34 -3.93 0.64 7.71
C ASP D 34 -5.15 0.30 6.86
N ASN D 35 -6.10 -0.37 7.51
CA ASN D 35 -7.42 -0.68 6.95
C ASN D 35 -7.44 -1.67 5.81
N VAL D 36 -6.33 -2.40 5.65
CA VAL D 36 -6.23 -3.43 4.62
C VAL D 36 -5.85 -4.74 5.31
N PHE D 37 -6.61 -5.80 5.05
CA PHE D 37 -6.23 -7.12 5.52
C PHE D 37 -4.97 -7.53 4.79
N THR D 38 -3.88 -7.63 5.53
CA THR D 38 -2.55 -7.79 4.98
C THR D 38 -1.98 -9.17 5.34
N LYS D 39 -1.62 -9.96 4.33
CA LYS D 39 -1.05 -11.27 4.59
C LYS D 39 0.32 -11.15 5.26
N ILE D 40 0.52 -11.91 6.34
CA ILE D 40 1.84 -12.13 6.96
C ILE D 40 2.22 -13.60 6.84
N SER D 41 3.46 -13.95 7.08
CA SER D 41 3.90 -15.34 6.92
C SER D 41 3.20 -16.26 7.93
N GLY D 42 2.97 -17.50 7.52
CA GLY D 42 2.39 -18.48 8.41
C GLY D 42 1.21 -19.19 7.82
N SER D 43 0.95 -20.40 8.30
CA SER D 43 -0.23 -21.14 7.91
C SER D 43 -0.99 -21.48 9.18
N LEU D 44 -2.18 -20.91 9.32
CA LEU D 44 -3.02 -21.20 10.48
C LEU D 44 -4.46 -21.39 10.03
N LYS D 45 -5.22 -22.23 10.74
CA LYS D 45 -6.64 -22.39 10.43
C LYS D 45 -7.53 -21.56 11.37
N HIS D 46 -6.90 -20.97 12.39
CA HIS D 46 -7.57 -20.07 13.34
C HIS D 46 -6.53 -19.12 13.92
N PHE D 47 -6.82 -17.83 13.93
CA PHE D 47 -5.86 -16.81 14.39
C PHE D 47 -6.60 -15.81 15.26
N SER D 48 -6.09 -15.61 16.48
CA SER D 48 -6.78 -14.80 17.49
C SER D 48 -5.86 -13.71 18.02
N VAL D 49 -6.43 -12.57 18.40
CA VAL D 49 -5.64 -11.49 18.97
C VAL D 49 -6.42 -10.88 20.11
N GLY D 50 -5.70 -10.55 21.17
CA GLY D 50 -6.29 -9.88 22.33
C GLY D 50 -5.19 -9.57 23.32
N PRO D 51 -5.57 -9.27 24.57
CA PRO D 51 -4.59 -8.91 25.60
C PRO D 51 -3.55 -9.97 25.92
N ALA D 52 -3.82 -11.23 25.55
CA ALA D 52 -2.86 -12.31 25.77
C ALA D 52 -1.89 -12.54 24.60
N GLY D 53 -2.05 -11.78 23.51
CA GLY D 53 -1.11 -11.87 22.38
C GLY D 53 -1.75 -12.22 21.06
N GLN D 54 -0.92 -12.72 20.13
CA GLN D 54 -1.41 -13.17 18.84
C GLN D 54 -1.18 -14.68 18.78
N LEU D 55 -2.26 -15.42 18.82
CA LEU D 55 -2.21 -16.88 18.99
C LEU D 55 -3.00 -17.55 17.89
N GLY D 56 -2.46 -18.64 17.36
CA GLY D 56 -3.18 -19.38 16.34
C GLY D 56 -2.89 -20.87 16.38
N VAL D 57 -3.66 -21.63 15.60
CA VAL D 57 -3.36 -23.06 15.45
C VAL D 57 -3.35 -23.42 13.98
N ASN D 58 -2.59 -24.44 13.60
CA ASN D 58 -2.56 -24.87 12.21
C ASN D 58 -3.36 -26.16 11.96
N THR D 59 -3.29 -26.67 10.74
CA THR D 59 -4.04 -27.88 10.36
C THR D 59 -3.69 -29.09 11.25
N ALA D 60 -2.42 -29.20 11.65
CA ALA D 60 -1.95 -30.29 12.52
C ALA D 60 -2.33 -30.07 14.00
N ASN D 61 -3.03 -28.98 14.26
CA ASN D 61 -3.43 -28.56 15.61
C ASN D 61 -2.26 -28.14 16.50
N ASN D 62 -1.13 -27.87 15.88
CA ASN D 62 -0.02 -27.27 16.61
C ASN D 62 -0.33 -25.81 16.89
N ILE D 63 0.23 -25.30 17.98
CA ILE D 63 -0.09 -23.97 18.53
C ILE D 63 1.05 -22.98 18.27
N PHE D 64 0.70 -21.77 17.83
CA PHE D 64 1.72 -20.78 17.48
C PHE D 64 1.42 -19.45 18.12
N LYS D 65 2.47 -18.75 18.52
CA LYS D 65 2.34 -17.42 19.09
C LYS D 65 3.27 -16.48 18.33
N TYR D 66 2.75 -15.32 17.93
CA TYR D 66 3.61 -14.37 17.27
C TYR D 66 4.48 -13.73 18.33
N GLN D 67 5.79 -13.91 18.20
CA GLN D 67 6.73 -13.24 19.12
C GLN D 67 8.03 -12.89 18.44
N SER D 68 8.52 -11.69 18.74
CA SER D 68 9.87 -11.26 18.37
C SER D 68 10.11 -11.36 16.86
N GLY D 69 9.08 -11.09 16.08
CA GLY D 69 9.24 -10.99 14.63
C GLY D 69 8.60 -12.09 13.79
N GLY D 70 8.01 -13.10 14.42
CA GLY D 70 7.45 -14.22 13.66
C GLY D 70 6.73 -15.20 14.56
N PHE D 71 6.06 -16.19 13.98
CA PHE D 71 5.40 -17.21 14.77
C PHE D 71 6.38 -18.20 15.40
N VAL D 72 6.13 -18.50 16.67
CA VAL D 72 6.91 -19.47 17.43
C VAL D 72 5.95 -20.55 17.91
N GLN D 73 6.35 -21.81 17.77
CA GLN D 73 5.51 -22.93 18.20
C GLN D 73 5.55 -23.11 19.71
N LEU D 74 4.37 -23.19 20.30
CA LEU D 74 4.22 -23.55 21.70
C LEU D 74 3.86 -25.03 21.80
N ALA D 75 4.21 -25.66 22.91
CA ALA D 75 3.93 -27.08 23.07
C ALA D 75 2.44 -27.33 23.30
N GLY D 76 1.92 -28.36 22.64
CA GLY D 76 0.55 -28.80 22.84
C GLY D 76 -0.28 -28.89 21.58
N LEU D 77 -1.55 -29.26 21.72
CA LEU D 77 -2.44 -29.44 20.58
C LEU D 77 -3.81 -28.81 20.84
N LEU D 78 -4.20 -27.91 19.93
CA LEU D 78 -5.51 -27.27 19.99
C LEU D 78 -6.06 -27.08 18.59
N LYS D 79 -7.39 -27.22 18.43
CA LYS D 79 -8.03 -26.95 17.14
C LYS D 79 -8.55 -25.52 17.04
N GLN D 80 -8.65 -24.85 18.18
CA GLN D 80 -9.07 -23.45 18.23
C GLN D 80 -8.44 -22.85 19.48
N VAL D 81 -8.06 -21.58 19.38
CA VAL D 81 -7.36 -20.91 20.47
C VAL D 81 -7.81 -19.45 20.52
N ASP D 82 -7.85 -18.90 21.74
CA ASP D 82 -8.28 -17.53 21.95
C ASP D 82 -7.36 -16.73 22.87
N ALA D 83 -7.18 -15.46 22.52
CA ALA D 83 -6.25 -14.56 23.22
C ALA D 83 -6.94 -13.36 23.85
N GLY D 84 -8.27 -13.40 23.93
CA GLY D 84 -9.07 -12.31 24.52
C GLY D 84 -9.04 -12.20 26.03
N GLY D 85 -8.61 -13.25 26.71
CA GLY D 85 -8.56 -13.25 28.18
C GLY D 85 -7.52 -12.30 28.75
N ASP D 86 -7.51 -12.17 30.07
CA ASP D 86 -6.63 -11.23 30.75
C ASP D 86 -5.21 -11.76 30.87
N GLN D 87 -4.51 -11.79 29.73
CA GLN D 87 -3.15 -12.34 29.60
C GLN D 87 -3.09 -13.86 29.72
N ILE D 88 -4.25 -14.50 29.71
CA ILE D 88 -4.34 -15.96 29.69
C ILE D 88 -4.66 -16.44 28.29
N ILE D 89 -4.31 -17.68 27.98
CA ILE D 89 -4.71 -18.29 26.71
C ILE D 89 -5.75 -19.35 27.00
N ALA D 90 -6.69 -19.55 26.08
CA ALA D 90 -7.65 -20.63 26.21
C ALA D 90 -7.94 -21.27 24.86
N GLY D 91 -8.44 -22.50 24.89
CA GLY D 91 -8.84 -23.15 23.65
C GLY D 91 -9.32 -24.55 23.88
N VAL D 92 -9.58 -25.25 22.77
CA VAL D 92 -10.10 -26.61 22.82
C VAL D 92 -9.27 -27.46 21.84
N ASN D 93 -9.16 -28.75 22.11
CA ASN D 93 -8.46 -29.66 21.22
C ASN D 93 -9.41 -30.47 20.34
N MET D 94 -8.87 -31.42 19.58
CA MET D 94 -9.64 -32.16 18.61
C MET D 94 -10.69 -33.09 19.21
N TYR D 95 -10.62 -33.33 20.53
CA TYR D 95 -11.62 -34.17 21.23
C TYR D 95 -12.49 -33.32 22.14
N ASP D 96 -12.45 -32.02 21.89
CA ASP D 96 -13.25 -31.03 22.61
C ASP D 96 -12.88 -30.92 24.08
N ASP D 97 -11.65 -31.34 24.40
CA ASP D 97 -11.07 -31.04 25.70
C ASP D 97 -10.71 -29.55 25.77
N ILE D 98 -10.81 -29.00 26.98
CA ILE D 98 -10.72 -27.56 27.18
C ILE D 98 -9.45 -27.25 27.96
N TYR D 99 -8.72 -26.24 27.50
CA TYR D 99 -7.46 -25.86 28.13
C TYR D 99 -7.34 -24.37 28.34
N CYS D 100 -6.52 -24.00 29.33
CA CYS D 100 -6.13 -22.61 29.52
C CYS D 100 -4.70 -22.53 30.02
N LEU D 101 -4.05 -21.40 29.74
CA LEU D 101 -2.70 -21.14 30.23
C LEU D 101 -2.71 -19.86 31.05
N ASN D 102 -2.16 -19.95 32.25
CA ASN D 102 -2.09 -18.78 33.14
C ASN D 102 -1.12 -17.72 32.65
N MET D 103 -1.38 -16.48 33.06
CA MET D 103 -0.61 -15.31 32.64
C MET D 103 0.91 -15.48 32.85
N ASP D 104 1.32 -15.94 34.03
CA ASP D 104 2.74 -16.07 34.34
C ASP D 104 3.42 -17.09 33.42
N ALA D 105 2.67 -18.13 33.03
CA ALA D 105 3.19 -19.10 32.09
C ALA D 105 3.19 -18.54 30.65
N ASN D 106 2.14 -17.83 30.28
CA ASN D 106 2.08 -17.15 28.98
C ASN D 106 3.31 -16.25 28.75
N ASN D 107 3.70 -15.51 29.77
CA ASN D 107 4.76 -14.50 29.64
C ASN D 107 6.19 -14.99 29.86
N LYS D 108 6.34 -16.28 30.19
CA LYS D 108 7.66 -16.87 30.41
C LYS D 108 8.28 -17.42 29.11
N TRP D 109 9.44 -16.90 28.75
CA TRP D 109 10.17 -17.40 27.59
C TRP D 109 11.67 -17.13 27.77
N PRO D 110 12.53 -18.13 27.50
CA PRO D 110 12.20 -19.50 27.11
C PRO D 110 11.56 -20.26 28.27
N SER D 111 10.88 -21.36 27.96
CA SER D 111 10.43 -22.30 28.97
C SER D 111 10.77 -23.73 28.55
N SER D 112 10.90 -24.62 29.53
CA SER D 112 11.11 -26.05 29.24
C SER D 112 9.77 -26.78 29.15
N ASN D 113 8.68 -26.02 29.23
CA ASN D 113 7.33 -26.57 29.38
C ASN D 113 6.27 -25.47 29.17
N THR D 114 5.17 -25.84 28.50
CA THR D 114 3.97 -25.00 28.49
C THR D 114 2.89 -25.70 29.36
N PRO D 115 2.74 -25.25 30.63
CA PRO D 115 1.90 -25.94 31.63
C PRO D 115 0.39 -25.70 31.49
N TRP D 116 -0.18 -26.23 30.41
CA TRP D 116 -1.62 -26.15 30.16
C TRP D 116 -2.43 -26.73 31.32
N VAL D 117 -3.52 -26.05 31.63
CA VAL D 117 -4.47 -26.53 32.64
C VAL D 117 -5.69 -27.06 31.90
N GLN D 118 -6.05 -28.31 32.14
CA GLN D 118 -7.26 -28.87 31.53
C GLN D 118 -8.48 -28.65 32.41
N LEU D 119 -9.47 -27.97 31.85
CA LEU D 119 -10.71 -27.70 32.58
C LEU D 119 -11.62 -28.91 32.46
N ASN D 120 -12.52 -29.09 33.43
CA ASN D 120 -13.48 -30.17 33.38
C ASN D 120 -14.59 -29.83 32.40
N GLY D 121 -14.81 -30.68 31.41
CA GLY D 121 -15.91 -30.48 30.47
C GLY D 121 -15.53 -30.72 29.01
N LYS D 122 -16.47 -30.42 28.12
CA LYS D 122 -16.29 -30.58 26.68
C LYS D 122 -16.84 -29.37 25.93
N LEU D 123 -15.99 -28.76 25.10
CA LEU D 123 -16.41 -27.67 24.23
C LEU D 123 -15.72 -27.76 22.87
N LYS D 124 -16.38 -27.27 21.83
CA LYS D 124 -15.79 -27.23 20.49
C LYS D 124 -15.28 -25.83 20.16
N TYR D 125 -15.58 -24.85 21.02
CA TYR D 125 -15.16 -23.47 20.80
C TYR D 125 -15.15 -22.75 22.15
N TYR D 126 -14.09 -22.00 22.42
CA TYR D 126 -13.92 -21.37 23.74
C TYR D 126 -13.22 -20.05 23.61
N SER D 127 -13.81 -19.00 24.19
CA SER D 127 -13.31 -17.63 24.06
C SER D 127 -13.32 -16.94 25.41
N CYS D 128 -12.28 -16.15 25.68
CA CYS D 128 -12.18 -15.46 26.96
C CYS D 128 -12.23 -13.93 26.88
N GLY D 129 -12.77 -13.31 27.93
CA GLY D 129 -12.74 -11.86 28.09
C GLY D 129 -12.13 -11.52 29.45
N PRO D 130 -12.39 -10.29 29.94
CA PRO D 130 -11.73 -9.77 31.15
C PRO D 130 -11.97 -10.54 32.46
N TYR D 131 -13.13 -11.15 32.63
CA TYR D 131 -13.47 -11.80 33.91
C TYR D 131 -14.16 -13.17 33.77
N SER D 132 -14.28 -13.65 32.54
CA SER D 132 -15.01 -14.90 32.25
C SER D 132 -14.64 -15.45 30.87
N CYS D 133 -15.01 -16.70 30.63
CA CYS D 133 -14.88 -17.28 29.28
C CYS D 133 -16.18 -17.96 28.90
N TRP D 134 -16.51 -17.92 27.61
CA TRP D 134 -17.72 -18.52 27.08
C TRP D 134 -17.35 -19.56 26.02
N GLY D 135 -18.16 -20.61 25.93
CA GLY D 135 -17.92 -21.62 24.91
C GLY D 135 -19.20 -22.31 24.47
N VAL D 136 -19.10 -23.06 23.39
CA VAL D 136 -20.19 -23.94 22.96
C VAL D 136 -19.70 -25.38 22.81
N ASN D 137 -20.57 -26.35 23.06
CA ASN D 137 -20.21 -27.75 22.84
C ASN D 137 -20.65 -28.26 21.46
N SER D 138 -20.41 -29.54 21.19
CA SER D 138 -20.70 -30.14 19.88
C SER D 138 -22.20 -30.19 19.54
N ASN D 139 -23.05 -30.06 20.56
CA ASN D 139 -24.49 -29.95 20.38
C ASN D 139 -24.99 -28.50 20.35
N ASP D 140 -24.05 -27.56 20.28
CA ASP D 140 -24.32 -26.11 20.21
C ASP D 140 -24.90 -25.50 21.50
N GLN D 141 -24.81 -26.25 22.60
CA GLN D 141 -25.17 -25.71 23.91
C GLN D 141 -24.09 -24.75 24.40
N ILE D 142 -24.53 -23.72 25.12
CA ILE D 142 -23.69 -22.58 25.46
C ILE D 142 -23.32 -22.63 26.94
N PHE D 143 -22.07 -22.30 27.24
CA PHE D 143 -21.60 -22.35 28.62
C PHE D 143 -20.76 -21.14 28.98
N ILE D 144 -20.88 -20.69 30.24
CA ILE D 144 -19.99 -19.66 30.76
C ILE D 144 -19.11 -20.22 31.90
N MET D 145 -17.84 -19.83 31.91
CA MET D 145 -17.02 -20.05 33.11
C MET D 145 -16.82 -18.70 33.80
N LYS D 146 -17.35 -18.59 35.01
CA LYS D 146 -17.25 -17.37 35.81
C LYS D 146 -15.95 -17.33 36.61
N ASP D 147 -15.65 -16.15 37.16
CA ASP D 147 -14.52 -15.96 38.09
C ASP D 147 -13.15 -16.33 37.52
N VAL D 148 -12.97 -16.11 36.22
CA VAL D 148 -11.71 -16.38 35.55
C VAL D 148 -10.74 -15.22 35.83
N SER D 149 -9.50 -15.53 36.17
CA SER D 149 -8.50 -14.51 36.46
C SER D 149 -7.13 -14.83 35.88
N SER D 150 -6.28 -13.80 35.82
CA SER D 150 -4.94 -13.90 35.24
C SER D 150 -4.12 -15.12 35.69
N ASN D 151 -4.19 -15.48 36.96
CA ASN D 151 -3.45 -16.65 37.43
C ASN D 151 -4.31 -17.78 38.03
N VAL D 152 -5.62 -17.67 37.82
CA VAL D 152 -6.57 -18.79 37.99
C VAL D 152 -7.41 -18.86 36.70
N CYS D 153 -6.77 -19.27 35.61
CA CYS D 153 -7.44 -19.27 34.30
C CYS D 153 -8.66 -20.21 34.25
N SER D 154 -8.66 -21.26 35.07
CA SER D 154 -9.78 -22.21 35.11
C SER D 154 -11.03 -21.69 35.84
N GLY D 155 -10.91 -20.53 36.49
CA GLY D 155 -12.05 -19.84 37.10
C GLY D 155 -12.63 -20.61 38.28
N SER D 156 -13.96 -20.59 38.38
CA SER D 156 -14.68 -21.31 39.45
C SER D 156 -14.52 -22.82 39.32
N GLY D 157 -14.12 -23.28 38.14
CA GLY D 157 -13.97 -24.69 37.87
C GLY D 157 -15.24 -25.38 37.41
N SER D 158 -16.37 -24.67 37.46
CA SER D 158 -17.66 -25.27 37.10
C SER D 158 -18.43 -24.48 36.04
N PHE D 159 -18.57 -25.07 34.87
CA PHE D 159 -19.32 -24.47 33.75
C PHE D 159 -20.81 -24.34 34.04
N ILE D 160 -21.39 -23.20 33.68
CA ILE D 160 -22.83 -22.95 33.81
C ILE D 160 -23.47 -22.91 32.42
N ASN D 161 -24.47 -23.76 32.19
CA ASN D 161 -25.23 -23.73 30.94
C ASN D 161 -26.09 -22.49 30.81
N ILE D 162 -25.93 -21.78 29.69
CA ILE D 162 -26.76 -20.62 29.36
C ILE D 162 -27.72 -21.04 28.24
N PRO D 163 -29.05 -20.95 28.48
CA PRO D 163 -30.02 -21.37 27.45
C PRO D 163 -29.80 -20.75 26.06
N GLY D 164 -30.00 -21.56 25.04
CA GLY D 164 -29.85 -21.14 23.66
C GLY D 164 -28.92 -22.06 22.89
N LEU D 165 -28.73 -21.76 21.61
CA LEU D 165 -27.86 -22.55 20.76
C LEU D 165 -26.97 -21.63 19.91
N LEU D 166 -25.68 -21.95 19.88
CA LEU D 166 -24.71 -21.25 19.04
C LEU D 166 -23.62 -22.21 18.56
N SER D 167 -23.06 -21.91 17.39
CA SER D 167 -21.99 -22.73 16.81
C SER D 167 -20.60 -22.16 17.13
N MET D 168 -20.52 -20.85 17.32
CA MET D 168 -19.31 -20.22 17.85
C MET D 168 -19.66 -18.99 18.68
N ILE D 169 -18.70 -18.50 19.45
CA ILE D 169 -18.98 -17.41 20.39
C ILE D 169 -17.69 -16.68 20.75
N GLU D 170 -17.76 -15.35 20.84
CA GLU D 170 -16.58 -14.56 21.16
C GLU D 170 -16.87 -13.55 22.25
N VAL D 171 -15.88 -13.33 23.13
CA VAL D 171 -16.00 -12.38 24.26
C VAL D 171 -14.98 -11.25 24.06
N ALA D 172 -15.46 -10.01 24.10
CA ALA D 172 -14.63 -8.85 23.81
C ALA D 172 -13.95 -8.30 25.07
N THR D 173 -13.00 -7.38 24.88
CA THR D 173 -12.23 -6.81 26.02
C THR D 173 -13.08 -5.96 26.95
N ASP D 174 -14.20 -5.43 26.43
CA ASP D 174 -15.15 -4.66 27.25
C ASP D 174 -16.29 -5.54 27.76
N GLY D 175 -16.17 -6.85 27.56
CA GLY D 175 -17.13 -7.80 28.10
C GLY D 175 -18.21 -8.27 27.13
N SER D 176 -18.31 -7.61 25.97
CA SER D 176 -19.38 -7.91 25.00
C SER D 176 -19.30 -9.36 24.52
N VAL D 177 -20.46 -9.97 24.33
CA VAL D 177 -20.54 -11.36 23.91
C VAL D 177 -21.40 -11.46 22.65
N PHE D 178 -20.83 -11.99 21.58
CA PHE D 178 -21.55 -12.24 20.34
C PHE D 178 -21.33 -13.67 19.86
N GLY D 179 -22.26 -14.19 19.08
CA GLY D 179 -22.08 -15.50 18.48
C GLY D 179 -22.92 -15.70 17.24
N VAL D 180 -22.64 -16.80 16.55
CA VAL D 180 -23.36 -17.18 15.33
C VAL D 180 -23.88 -18.59 15.54
N ASN D 181 -25.12 -18.86 15.15
CA ASN D 181 -25.67 -20.20 15.29
C ASN D 181 -25.50 -21.05 14.01
N SER D 182 -25.94 -22.30 14.05
CA SER D 182 -25.76 -23.21 12.91
C SER D 182 -26.59 -22.82 11.67
N GLN D 183 -27.62 -22.01 11.87
CA GLN D 183 -28.43 -21.53 10.75
C GLN D 183 -27.86 -20.25 10.15
N GLY D 184 -26.75 -19.76 10.71
CA GLY D 184 -26.10 -18.54 10.21
C GLY D 184 -26.65 -17.24 10.76
N ASN D 185 -27.43 -17.33 11.85
CA ASN D 185 -27.95 -16.14 12.52
C ASN D 185 -26.96 -15.59 13.55
N LEU D 186 -27.05 -14.28 13.76
CA LEU D 186 -26.12 -13.57 14.64
C LEU D 186 -26.84 -13.03 15.87
N TYR D 187 -26.23 -13.25 17.04
CA TYR D 187 -26.81 -12.85 18.31
C TYR D 187 -25.80 -12.10 19.17
N GLN D 188 -26.32 -11.14 19.95
CA GLN D 188 -25.57 -10.54 21.06
C GLN D 188 -26.21 -10.98 22.35
N ARG D 189 -25.39 -11.12 23.39
CA ARG D 189 -25.88 -11.29 24.76
C ARG D 189 -26.05 -9.91 25.39
N THR D 190 -27.25 -9.62 25.87
CA THR D 190 -27.51 -8.34 26.53
C THR D 190 -27.23 -8.43 28.03
N GLY D 191 -26.98 -7.28 28.67
CA GLY D 191 -26.87 -7.19 30.13
C GLY D 191 -25.60 -7.73 30.77
N VAL D 192 -24.56 -7.94 29.97
CA VAL D 192 -23.31 -8.49 30.46
C VAL D 192 -22.43 -7.41 31.11
N THR D 193 -22.12 -7.61 32.38
CA THR D 193 -21.16 -6.76 33.09
C THR D 193 -20.37 -7.64 34.07
N ARG D 194 -19.30 -7.09 34.64
CA ARG D 194 -18.51 -7.77 35.67
C ARG D 194 -19.39 -8.32 36.81
N SER D 195 -20.42 -7.55 37.19
CA SER D 195 -21.38 -7.95 38.22
C SER D 195 -22.39 -9.00 37.77
N LYS D 196 -22.70 -9.00 36.47
CA LYS D 196 -23.67 -9.90 35.90
C LYS D 196 -23.04 -10.54 34.64
N PRO D 197 -22.09 -11.47 34.85
CA PRO D 197 -21.30 -11.98 33.72
C PRO D 197 -22.11 -12.84 32.74
N ASP D 198 -23.14 -13.51 33.24
CA ASP D 198 -23.99 -14.34 32.39
C ASP D 198 -24.98 -13.54 31.53
N GLY D 199 -25.13 -12.25 31.86
CA GLY D 199 -26.03 -11.35 31.13
C GLY D 199 -27.49 -11.71 31.33
N THR D 200 -28.34 -11.24 30.43
CA THR D 200 -29.79 -11.38 30.59
C THR D 200 -30.46 -12.17 29.47
N ASP D 201 -30.23 -11.75 28.22
CA ASP D 201 -30.97 -12.29 27.07
C ASP D 201 -30.10 -12.35 25.81
N TRP D 202 -30.62 -12.99 24.78
CA TRP D 202 -30.02 -12.93 23.45
C TRP D 202 -30.86 -12.01 22.57
N ILE D 203 -30.21 -11.20 21.74
CA ILE D 203 -30.93 -10.44 20.72
C ILE D 203 -30.27 -10.69 19.36
N SER D 204 -31.10 -10.92 18.34
CA SER D 204 -30.60 -11.14 16.99
C SER D 204 -30.30 -9.82 16.30
N MET D 205 -29.45 -9.88 15.28
CA MET D 205 -29.19 -8.74 14.42
C MET D 205 -28.65 -9.26 13.09
N VAL D 206 -28.72 -8.42 12.06
CA VAL D 206 -28.32 -8.84 10.72
C VAL D 206 -27.29 -7.90 10.11
N ALA D 207 -26.12 -8.47 9.79
CA ALA D 207 -25.06 -7.76 9.09
C ALA D 207 -24.90 -8.34 7.70
N CYS D 208 -24.95 -9.66 7.61
CA CYS D 208 -24.82 -10.41 6.35
C CYS D 208 -26.21 -10.80 5.86
N PRO D 209 -26.64 -10.24 4.72
CA PRO D 209 -27.94 -10.62 4.15
C PRO D 209 -28.01 -12.09 3.73
N ASN D 210 -26.85 -12.69 3.47
CA ASN D 210 -26.73 -14.06 2.98
C ASN D 210 -26.49 -15.11 4.09
N GLY D 211 -26.42 -14.67 5.34
CA GLY D 211 -26.06 -15.55 6.45
C GLY D 211 -24.67 -15.25 6.98
N HIS D 212 -24.50 -15.43 8.28
CA HIS D 212 -23.24 -15.15 8.97
C HIS D 212 -22.47 -16.43 9.22
N LYS D 213 -21.15 -16.32 9.19
CA LYS D 213 -20.23 -17.45 9.43
C LYS D 213 -19.42 -17.29 10.72
N HIS D 214 -18.93 -16.09 10.96
CA HIS D 214 -18.04 -15.84 12.10
C HIS D 214 -18.16 -14.41 12.57
N VAL D 215 -17.93 -14.20 13.85
CA VAL D 215 -18.10 -12.89 14.47
C VAL D 215 -17.05 -12.64 15.54
N SER D 216 -16.59 -11.39 15.60
CA SER D 216 -15.78 -10.89 16.70
C SER D 216 -16.02 -9.38 16.89
N PHE D 217 -15.72 -8.88 18.09
CA PHE D 217 -16.04 -7.49 18.44
C PHE D 217 -14.87 -6.90 19.20
N ASP D 218 -14.53 -5.65 18.92
CA ASP D 218 -13.51 -4.96 19.68
C ASP D 218 -13.70 -3.47 19.58
N LEU D 219 -13.65 -2.79 20.72
CA LEU D 219 -13.63 -1.31 20.76
C LEU D 219 -14.69 -0.67 19.87
N GLY D 220 -15.93 -1.12 20.04
CA GLY D 220 -17.08 -0.47 19.38
C GLY D 220 -17.31 -0.85 17.93
N VAL D 221 -16.59 -1.85 17.45
CA VAL D 221 -16.75 -2.32 16.09
C VAL D 221 -16.97 -3.82 16.06
N LEU D 222 -18.06 -4.21 15.39
CA LEU D 222 -18.41 -5.61 15.20
C LEU D 222 -17.91 -6.05 13.83
N TRP D 223 -17.21 -7.19 13.81
CA TRP D 223 -16.62 -7.73 12.60
C TRP D 223 -17.29 -9.05 12.23
N LEU D 224 -17.76 -9.14 10.99
CA LEU D 224 -18.37 -10.38 10.51
C LEU D 224 -17.64 -11.00 9.34
N VAL D 225 -17.58 -12.32 9.34
CA VAL D 225 -17.35 -13.07 8.12
C VAL D 225 -18.71 -13.65 7.70
N CYS D 226 -19.12 -13.36 6.47
CA CYS D 226 -20.39 -13.87 5.94
C CYS D 226 -20.19 -15.25 5.33
N VAL D 227 -21.28 -15.91 4.94
CA VAL D 227 -21.20 -17.30 4.44
C VAL D 227 -20.27 -17.46 3.23
N ASP D 228 -20.20 -16.42 2.40
CA ASP D 228 -19.33 -16.42 1.22
C ASP D 228 -17.88 -16.01 1.52
N GLY D 229 -17.57 -15.75 2.78
CA GLY D 229 -16.21 -15.36 3.17
C GLY D 229 -15.96 -13.86 3.16
N SER D 230 -16.91 -13.10 2.61
CA SER D 230 -16.76 -11.65 2.57
C SER D 230 -16.88 -11.07 3.99
N ILE D 231 -16.49 -9.81 4.15
CA ILE D 231 -16.33 -9.21 5.47
C ILE D 231 -17.30 -8.04 5.66
N ARG D 232 -17.93 -7.97 6.82
CA ARG D 232 -18.68 -6.77 7.23
C ARG D 232 -18.03 -6.13 8.46
N LYS D 233 -18.05 -4.79 8.48
CA LYS D 233 -17.62 -4.01 9.62
C LYS D 233 -18.85 -3.21 10.03
N CYS D 234 -19.25 -3.34 11.30
CA CYS D 234 -20.50 -2.74 11.75
C CYS D 234 -20.35 -1.95 13.03
N ILE D 235 -21.20 -0.95 13.18
CA ILE D 235 -21.29 -0.15 14.40
C ILE D 235 -22.71 -0.30 14.92
N LEU D 236 -22.83 -0.66 16.19
CA LEU D 236 -24.13 -0.82 16.83
C LEU D 236 -24.78 0.56 17.04
N THR D 237 -26.09 0.64 16.83
CA THR D 237 -26.80 1.91 16.88
C THR D 237 -26.94 2.43 18.32
N LEU E 1 -9.74 -29.35 -3.57
CA LEU E 1 -9.27 -28.00 -3.99
C LEU E 1 -9.69 -26.96 -2.96
N ASP E 2 -8.71 -26.26 -2.40
CA ASP E 2 -8.99 -25.15 -1.49
C ASP E 2 -8.81 -23.87 -2.28
N CYS E 3 -9.78 -22.97 -2.18
CA CYS E 3 -9.69 -21.67 -2.87
C CYS E 3 -10.08 -20.55 -1.95
N THR E 4 -9.50 -19.38 -2.22
CA THR E 4 -9.95 -18.16 -1.58
C THR E 4 -10.24 -17.15 -2.67
N VAL E 5 -10.99 -16.12 -2.34
CA VAL E 5 -11.10 -15.01 -3.30
C VAL E 5 -10.08 -13.90 -3.06
N ILE E 6 -9.48 -13.45 -4.15
CA ILE E 6 -8.47 -12.41 -4.08
C ILE E 6 -9.10 -11.15 -4.65
N ASP E 7 -8.85 -10.03 -3.99
CA ASP E 7 -9.40 -8.75 -4.43
C ASP E 7 -8.95 -8.40 -5.83
N GLY E 8 -9.85 -7.78 -6.58
CA GLY E 8 -9.56 -7.31 -7.92
C GLY E 8 -10.60 -7.81 -8.91
N ASN E 9 -10.48 -7.36 -10.15
CA ASN E 9 -11.38 -7.78 -11.20
C ASN E 9 -10.64 -7.76 -12.54
N LEU E 10 -10.65 -8.90 -13.21
CA LEU E 10 -9.87 -9.11 -14.41
C LEU E 10 -10.71 -9.79 -15.48
N LYS E 11 -10.21 -9.78 -16.72
CA LYS E 11 -10.73 -10.65 -17.78
C LYS E 11 -9.75 -11.77 -18.16
N GLN E 12 -8.50 -11.65 -17.73
CA GLN E 12 -7.44 -12.57 -18.12
C GLN E 12 -6.34 -12.51 -17.07
N ILE E 13 -5.73 -13.66 -16.79
CA ILE E 13 -4.69 -13.75 -15.77
C ILE E 13 -3.61 -14.69 -16.27
N ASP E 14 -2.37 -14.44 -15.87
CA ASP E 14 -1.29 -15.36 -16.19
C ASP E 14 -0.27 -15.35 -15.08
N ALA E 15 0.29 -16.52 -14.81
CA ALA E 15 1.26 -16.65 -13.74
C ALA E 15 2.47 -17.41 -14.24
N GLY E 16 3.65 -17.01 -13.80
CA GLY E 16 4.89 -17.65 -14.26
C GLY E 16 6.09 -16.97 -13.65
N SER E 17 7.13 -17.76 -13.35
CA SER E 17 8.40 -17.25 -12.81
C SER E 17 8.24 -16.53 -11.49
N GLY E 18 7.21 -16.92 -10.73
CA GLY E 18 6.93 -16.28 -9.45
C GLY E 18 6.10 -15.01 -9.56
N SER E 19 5.76 -14.62 -10.80
CA SER E 19 4.93 -13.43 -11.03
C SER E 19 3.48 -13.81 -11.35
N VAL E 20 2.56 -12.88 -11.12
CA VAL E 20 1.18 -13.05 -11.54
C VAL E 20 0.73 -11.70 -12.13
N VAL E 21 0.18 -11.75 -13.34
CA VAL E 21 -0.21 -10.52 -14.04
C VAL E 21 -1.58 -10.74 -14.68
N GLY E 22 -2.17 -9.66 -15.19
CA GLY E 22 -3.46 -9.78 -15.86
C GLY E 22 -3.95 -8.46 -16.36
N VAL E 23 -5.08 -8.48 -17.05
CA VAL E 23 -5.73 -7.26 -17.52
C VAL E 23 -7.22 -7.28 -17.18
N ASN E 24 -7.84 -6.11 -17.11
CA ASN E 24 -9.28 -6.02 -16.86
C ASN E 24 -10.05 -5.63 -18.13
N ASN E 25 -11.36 -5.45 -18.01
CA ASN E 25 -12.22 -5.08 -19.16
C ASN E 25 -11.85 -3.74 -19.78
N LEU E 26 -11.13 -2.89 -19.05
CA LEU E 26 -10.71 -1.58 -19.59
C LEU E 26 -9.33 -1.67 -20.23
N ASN E 27 -8.78 -2.88 -20.27
CA ASN E 27 -7.42 -3.15 -20.70
C ASN E 27 -6.36 -2.44 -19.89
N GLU E 28 -6.69 -2.18 -18.63
CA GLU E 28 -5.68 -1.76 -17.66
C GLU E 28 -4.86 -2.98 -17.32
N THR E 29 -3.57 -2.75 -17.04
CA THR E 29 -2.58 -3.82 -16.89
C THR E 29 -2.17 -3.94 -15.42
N PHE E 30 -2.17 -5.17 -14.89
CA PHE E 30 -1.91 -5.39 -13.46
C PHE E 30 -0.75 -6.35 -13.20
N VAL E 31 -0.01 -6.09 -12.13
CA VAL E 31 1.00 -7.03 -11.60
C VAL E 31 0.66 -7.26 -10.12
N LEU E 32 0.79 -8.49 -9.64
CA LEU E 32 0.50 -8.79 -8.26
C LEU E 32 1.71 -8.37 -7.43
N ILE E 33 1.63 -7.20 -6.82
CA ILE E 33 2.72 -6.64 -6.01
C ILE E 33 2.29 -6.62 -4.55
N ASP E 34 3.06 -7.30 -3.70
CA ASP E 34 2.74 -7.42 -2.29
C ASP E 34 1.28 -7.84 -2.08
N ASN E 35 0.89 -8.88 -2.80
CA ASN E 35 -0.44 -9.49 -2.71
C ASN E 35 -1.59 -8.62 -3.14
N VAL E 36 -1.26 -7.54 -3.85
CA VAL E 36 -2.29 -6.66 -4.38
C VAL E 36 -2.12 -6.52 -5.89
N PHE E 37 -3.18 -6.79 -6.65
CA PHE E 37 -3.12 -6.55 -8.08
C PHE E 37 -3.04 -5.03 -8.30
N THR E 38 -1.90 -4.62 -8.82
CA THR E 38 -1.52 -3.21 -8.87
C THR E 38 -1.41 -2.78 -10.32
N LYS E 39 -2.14 -1.71 -10.66
CA LYS E 39 -2.14 -1.21 -12.02
C LYS E 39 -0.80 -0.55 -12.34
N ILE E 40 -0.23 -0.91 -13.49
CA ILE E 40 0.93 -0.24 -14.04
C ILE E 40 0.52 0.42 -15.34
N SER E 41 1.35 1.30 -15.89
CA SER E 41 0.96 1.97 -17.14
C SER E 41 0.90 0.97 -18.29
N GLY E 42 0.03 1.25 -19.27
CA GLY E 42 -0.10 0.37 -20.42
C GLY E 42 -1.55 0.00 -20.69
N SER E 43 -1.86 -0.22 -21.95
CA SER E 43 -3.16 -0.72 -22.33
C SER E 43 -2.91 -2.04 -23.07
N LEU E 44 -3.40 -3.13 -22.49
CA LEU E 44 -3.23 -4.46 -23.08
C LEU E 44 -4.50 -5.26 -22.92
N LYS E 45 -4.84 -6.08 -23.94
CA LYS E 45 -5.98 -7.00 -23.82
C LYS E 45 -5.57 -8.41 -23.35
N HIS E 46 -4.27 -8.66 -23.28
CA HIS E 46 -3.73 -9.94 -22.82
C HIS E 46 -2.31 -9.68 -22.33
N PHE E 47 -2.00 -10.14 -21.12
CA PHE E 47 -0.70 -9.88 -20.51
C PHE E 47 -0.18 -11.17 -19.90
N SER E 48 1.01 -11.56 -20.32
CA SER E 48 1.62 -12.85 -19.94
C SER E 48 2.93 -12.65 -19.20
N VAL E 49 3.25 -13.57 -18.30
CA VAL E 49 4.55 -13.51 -17.63
C VAL E 49 5.08 -14.92 -17.43
N GLY E 50 6.38 -15.07 -17.59
CA GLY E 50 7.07 -16.36 -17.45
C GLY E 50 8.55 -16.23 -17.75
N PRO E 51 9.24 -17.36 -17.97
CA PRO E 51 10.70 -17.30 -18.13
C PRO E 51 11.16 -16.49 -19.35
N ALA E 52 10.26 -16.22 -20.29
CA ALA E 52 10.57 -15.44 -21.48
C ALA E 52 10.30 -13.94 -21.30
N GLY E 53 9.79 -13.56 -20.13
CA GLY E 53 9.55 -12.15 -19.82
C GLY E 53 8.12 -11.78 -19.49
N GLN E 54 7.82 -10.48 -19.62
CA GLN E 54 6.48 -9.94 -19.42
C GLN E 54 6.05 -9.43 -20.78
N LEU E 55 5.10 -10.14 -21.38
CA LEU E 55 4.69 -9.88 -22.76
C LEU E 55 3.19 -9.70 -22.86
N GLY E 56 2.78 -8.75 -23.69
CA GLY E 56 1.35 -8.52 -23.88
C GLY E 56 1.02 -8.01 -25.27
N VAL E 57 -0.28 -7.95 -25.57
CA VAL E 57 -0.76 -7.40 -26.84
C VAL E 57 -1.91 -6.43 -26.55
N ASN E 58 -2.03 -5.40 -27.38
CA ASN E 58 -3.14 -4.44 -27.25
C ASN E 58 -4.29 -4.71 -28.25
N THR E 59 -5.31 -3.86 -28.21
CA THR E 59 -6.49 -4.01 -29.07
C THR E 59 -6.09 -4.06 -30.56
N ALA E 60 -5.11 -3.26 -30.94
CA ALA E 60 -4.60 -3.26 -32.32
C ALA E 60 -3.74 -4.47 -32.67
N ASN E 61 -3.58 -5.39 -31.72
CA ASN E 61 -2.73 -6.58 -31.87
C ASN E 61 -1.22 -6.29 -31.96
N ASN E 62 -0.81 -5.10 -31.54
CA ASN E 62 0.62 -4.84 -31.40
C ASN E 62 1.17 -5.57 -30.19
N ILE E 63 2.44 -5.97 -30.26
CA ILE E 63 3.09 -6.75 -29.20
C ILE E 63 3.99 -5.86 -28.36
N PHE E 64 3.90 -6.02 -27.04
CA PHE E 64 4.69 -5.22 -26.11
C PHE E 64 5.43 -6.11 -25.12
N LYS E 65 6.63 -5.68 -24.78
CA LYS E 65 7.46 -6.38 -23.81
C LYS E 65 7.88 -5.37 -22.77
N TYR E 66 7.68 -5.68 -21.49
CA TYR E 66 8.16 -4.80 -20.45
C TYR E 66 9.69 -4.95 -20.41
N GLN E 67 10.38 -3.84 -20.65
CA GLN E 67 11.86 -3.82 -20.56
C GLN E 67 12.38 -2.46 -20.20
N SER E 68 13.36 -2.45 -19.30
CA SER E 68 14.09 -1.25 -18.95
C SER E 68 13.16 -0.15 -18.42
N GLY E 69 12.11 -0.54 -17.71
CA GLY E 69 11.29 0.44 -17.01
C GLY E 69 9.92 0.73 -17.57
N GLY E 70 9.58 0.14 -18.71
CA GLY E 70 8.26 0.29 -19.29
C GLY E 70 8.05 -0.63 -20.47
N PHE E 71 6.82 -0.66 -20.99
CA PHE E 71 6.53 -1.47 -22.17
C PHE E 71 7.17 -0.89 -23.42
N VAL E 72 7.78 -1.76 -24.19
CA VAL E 72 8.30 -1.39 -25.50
C VAL E 72 7.66 -2.25 -26.58
N GLN E 73 7.36 -1.65 -27.72
CA GLN E 73 6.67 -2.35 -28.79
C GLN E 73 7.64 -3.21 -29.60
N LEU E 74 7.28 -4.47 -29.76
CA LEU E 74 8.06 -5.40 -30.58
C LEU E 74 7.54 -5.32 -32.00
N ALA E 75 8.25 -5.96 -32.92
CA ALA E 75 7.76 -6.10 -34.29
C ALA E 75 6.83 -7.30 -34.34
N GLY E 76 5.72 -7.15 -35.04
CA GLY E 76 4.78 -8.25 -35.23
C GLY E 76 3.37 -7.95 -34.79
N LEU E 77 2.45 -8.86 -35.09
CA LEU E 77 1.06 -8.72 -34.66
C LEU E 77 0.59 -10.04 -34.08
N LEU E 78 -0.03 -9.97 -32.89
CA LEU E 78 -0.62 -11.14 -32.25
C LEU E 78 -1.85 -10.70 -31.47
N LYS E 79 -2.87 -11.56 -31.42
CA LYS E 79 -4.06 -11.33 -30.57
C LYS E 79 -3.93 -11.96 -29.19
N GLN E 80 -2.97 -12.86 -29.05
CA GLN E 80 -2.64 -13.48 -27.76
C GLN E 80 -1.15 -13.88 -27.80
N VAL E 81 -0.48 -13.71 -26.67
CA VAL E 81 0.94 -14.01 -26.55
C VAL E 81 1.22 -14.67 -25.20
N ASP E 82 2.19 -15.58 -25.19
CA ASP E 82 2.59 -16.25 -23.97
C ASP E 82 4.10 -16.27 -23.77
N ALA E 83 4.50 -16.10 -22.50
CA ALA E 83 5.89 -16.00 -22.09
C ALA E 83 6.35 -17.17 -21.20
N GLY E 84 5.56 -18.24 -21.16
CA GLY E 84 5.83 -19.37 -20.26
C GLY E 84 6.89 -20.32 -20.76
N GLY E 85 7.24 -20.19 -22.05
CA GLY E 85 8.25 -21.07 -22.65
C GLY E 85 9.64 -20.80 -22.14
N ASP E 86 10.56 -21.63 -22.62
CA ASP E 86 11.94 -21.61 -22.14
C ASP E 86 12.73 -20.48 -22.82
N GLN E 87 12.39 -19.25 -22.40
CA GLN E 87 12.95 -18.01 -22.95
C GLN E 87 12.50 -17.72 -24.38
N ILE E 88 11.50 -18.46 -24.86
CA ILE E 88 10.90 -18.22 -26.18
C ILE E 88 9.57 -17.50 -26.02
N ILE E 89 9.14 -16.80 -27.06
CA ILE E 89 7.81 -16.18 -27.13
C ILE E 89 6.95 -17.02 -28.07
N ALA E 90 5.66 -17.10 -27.76
CA ALA E 90 4.70 -17.82 -28.60
C ALA E 90 3.38 -17.09 -28.63
N GLY E 91 2.60 -17.31 -29.68
CA GLY E 91 1.29 -16.69 -29.75
C GLY E 91 0.55 -17.00 -31.03
N VAL E 92 -0.60 -16.35 -31.19
CA VAL E 92 -1.41 -16.47 -32.40
C VAL E 92 -1.84 -15.08 -32.87
N ASN E 93 -2.03 -14.92 -34.18
CA ASN E 93 -2.49 -13.63 -34.72
C ASN E 93 -3.97 -13.63 -35.02
N MET E 94 -4.46 -12.56 -35.64
CA MET E 94 -5.91 -12.42 -35.78
C MET E 94 -6.55 -13.38 -36.80
N TYR E 95 -5.72 -14.06 -37.58
CA TYR E 95 -6.20 -15.07 -38.54
C TYR E 95 -5.91 -16.49 -38.04
N ASP E 96 -5.61 -16.59 -36.74
CA ASP E 96 -5.28 -17.86 -36.08
C ASP E 96 -3.98 -18.53 -36.58
N ASP E 97 -3.10 -17.73 -37.16
CA ASP E 97 -1.78 -18.21 -37.53
C ASP E 97 -0.90 -18.22 -36.28
N ILE E 98 0.00 -19.19 -36.21
CA ILE E 98 0.73 -19.54 -35.00
C ILE E 98 2.20 -19.14 -35.13
N TYR E 99 2.73 -18.49 -34.11
CA TYR E 99 4.08 -17.96 -34.15
C TYR E 99 4.90 -18.29 -32.92
N CYS E 100 6.20 -18.46 -33.12
CA CYS E 100 7.11 -18.48 -31.98
C CYS E 100 8.37 -17.70 -32.31
N LEU E 101 9.06 -17.25 -31.25
CA LEU E 101 10.33 -16.55 -31.41
C LEU E 101 11.37 -17.25 -30.55
N ASN E 102 12.46 -17.66 -31.17
CA ASN E 102 13.55 -18.35 -30.45
C ASN E 102 14.23 -17.49 -29.38
N MET E 103 14.83 -18.17 -28.42
CA MET E 103 15.49 -17.52 -27.28
C MET E 103 16.50 -16.42 -27.65
N ASP E 104 17.38 -16.70 -28.62
CA ASP E 104 18.41 -15.75 -28.98
C ASP E 104 17.82 -14.48 -29.60
N ALA E 105 16.73 -14.65 -30.34
CA ALA E 105 16.01 -13.52 -30.91
C ALA E 105 15.27 -12.73 -29.84
N ASN E 106 14.63 -13.45 -28.90
CA ASN E 106 13.96 -12.81 -27.77
C ASN E 106 14.89 -11.92 -26.93
N ASN E 107 16.13 -12.39 -26.73
CA ASN E 107 17.09 -11.67 -25.88
C ASN E 107 17.94 -10.61 -26.59
N LYS E 108 17.70 -10.47 -27.91
CA LYS E 108 18.42 -9.49 -28.72
C LYS E 108 17.66 -8.16 -28.83
N TRP E 109 18.29 -7.09 -28.35
CA TRP E 109 17.76 -5.74 -28.48
C TRP E 109 18.89 -4.74 -28.61
N PRO E 110 18.80 -3.81 -29.59
CA PRO E 110 17.71 -3.61 -30.58
C PRO E 110 17.61 -4.74 -31.60
N SER E 111 16.44 -4.86 -32.22
CA SER E 111 16.12 -5.96 -33.12
C SER E 111 15.40 -5.43 -34.36
N SER E 112 16.18 -5.07 -35.39
CA SER E 112 15.62 -4.46 -36.62
C SER E 112 15.08 -5.49 -37.61
N ASN E 113 15.47 -6.74 -37.42
CA ASN E 113 14.87 -7.88 -38.10
C ASN E 113 14.45 -8.91 -37.05
N THR E 114 13.15 -9.12 -36.90
CA THR E 114 12.67 -10.07 -35.89
C THR E 114 12.28 -11.40 -36.55
N PRO E 115 13.09 -12.45 -36.31
CA PRO E 115 12.91 -13.71 -37.03
C PRO E 115 11.78 -14.61 -36.50
N TRP E 116 10.55 -14.09 -36.53
CA TRP E 116 9.38 -14.89 -36.16
C TRP E 116 9.31 -16.17 -36.97
N VAL E 117 8.99 -17.28 -36.31
CA VAL E 117 8.80 -18.56 -36.96
C VAL E 117 7.30 -18.84 -37.00
N GLN E 118 6.74 -18.99 -38.20
CA GLN E 118 5.34 -19.41 -38.31
C GLN E 118 5.28 -20.92 -38.23
N LEU E 119 4.39 -21.43 -37.40
CA LEU E 119 4.18 -22.87 -37.29
C LEU E 119 3.04 -23.26 -38.22
N ASN E 120 3.00 -24.54 -38.60
CA ASN E 120 1.96 -25.02 -39.52
C ASN E 120 0.67 -25.35 -38.79
N GLY E 121 -0.40 -24.65 -39.16
CA GLY E 121 -1.70 -24.91 -38.58
C GLY E 121 -2.43 -23.65 -38.16
N LYS E 122 -3.53 -23.87 -37.44
CA LYS E 122 -4.41 -22.79 -37.00
C LYS E 122 -4.75 -23.01 -35.53
N LEU E 123 -4.54 -21.98 -34.71
CA LEU E 123 -4.95 -21.97 -33.29
C LEU E 123 -5.47 -20.59 -32.89
N LYS E 124 -6.39 -20.53 -31.93
CA LYS E 124 -6.88 -19.26 -31.38
C LYS E 124 -6.21 -18.92 -30.05
N TYR E 125 -5.47 -19.88 -29.48
CA TYR E 125 -4.78 -19.67 -28.20
C TYR E 125 -3.61 -20.64 -28.12
N TYR E 126 -2.46 -20.15 -27.64
CA TYR E 126 -1.22 -20.94 -27.64
C TYR E 126 -0.37 -20.56 -26.43
N SER E 127 0.08 -21.57 -25.68
CA SER E 127 0.80 -21.38 -24.43
C SER E 127 1.97 -22.36 -24.38
N CYS E 128 3.11 -21.91 -23.85
CA CYS E 128 4.28 -22.76 -23.77
C CYS E 128 4.76 -23.02 -22.37
N GLY E 129 5.38 -24.19 -22.19
CA GLY E 129 6.06 -24.55 -20.95
C GLY E 129 7.49 -25.00 -21.26
N PRO E 130 8.11 -25.72 -20.31
CA PRO E 130 9.54 -26.07 -20.38
C PRO E 130 9.98 -26.88 -21.60
N TYR E 131 9.12 -27.75 -22.12
CA TYR E 131 9.53 -28.64 -23.21
C TYR E 131 8.49 -28.87 -24.29
N SER E 132 7.39 -28.11 -24.22
CA SER E 132 6.28 -28.28 -25.16
C SER E 132 5.42 -27.03 -25.14
N CYS E 133 4.53 -26.92 -26.13
CA CYS E 133 3.48 -25.92 -26.11
C CYS E 133 2.13 -26.59 -26.41
N TRP E 134 1.06 -26.03 -25.82
CA TRP E 134 -0.30 -26.49 -26.04
C TRP E 134 -1.15 -25.34 -26.54
N GLY E 135 -2.16 -25.68 -27.35
CA GLY E 135 -3.09 -24.68 -27.86
C GLY E 135 -4.43 -25.27 -28.23
N VAL E 136 -5.37 -24.40 -28.58
CA VAL E 136 -6.70 -24.82 -29.03
C VAL E 136 -7.06 -24.06 -30.30
N ASN E 137 -7.80 -24.70 -31.20
CA ASN E 137 -8.25 -23.98 -32.41
C ASN E 137 -9.65 -23.41 -32.23
N SER E 138 -10.18 -22.76 -33.27
CA SER E 138 -11.49 -22.10 -33.16
C SER E 138 -12.63 -23.08 -32.95
N ASN E 139 -12.36 -24.36 -33.16
CA ASN E 139 -13.33 -25.40 -32.86
C ASN E 139 -13.12 -26.05 -31.48
N ASP E 140 -12.29 -25.42 -30.64
CA ASP E 140 -11.95 -25.88 -29.29
C ASP E 140 -11.21 -27.22 -29.24
N GLN E 141 -10.68 -27.64 -30.40
CA GLN E 141 -9.84 -28.84 -30.47
C GLN E 141 -8.48 -28.55 -29.88
N ILE E 142 -7.91 -29.53 -29.18
CA ILE E 142 -6.70 -29.33 -28.39
C ILE E 142 -5.50 -29.95 -29.08
N PHE E 143 -4.39 -29.22 -29.06
CA PHE E 143 -3.17 -29.67 -29.76
C PHE E 143 -1.93 -29.47 -28.91
N ILE E 144 -0.97 -30.38 -29.05
CA ILE E 144 0.34 -30.21 -28.43
C ILE E 144 1.44 -30.16 -29.49
N MET E 145 2.42 -29.30 -29.28
CA MET E 145 3.66 -29.35 -30.06
C MET E 145 4.75 -29.88 -29.14
N LYS E 146 5.28 -31.05 -29.49
CA LYS E 146 6.34 -31.69 -28.71
C LYS E 146 7.72 -31.23 -29.15
N ASP E 147 8.72 -31.52 -28.32
CA ASP E 147 10.14 -31.28 -28.64
C ASP E 147 10.48 -29.81 -28.84
N VAL E 148 9.74 -28.95 -28.14
CA VAL E 148 9.98 -27.51 -28.19
C VAL E 148 11.23 -27.22 -27.36
N SER E 149 12.16 -26.48 -27.94
CA SER E 149 13.38 -26.10 -27.23
C SER E 149 13.64 -24.62 -27.44
N SER E 150 14.59 -24.08 -26.67
CA SER E 150 14.86 -22.64 -26.63
C SER E 150 15.30 -22.08 -27.99
N ASN E 151 16.02 -22.88 -28.77
CA ASN E 151 16.39 -22.42 -30.12
C ASN E 151 15.80 -23.24 -31.28
N VAL E 152 14.87 -24.13 -30.95
CA VAL E 152 13.95 -24.73 -31.93
C VAL E 152 12.52 -24.59 -31.36
N CYS E 153 12.02 -23.36 -31.33
CA CYS E 153 10.72 -23.07 -30.73
C CYS E 153 9.56 -23.75 -31.48
N SER E 154 9.78 -24.07 -32.74
CA SER E 154 8.79 -24.73 -33.57
C SER E 154 8.62 -26.22 -33.22
N GLY E 155 9.49 -26.72 -32.32
CA GLY E 155 9.40 -28.08 -31.84
C GLY E 155 9.63 -29.11 -32.94
N SER E 156 8.84 -30.18 -32.92
CA SER E 156 8.90 -31.21 -33.97
C SER E 156 8.34 -30.68 -35.29
N GLY E 157 7.52 -29.65 -35.20
CA GLY E 157 6.93 -29.01 -36.37
C GLY E 157 5.58 -29.59 -36.74
N SER E 158 5.21 -30.70 -36.08
CA SER E 158 3.93 -31.36 -36.33
C SER E 158 3.06 -31.36 -35.08
N PHE E 159 1.95 -30.65 -35.14
CA PHE E 159 1.00 -30.61 -34.03
C PHE E 159 0.32 -31.96 -33.87
N ILE E 160 0.12 -32.35 -32.61
CA ILE E 160 -0.55 -33.60 -32.29
C ILE E 160 -1.88 -33.31 -31.58
N ASN E 161 -2.98 -33.83 -32.14
CA ASN E 161 -4.30 -33.66 -31.53
C ASN E 161 -4.45 -34.48 -30.25
N ILE E 162 -4.82 -33.81 -29.17
CA ILE E 162 -5.12 -34.46 -27.90
C ILE E 162 -6.64 -34.46 -27.73
N PRO E 163 -7.25 -35.65 -27.51
CA PRO E 163 -8.71 -35.75 -27.35
C PRO E 163 -9.25 -34.76 -26.33
N GLY E 164 -10.42 -34.18 -26.62
CA GLY E 164 -11.05 -33.25 -25.69
C GLY E 164 -11.39 -31.90 -26.31
N LEU E 165 -12.01 -31.03 -25.53
CA LEU E 165 -12.38 -29.68 -25.99
C LEU E 165 -12.07 -28.63 -24.94
N LEU E 166 -11.39 -27.56 -25.34
CA LEU E 166 -11.11 -26.43 -24.45
C LEU E 166 -11.13 -25.13 -25.21
N SER E 167 -11.46 -24.04 -24.53
CA SER E 167 -11.46 -22.70 -25.14
C SER E 167 -10.15 -21.93 -24.91
N MET E 168 -9.45 -22.24 -23.82
CA MET E 168 -8.11 -21.72 -23.59
C MET E 168 -7.32 -22.75 -22.77
N ILE E 169 -6.00 -22.60 -22.77
CA ILE E 169 -5.12 -23.58 -22.14
C ILE E 169 -3.80 -22.91 -21.76
N GLU E 170 -3.26 -23.26 -20.59
CA GLU E 170 -1.99 -22.69 -20.13
C GLU E 170 -1.07 -23.78 -19.62
N VAL E 171 0.22 -23.62 -19.88
CA VAL E 171 1.24 -24.59 -19.51
C VAL E 171 2.18 -23.92 -18.51
N ALA E 172 2.42 -24.58 -17.37
CA ALA E 172 3.17 -24.00 -16.27
C ALA E 172 4.65 -24.35 -16.34
N THR E 173 5.47 -23.68 -15.53
CA THR E 173 6.91 -23.88 -15.59
C THR E 173 7.30 -25.26 -15.08
N ASP E 174 6.42 -25.88 -14.30
CA ASP E 174 6.69 -27.25 -13.85
C ASP E 174 6.02 -28.29 -14.76
N GLY E 175 5.46 -27.81 -15.88
CA GLY E 175 4.85 -28.71 -16.86
C GLY E 175 3.34 -28.88 -16.72
N SER E 176 2.77 -28.42 -15.60
CA SER E 176 1.33 -28.55 -15.37
C SER E 176 0.48 -27.92 -16.48
N VAL E 177 -0.61 -28.58 -16.81
CA VAL E 177 -1.49 -28.11 -17.87
C VAL E 177 -2.92 -27.97 -17.35
N PHE E 178 -3.47 -26.76 -17.49
CA PHE E 178 -4.84 -26.48 -17.09
C PHE E 178 -5.55 -25.75 -18.22
N GLY E 179 -6.87 -25.89 -18.29
CA GLY E 179 -7.64 -25.14 -19.28
C GLY E 179 -9.10 -24.97 -18.87
N VAL E 180 -9.80 -24.12 -19.62
CA VAL E 180 -11.22 -23.86 -19.41
C VAL E 180 -11.93 -24.15 -20.72
N ASN E 181 -13.08 -24.81 -20.66
CA ASN E 181 -13.86 -25.07 -21.87
C ASN E 181 -14.93 -24.00 -22.09
N SER E 182 -15.65 -24.09 -23.20
CA SER E 182 -16.61 -23.03 -23.56
C SER E 182 -17.80 -22.97 -22.60
N GLN E 183 -18.10 -24.08 -21.93
CA GLN E 183 -19.16 -24.13 -20.90
C GLN E 183 -18.72 -23.49 -19.60
N GLY E 184 -17.43 -23.19 -19.47
CA GLY E 184 -16.89 -22.61 -18.24
C GLY E 184 -16.40 -23.62 -17.21
N ASN E 185 -16.20 -24.87 -17.62
CA ASN E 185 -15.62 -25.88 -16.73
C ASN E 185 -14.10 -25.80 -16.75
N LEU E 186 -13.47 -26.27 -15.67
CA LEU E 186 -12.03 -26.20 -15.47
C LEU E 186 -11.42 -27.59 -15.45
N TYR E 187 -10.36 -27.80 -16.22
CA TYR E 187 -9.71 -29.11 -16.28
C TYR E 187 -8.22 -29.04 -16.07
N GLN E 188 -7.65 -30.10 -15.52
CA GLN E 188 -6.21 -30.29 -15.48
C GLN E 188 -5.84 -31.53 -16.28
N ARG E 189 -4.70 -31.47 -16.97
CA ARG E 189 -4.16 -32.65 -17.66
C ARG E 189 -3.32 -33.49 -16.68
N THR E 190 -3.69 -34.75 -16.54
CA THR E 190 -2.96 -35.70 -15.70
C THR E 190 -1.81 -36.36 -16.46
N GLY E 191 -0.83 -36.86 -15.72
CA GLY E 191 0.23 -37.71 -16.29
C GLY E 191 1.26 -37.01 -17.14
N VAL E 192 1.35 -35.70 -17.04
CA VAL E 192 2.27 -34.91 -17.87
C VAL E 192 3.70 -34.93 -17.33
N THR E 193 4.62 -35.46 -18.15
CA THR E 193 6.04 -35.52 -17.81
C THR E 193 6.86 -35.14 -19.05
N ARG E 194 8.16 -34.89 -18.87
CA ARG E 194 9.06 -34.57 -19.97
C ARG E 194 9.15 -35.73 -20.96
N SER E 195 8.97 -36.94 -20.44
CA SER E 195 8.96 -38.16 -21.23
C SER E 195 7.59 -38.44 -21.85
N LYS E 196 6.53 -38.03 -21.15
CA LYS E 196 5.17 -38.15 -21.68
C LYS E 196 4.50 -36.77 -21.70
N PRO E 197 4.92 -35.90 -22.64
CA PRO E 197 4.48 -34.52 -22.62
C PRO E 197 2.98 -34.36 -22.87
N ASP E 198 2.38 -35.30 -23.59
CA ASP E 198 0.94 -35.26 -23.87
C ASP E 198 0.07 -35.70 -22.67
N GLY E 199 0.70 -36.23 -21.62
CA GLY E 199 -0.05 -36.68 -20.47
C GLY E 199 -1.02 -37.79 -20.82
N THR E 200 -1.98 -38.05 -19.94
CA THR E 200 -2.82 -39.24 -20.08
C THR E 200 -4.33 -38.98 -20.13
N ASP E 201 -4.81 -38.02 -19.32
CA ASP E 201 -6.25 -37.75 -19.22
C ASP E 201 -6.57 -36.34 -18.72
N TRP E 202 -7.86 -36.00 -18.70
CA TRP E 202 -8.35 -34.76 -18.08
C TRP E 202 -9.10 -35.06 -16.78
N ILE E 203 -8.81 -34.29 -15.74
CA ILE E 203 -9.63 -34.29 -14.52
C ILE E 203 -10.26 -32.90 -14.34
N SER E 204 -11.53 -32.87 -13.97
CA SER E 204 -12.20 -31.58 -13.75
C SER E 204 -12.09 -31.18 -12.30
N MET E 205 -12.21 -29.87 -12.04
CA MET E 205 -12.28 -29.33 -10.68
C MET E 205 -13.07 -28.03 -10.69
N VAL E 206 -13.49 -27.60 -9.50
CA VAL E 206 -14.30 -26.39 -9.36
C VAL E 206 -13.68 -25.40 -8.39
N ALA E 207 -13.28 -24.24 -8.91
CA ALA E 207 -12.81 -23.11 -8.11
C ALA E 207 -13.84 -21.98 -8.08
N CYS E 208 -14.51 -21.78 -9.22
CA CYS E 208 -15.54 -20.77 -9.41
C CYS E 208 -16.92 -21.40 -9.44
N PRO E 209 -17.73 -21.17 -8.39
CA PRO E 209 -19.06 -21.79 -8.31
C PRO E 209 -19.98 -21.41 -9.47
N ASN E 210 -19.73 -20.25 -10.09
CA ASN E 210 -20.61 -19.76 -11.15
C ASN E 210 -20.01 -19.81 -12.56
N GLY E 211 -18.92 -20.56 -12.74
CA GLY E 211 -18.28 -20.71 -14.05
C GLY E 211 -16.91 -20.07 -14.10
N HIS E 212 -15.99 -20.72 -14.80
CA HIS E 212 -14.62 -20.27 -14.98
C HIS E 212 -14.44 -19.56 -16.31
N LYS E 213 -13.63 -18.50 -16.31
CA LYS E 213 -13.33 -17.77 -17.55
C LYS E 213 -11.90 -17.99 -18.03
N HIS E 214 -10.95 -17.96 -17.10
CA HIS E 214 -9.54 -18.03 -17.46
C HIS E 214 -8.76 -18.68 -16.32
N VAL E 215 -7.68 -19.38 -16.67
CA VAL E 215 -6.89 -20.10 -15.67
C VAL E 215 -5.40 -19.98 -15.98
N SER E 216 -4.59 -19.93 -14.93
CA SER E 216 -3.14 -20.05 -15.06
C SER E 216 -2.60 -20.66 -13.77
N PHE E 217 -1.40 -21.25 -13.84
CA PHE E 217 -0.82 -21.95 -12.69
C PHE E 217 0.66 -21.64 -12.59
N ASP E 218 1.14 -21.44 -11.37
CA ASP E 218 2.57 -21.27 -11.15
C ASP E 218 2.96 -21.58 -9.71
N LEU E 219 4.01 -22.41 -9.56
CA LEU E 219 4.60 -22.68 -8.26
C LEU E 219 3.54 -23.05 -7.21
N GLY E 220 2.74 -24.05 -7.56
CA GLY E 220 1.82 -24.69 -6.63
C GLY E 220 0.57 -23.89 -6.33
N VAL E 221 0.36 -22.81 -7.08
CA VAL E 221 -0.85 -22.00 -6.93
C VAL E 221 -1.61 -21.90 -8.26
N LEU E 222 -2.89 -22.25 -8.19
CA LEU E 222 -3.81 -22.16 -9.33
C LEU E 222 -4.61 -20.85 -9.28
N TRP E 223 -4.57 -20.08 -10.37
CA TRP E 223 -5.22 -18.78 -10.44
C TRP E 223 -6.39 -18.84 -11.41
N LEU E 224 -7.53 -18.34 -10.97
CA LEU E 224 -8.74 -18.31 -11.81
C LEU E 224 -9.32 -16.91 -11.93
N VAL E 225 -9.84 -16.61 -13.13
CA VAL E 225 -10.77 -15.51 -13.30
C VAL E 225 -12.12 -16.20 -13.55
N CYS E 226 -13.11 -15.88 -12.72
CA CYS E 226 -14.43 -16.44 -12.87
C CYS E 226 -15.22 -15.61 -13.90
N VAL E 227 -16.40 -16.10 -14.25
CA VAL E 227 -17.22 -15.49 -15.31
C VAL E 227 -17.51 -14.00 -15.02
N ASP E 228 -17.67 -13.67 -13.74
CA ASP E 228 -17.93 -12.29 -13.33
C ASP E 228 -16.65 -11.43 -13.21
N GLY E 229 -15.52 -11.99 -13.58
CA GLY E 229 -14.24 -11.28 -13.50
C GLY E 229 -13.56 -11.32 -12.15
N SER E 230 -14.23 -11.86 -11.13
CA SER E 230 -13.59 -12.03 -9.82
C SER E 230 -12.46 -13.08 -9.87
N ILE E 231 -11.60 -13.05 -8.87
CA ILE E 231 -10.39 -13.86 -8.89
C ILE E 231 -10.42 -14.95 -7.80
N ARG E 232 -10.01 -16.17 -8.13
CA ARG E 232 -9.80 -17.22 -7.12
C ARG E 232 -8.32 -17.61 -7.08
N LYS E 233 -7.80 -17.85 -5.88
CA LYS E 233 -6.45 -18.36 -5.72
C LYS E 233 -6.61 -19.70 -5.00
N CYS E 234 -6.06 -20.75 -5.61
CA CYS E 234 -6.35 -22.11 -5.15
C CYS E 234 -5.08 -22.91 -4.98
N ILE E 235 -5.18 -23.89 -4.08
CA ILE E 235 -4.10 -24.83 -3.83
C ILE E 235 -4.66 -26.24 -3.92
N LEU E 236 -4.07 -27.05 -4.79
CA LEU E 236 -4.48 -28.43 -4.96
C LEU E 236 -4.13 -29.23 -3.72
N THR E 237 -4.96 -30.21 -3.39
CA THR E 237 -4.76 -31.05 -2.18
C THR E 237 -3.50 -31.90 -2.25
N LEU F 1 29.48 6.09 -24.43
CA LEU F 1 28.21 5.75 -23.71
C LEU F 1 27.30 6.95 -23.57
N ASP F 2 26.06 6.76 -24.04
CA ASP F 2 25.03 7.76 -23.95
C ASP F 2 24.14 7.36 -22.75
N CYS F 3 24.24 8.13 -21.66
CA CYS F 3 23.52 7.80 -20.44
C CYS F 3 22.54 8.88 -19.98
N THR F 4 21.51 8.46 -19.26
CA THR F 4 20.62 9.38 -18.54
C THR F 4 20.62 9.03 -17.05
N VAL F 5 20.27 10.00 -16.22
CA VAL F 5 20.15 9.76 -14.78
C VAL F 5 18.73 9.26 -14.49
N ILE F 6 18.62 8.20 -13.69
CA ILE F 6 17.33 7.77 -13.17
C ILE F 6 17.33 8.11 -11.68
N ASP F 7 16.27 8.76 -11.21
CA ASP F 7 16.20 9.18 -9.81
C ASP F 7 16.20 8.02 -8.82
N GLY F 8 16.68 8.31 -7.62
CA GLY F 8 16.75 7.32 -6.54
C GLY F 8 18.17 7.16 -6.01
N ASN F 9 18.35 6.18 -5.14
CA ASN F 9 19.67 5.82 -4.64
C ASN F 9 19.70 4.34 -4.33
N LEU F 10 20.72 3.65 -4.86
CA LEU F 10 20.87 2.22 -4.62
C LEU F 10 22.30 1.91 -4.21
N LYS F 11 22.53 0.71 -3.71
CA LYS F 11 23.88 0.18 -3.55
C LYS F 11 24.13 -0.99 -4.50
N GLN F 12 23.05 -1.53 -5.06
CA GLN F 12 23.14 -2.70 -5.94
C GLN F 12 21.96 -2.69 -6.91
N ILE F 13 22.21 -3.13 -8.15
CA ILE F 13 21.21 -3.17 -9.20
C ILE F 13 21.38 -4.45 -10.04
N ASP F 14 20.27 -5.00 -10.51
CA ASP F 14 20.33 -6.13 -11.42
C ASP F 14 19.22 -6.03 -12.46
N ALA F 15 19.56 -6.36 -13.70
CA ALA F 15 18.60 -6.29 -14.78
C ALA F 15 18.59 -7.61 -15.55
N GLY F 16 17.40 -8.03 -15.94
CA GLY F 16 17.23 -9.29 -16.64
C GLY F 16 15.77 -9.56 -16.90
N SER F 17 15.50 -10.21 -18.03
CA SER F 17 14.13 -10.57 -18.42
C SER F 17 13.23 -9.35 -18.56
N GLY F 18 13.83 -8.21 -18.88
CA GLY F 18 13.07 -6.95 -19.04
C GLY F 18 12.79 -6.25 -17.73
N SER F 19 13.18 -6.85 -16.62
CA SER F 19 13.01 -6.25 -15.29
C SER F 19 14.30 -5.56 -14.83
N VAL F 20 14.16 -4.61 -13.92
CA VAL F 20 15.28 -3.94 -13.28
C VAL F 20 14.95 -3.81 -11.81
N VAL F 21 15.84 -4.31 -10.96
CA VAL F 21 15.59 -4.32 -9.52
C VAL F 21 16.84 -3.88 -8.76
N GLY F 22 16.68 -3.58 -7.48
CA GLY F 22 17.87 -3.27 -6.68
C GLY F 22 17.54 -3.02 -5.23
N VAL F 23 18.58 -2.72 -4.44
CA VAL F 23 18.41 -2.42 -3.02
C VAL F 23 19.22 -1.17 -2.69
N ASN F 24 18.80 -0.44 -1.65
CA ASN F 24 19.54 0.73 -1.19
C ASN F 24 20.39 0.43 0.06
N ASN F 25 21.01 1.45 0.64
CA ASN F 25 21.87 1.26 1.83
C ASN F 25 21.08 0.79 3.04
N LEU F 26 19.78 1.06 3.03
CA LEU F 26 18.90 0.66 4.13
C LEU F 26 18.30 -0.74 3.92
N ASN F 27 18.72 -1.38 2.83
CA ASN F 27 18.24 -2.71 2.43
C ASN F 27 16.77 -2.76 2.07
N GLU F 28 16.26 -1.60 1.66
CA GLU F 28 14.94 -1.54 1.05
C GLU F 28 15.06 -2.07 -0.35
N THR F 29 13.98 -2.72 -0.79
CA THR F 29 13.94 -3.48 -2.03
C THR F 29 13.10 -2.73 -3.06
N PHE F 30 13.63 -2.62 -4.29
CA PHE F 30 13.00 -1.81 -5.35
C PHE F 30 12.84 -2.54 -6.67
N VAL F 31 11.73 -2.26 -7.34
CA VAL F 31 11.49 -2.72 -8.71
C VAL F 31 11.30 -1.48 -9.58
N LEU F 32 11.89 -1.47 -10.77
CA LEU F 32 11.69 -0.33 -11.67
C LEU F 32 10.30 -0.44 -12.32
N ILE F 33 9.39 0.44 -11.91
CA ILE F 33 8.02 0.41 -12.40
C ILE F 33 7.70 1.74 -13.04
N ASP F 34 7.45 1.73 -14.34
CA ASP F 34 7.12 2.94 -15.08
C ASP F 34 8.18 4.01 -14.84
N ASN F 35 9.42 3.56 -15.00
CA ASN F 35 10.63 4.38 -14.92
C ASN F 35 10.94 4.96 -13.54
N VAL F 36 10.33 4.39 -12.51
CA VAL F 36 10.50 4.85 -11.14
C VAL F 36 10.89 3.67 -10.25
N PHE F 37 12.02 3.78 -9.55
CA PHE F 37 12.38 2.74 -8.59
C PHE F 37 11.39 2.73 -7.44
N THR F 38 10.61 1.67 -7.38
CA THR F 38 9.45 1.56 -6.51
C THR F 38 9.69 0.52 -5.42
N LYS F 39 9.54 0.95 -4.17
CA LYS F 39 9.77 0.09 -3.04
C LYS F 39 8.69 -1.00 -2.96
N ILE F 40 9.13 -2.25 -2.84
CA ILE F 40 8.23 -3.36 -2.54
C ILE F 40 8.58 -3.89 -1.15
N SER F 41 7.66 -4.65 -0.56
CA SER F 41 7.90 -5.21 0.76
C SER F 41 9.15 -6.09 0.81
N GLY F 42 9.95 -5.94 1.85
CA GLY F 42 11.09 -6.82 2.08
C GLY F 42 12.30 -6.08 2.56
N SER F 43 13.32 -6.85 2.92
CA SER F 43 14.58 -6.30 3.36
C SER F 43 15.65 -7.23 2.83
N LEU F 44 16.43 -6.74 1.87
CA LEU F 44 17.44 -7.54 1.16
C LEU F 44 18.70 -6.72 0.95
N LYS F 45 19.85 -7.39 0.97
CA LYS F 45 21.12 -6.73 0.74
C LYS F 45 21.59 -6.95 -0.70
N HIS F 46 20.91 -7.86 -1.39
CA HIS F 46 21.15 -8.16 -2.80
C HIS F 46 19.84 -8.67 -3.42
N PHE F 47 19.42 -8.07 -4.52
CA PHE F 47 18.18 -8.43 -5.23
C PHE F 47 18.47 -8.63 -6.73
N SER F 48 18.10 -9.81 -7.24
CA SER F 48 18.43 -10.21 -8.60
C SER F 48 17.15 -10.55 -9.34
N VAL F 49 17.15 -10.31 -10.64
CA VAL F 49 16.04 -10.70 -11.50
C VAL F 49 16.56 -11.21 -12.85
N GLY F 50 15.92 -12.26 -13.35
CA GLY F 50 16.22 -12.80 -14.67
C GLY F 50 15.35 -13.99 -14.99
N PRO F 51 15.77 -14.81 -15.96
CA PRO F 51 14.90 -15.89 -16.40
C PRO F 51 14.58 -16.91 -15.31
N ALA F 52 15.36 -16.90 -14.22
CA ALA F 52 15.17 -17.86 -13.13
C ALA F 52 14.26 -17.32 -12.03
N GLY F 53 13.81 -16.07 -12.19
CA GLY F 53 12.91 -15.44 -11.21
C GLY F 53 13.44 -14.18 -10.57
N GLN F 54 12.86 -13.82 -9.42
CA GLN F 54 13.29 -12.69 -8.60
C GLN F 54 13.77 -13.24 -7.28
N LEU F 55 15.09 -13.12 -7.05
CA LEU F 55 15.75 -13.77 -5.95
C LEU F 55 16.60 -12.78 -5.19
N GLY F 56 16.60 -12.91 -3.87
CA GLY F 56 17.40 -12.04 -3.03
C GLY F 56 17.85 -12.70 -1.76
N VAL F 57 18.80 -12.04 -1.08
CA VAL F 57 19.25 -12.48 0.23
C VAL F 57 19.22 -11.30 1.19
N ASN F 58 18.97 -11.59 2.47
CA ASN F 58 18.97 -10.55 3.50
C ASN F 58 20.29 -10.54 4.29
N THR F 59 20.34 -9.70 5.31
CA THR F 59 21.54 -9.54 6.12
C THR F 59 21.97 -10.83 6.81
N ALA F 60 21.00 -11.63 7.26
CA ALA F 60 21.25 -12.92 7.92
C ALA F 60 21.55 -14.03 6.89
N ASN F 61 21.69 -13.63 5.63
CA ASN F 61 21.95 -14.56 4.53
C ASN F 61 20.82 -15.54 4.19
N ASN F 62 19.62 -15.29 4.73
CA ASN F 62 18.42 -16.02 4.29
C ASN F 62 18.11 -15.70 2.83
N ILE F 63 17.58 -16.70 2.12
CA ILE F 63 17.33 -16.62 0.68
C ILE F 63 15.84 -16.49 0.43
N PHE F 64 15.46 -15.51 -0.40
CA PHE F 64 14.06 -15.26 -0.72
C PHE F 64 13.80 -15.29 -2.21
N LYS F 65 12.65 -15.85 -2.58
CA LYS F 65 12.18 -15.86 -3.95
C LYS F 65 10.78 -15.24 -3.98
N TYR F 66 10.59 -14.28 -4.88
CA TYR F 66 9.26 -13.68 -5.05
C TYR F 66 8.39 -14.70 -5.77
N GLN F 67 7.30 -15.09 -5.14
CA GLN F 67 6.33 -15.97 -5.79
C GLN F 67 4.92 -15.80 -5.27
N SER F 68 3.96 -15.82 -6.20
CA SER F 68 2.53 -15.79 -5.86
C SER F 68 2.18 -14.62 -4.94
N GLY F 69 2.76 -13.45 -5.22
CA GLY F 69 2.41 -12.24 -4.46
C GLY F 69 3.39 -11.68 -3.45
N GLY F 70 4.46 -12.39 -3.14
CA GLY F 70 5.44 -11.88 -2.19
C GLY F 70 6.63 -12.79 -2.04
N PHE F 71 7.63 -12.34 -1.27
CA PHE F 71 8.83 -13.15 -1.02
C PHE F 71 8.53 -14.36 -0.15
N VAL F 72 9.11 -15.49 -0.53
CA VAL F 72 9.02 -16.72 0.24
C VAL F 72 10.45 -17.15 0.51
N GLN F 73 10.70 -17.64 1.73
CA GLN F 73 12.06 -18.08 2.07
C GLN F 73 12.33 -19.46 1.50
N LEU F 74 13.43 -19.59 0.77
CA LEU F 74 13.96 -20.88 0.33
C LEU F 74 15.01 -21.35 1.33
N ALA F 75 15.04 -22.65 1.61
CA ALA F 75 16.00 -23.17 2.58
C ALA F 75 17.43 -22.91 2.11
N GLY F 76 18.30 -22.54 3.05
CA GLY F 76 19.71 -22.35 2.78
C GLY F 76 20.25 -21.00 3.19
N LEU F 77 21.54 -20.80 2.94
CA LEU F 77 22.21 -19.54 3.26
C LEU F 77 23.11 -19.09 2.11
N LEU F 78 22.95 -17.84 1.70
CA LEU F 78 23.79 -17.23 0.64
C LEU F 78 23.98 -15.76 0.94
N LYS F 79 25.15 -15.22 0.61
CA LYS F 79 25.42 -13.78 0.77
C LYS F 79 25.18 -13.01 -0.53
N GLN F 80 25.08 -13.73 -1.65
CA GLN F 80 24.76 -13.14 -2.95
C GLN F 80 24.08 -14.22 -3.79
N VAL F 81 23.14 -13.82 -4.62
CA VAL F 81 22.38 -14.75 -5.45
C VAL F 81 22.07 -14.10 -6.80
N ASP F 82 22.04 -14.92 -7.85
CA ASP F 82 21.73 -14.44 -9.18
C ASP F 82 20.70 -15.34 -9.87
N ALA F 83 19.82 -14.69 -10.63
CA ALA F 83 18.74 -15.36 -11.34
C ALA F 83 18.84 -15.17 -12.87
N GLY F 84 20.02 -14.77 -13.34
CA GLY F 84 20.25 -14.57 -14.78
C GLY F 84 20.43 -15.85 -15.60
N GLY F 85 20.74 -16.95 -14.93
CA GLY F 85 20.91 -18.24 -15.57
C GLY F 85 19.66 -18.80 -16.21
N ASP F 86 19.81 -19.95 -16.87
CA ASP F 86 18.72 -20.47 -17.69
C ASP F 86 17.74 -21.27 -16.85
N GLN F 87 16.95 -20.54 -16.07
CA GLN F 87 15.99 -21.09 -15.10
C GLN F 87 16.69 -21.76 -13.91
N ILE F 88 18.00 -21.55 -13.80
CA ILE F 88 18.79 -22.00 -12.65
C ILE F 88 19.07 -20.83 -11.72
N ILE F 89 19.31 -21.12 -10.45
CA ILE F 89 19.71 -20.11 -9.48
C ILE F 89 21.15 -20.39 -9.09
N ALA F 90 21.95 -19.35 -8.94
CA ALA F 90 23.35 -19.49 -8.54
C ALA F 90 23.68 -18.46 -7.49
N GLY F 91 24.69 -18.75 -6.67
CA GLY F 91 25.09 -17.83 -5.61
C GLY F 91 26.30 -18.30 -4.83
N VAL F 92 26.67 -17.52 -3.83
CA VAL F 92 27.82 -17.84 -2.97
C VAL F 92 27.42 -17.56 -1.52
N ASN F 93 28.02 -18.29 -0.59
CA ASN F 93 27.74 -18.10 0.84
C ASN F 93 28.89 -17.34 1.54
N MET F 94 28.79 -17.17 2.86
CA MET F 94 29.76 -16.35 3.60
C MET F 94 31.19 -16.92 3.62
N TYR F 95 31.33 -18.19 3.24
CA TYR F 95 32.64 -18.86 3.21
C TYR F 95 33.20 -18.91 1.80
N ASP F 96 32.58 -18.16 0.89
CA ASP F 96 32.89 -18.17 -0.54
C ASP F 96 32.70 -19.54 -1.22
N ASP F 97 31.86 -20.39 -0.64
CA ASP F 97 31.42 -21.59 -1.33
C ASP F 97 30.35 -21.20 -2.34
N ILE F 98 30.24 -21.99 -3.41
CA ILE F 98 29.40 -21.67 -4.56
C ILE F 98 28.32 -22.73 -4.70
N TYR F 99 27.10 -22.29 -4.93
CA TYR F 99 25.97 -23.19 -5.07
C TYR F 99 25.11 -22.86 -6.28
N CYS F 100 24.47 -23.87 -6.83
CA CYS F 100 23.44 -23.63 -7.85
C CYS F 100 22.25 -24.54 -7.63
N LEU F 101 21.10 -24.11 -8.14
CA LEU F 101 19.89 -24.90 -8.09
C LEU F 101 19.42 -25.15 -9.52
N ASN F 102 19.26 -26.43 -9.88
CA ASN F 102 18.79 -26.78 -11.22
C ASN F 102 17.35 -26.37 -11.48
N MET F 103 17.05 -26.21 -12.77
CA MET F 103 15.75 -25.73 -13.22
C MET F 103 14.58 -26.52 -12.65
N ASP F 104 14.66 -27.85 -12.70
CA ASP F 104 13.55 -28.67 -12.20
C ASP F 104 13.26 -28.46 -10.71
N ALA F 105 14.30 -28.26 -9.92
CA ALA F 105 14.16 -27.92 -8.51
C ALA F 105 13.61 -26.50 -8.31
N ASN F 106 14.16 -25.54 -9.07
CA ASN F 106 13.74 -24.15 -8.97
C ASN F 106 12.22 -24.03 -9.18
N ASN F 107 11.70 -24.83 -10.11
CA ASN F 107 10.32 -24.74 -10.54
C ASN F 107 9.33 -25.63 -9.78
N LYS F 108 9.84 -26.37 -8.80
CA LYS F 108 9.03 -27.30 -8.00
C LYS F 108 8.49 -26.60 -6.76
N TRP F 109 7.17 -26.63 -6.60
CA TRP F 109 6.52 -26.08 -5.40
C TRP F 109 5.16 -26.73 -5.20
N PRO F 110 4.84 -27.13 -3.96
CA PRO F 110 5.65 -27.05 -2.73
C PRO F 110 6.93 -27.88 -2.79
N SER F 111 7.87 -27.54 -1.93
CA SER F 111 9.13 -28.25 -1.83
C SER F 111 9.59 -28.18 -0.37
N SER F 112 9.65 -29.33 0.29
CA SER F 112 10.20 -29.43 1.65
C SER F 112 11.71 -29.64 1.63
N ASN F 113 12.29 -29.47 0.44
CA ASN F 113 13.73 -29.59 0.22
C ASN F 113 14.16 -28.59 -0.87
N THR F 114 15.32 -27.94 -0.67
CA THR F 114 15.95 -27.13 -1.72
C THR F 114 17.36 -27.68 -2.05
N PRO F 115 17.46 -28.58 -3.05
CA PRO F 115 18.69 -29.37 -3.32
C PRO F 115 19.81 -28.60 -4.04
N TRP F 116 20.32 -27.56 -3.39
CA TRP F 116 21.52 -26.84 -3.82
C TRP F 116 22.67 -27.80 -4.15
N VAL F 117 23.43 -27.47 -5.18
CA VAL F 117 24.60 -28.25 -5.59
C VAL F 117 25.82 -27.39 -5.36
N GLN F 118 26.79 -27.91 -4.59
CA GLN F 118 28.04 -27.19 -4.35
C GLN F 118 28.95 -27.27 -5.57
N LEU F 119 29.38 -26.12 -6.07
CA LEU F 119 30.29 -26.09 -7.22
C LEU F 119 31.75 -26.24 -6.78
N ASN F 120 32.59 -26.63 -7.73
CA ASN F 120 33.97 -26.93 -7.46
C ASN F 120 34.85 -25.68 -7.53
N GLY F 121 34.69 -24.79 -6.57
CA GLY F 121 35.49 -23.58 -6.53
C GLY F 121 35.22 -22.68 -5.34
N LYS F 122 35.87 -21.52 -5.35
CA LYS F 122 35.73 -20.48 -4.34
C LYS F 122 35.45 -19.15 -5.03
N LEU F 123 34.38 -18.47 -4.63
CA LEU F 123 34.03 -17.17 -5.22
C LEU F 123 33.30 -16.30 -4.22
N LYS F 124 33.45 -14.98 -4.34
CA LYS F 124 32.67 -14.02 -3.52
C LYS F 124 31.50 -13.38 -4.27
N TYR F 125 31.41 -13.61 -5.57
CA TYR F 125 30.34 -13.09 -6.41
C TYR F 125 30.17 -14.01 -7.62
N TYR F 126 28.92 -14.32 -7.98
CA TYR F 126 28.66 -15.28 -9.05
C TYR F 126 27.39 -14.90 -9.82
N SER F 127 27.50 -14.86 -11.14
CA SER F 127 26.39 -14.46 -11.99
C SER F 127 26.26 -15.43 -13.15
N CYS F 128 25.04 -15.72 -13.57
CA CYS F 128 24.81 -16.66 -14.65
C CYS F 128 24.12 -16.05 -15.88
N GLY F 129 24.45 -16.63 -17.03
CA GLY F 129 23.81 -16.33 -18.31
C GLY F 129 23.30 -17.57 -19.01
N PRO F 130 23.01 -17.48 -20.32
CA PRO F 130 22.38 -18.56 -21.05
C PRO F 130 23.20 -19.86 -21.15
N TYR F 131 24.52 -19.77 -21.17
CA TYR F 131 25.36 -20.96 -21.41
C TYR F 131 26.63 -21.03 -20.54
N SER F 132 26.78 -20.09 -19.62
CA SER F 132 27.95 -20.01 -18.76
C SER F 132 27.63 -19.13 -17.57
N CYS F 133 28.51 -19.15 -16.58
CA CYS F 133 28.45 -18.23 -15.46
C CYS F 133 29.84 -17.67 -15.20
N TRP F 134 29.88 -16.45 -14.70
CA TRP F 134 31.13 -15.80 -14.36
C TRP F 134 31.11 -15.42 -12.88
N GLY F 135 32.30 -15.38 -12.29
CA GLY F 135 32.45 -14.95 -10.92
C GLY F 135 33.81 -14.35 -10.65
N VAL F 136 33.95 -13.75 -9.46
CA VAL F 136 35.24 -13.27 -8.97
C VAL F 136 35.49 -13.82 -7.57
N ASN F 137 36.75 -14.04 -7.22
CA ASN F 137 37.07 -14.52 -5.87
C ASN F 137 37.48 -13.37 -4.96
N SER F 138 37.86 -13.71 -3.73
CA SER F 138 38.19 -12.71 -2.71
C SER F 138 39.41 -11.84 -3.07
N ASN F 139 40.20 -12.31 -4.04
CA ASN F 139 41.35 -11.58 -4.54
C ASN F 139 41.03 -10.83 -5.84
N ASP F 140 39.75 -10.80 -6.19
CA ASP F 140 39.26 -10.15 -7.42
C ASP F 140 39.71 -10.80 -8.73
N GLN F 141 40.14 -12.06 -8.65
CA GLN F 141 40.45 -12.84 -9.84
C GLN F 141 39.18 -13.36 -10.50
N ILE F 142 39.18 -13.44 -11.83
CA ILE F 142 37.96 -13.66 -12.61
C ILE F 142 37.89 -15.07 -13.17
N PHE F 143 36.72 -15.67 -13.10
CA PHE F 143 36.54 -17.06 -13.53
C PHE F 143 35.29 -17.24 -14.36
N ILE F 144 35.38 -18.15 -15.34
CA ILE F 144 34.21 -18.61 -16.07
C ILE F 144 33.96 -20.10 -15.83
N MET F 145 32.69 -20.45 -15.67
CA MET F 145 32.28 -21.84 -15.71
C MET F 145 31.54 -22.05 -17.02
N LYS F 146 32.09 -22.88 -17.88
CA LYS F 146 31.47 -23.20 -19.15
C LYS F 146 30.55 -24.40 -19.00
N ASP F 147 29.76 -24.66 -20.04
CA ASP F 147 28.93 -25.86 -20.13
C ASP F 147 27.92 -25.94 -18.99
N VAL F 148 27.45 -24.77 -18.55
CA VAL F 148 26.34 -24.66 -17.61
C VAL F 148 25.05 -24.85 -18.41
N SER F 149 24.21 -25.79 -17.96
CA SER F 149 22.91 -26.02 -18.58
C SER F 149 21.81 -26.05 -17.51
N SER F 150 20.56 -26.03 -17.94
CA SER F 150 19.42 -25.94 -17.02
C SER F 150 19.29 -27.10 -16.03
N ASN F 151 19.69 -28.31 -16.41
CA ASN F 151 19.68 -29.40 -15.43
C ASN F 151 21.06 -30.02 -15.11
N VAL F 152 22.10 -29.32 -15.54
CA VAL F 152 23.45 -29.49 -15.00
C VAL F 152 24.03 -28.09 -14.71
N CYS F 153 23.50 -27.46 -13.66
CA CYS F 153 23.86 -26.08 -13.31
C CYS F 153 25.31 -25.93 -12.84
N SER F 154 25.92 -27.01 -12.35
CA SER F 154 27.28 -26.94 -11.80
C SER F 154 28.33 -26.95 -12.93
N GLY F 155 27.87 -27.15 -14.15
CA GLY F 155 28.70 -26.99 -15.34
C GLY F 155 29.77 -28.04 -15.52
N SER F 156 30.88 -27.64 -16.13
CA SER F 156 31.99 -28.57 -16.39
C SER F 156 32.71 -29.02 -15.10
N GLY F 157 32.54 -28.25 -14.03
CA GLY F 157 33.24 -28.49 -12.77
C GLY F 157 34.64 -27.91 -12.82
N SER F 158 34.90 -27.14 -13.87
CA SER F 158 36.24 -26.63 -14.15
C SER F 158 36.21 -25.11 -14.36
N PHE F 159 36.48 -24.36 -13.30
CA PHE F 159 36.56 -22.91 -13.42
C PHE F 159 37.81 -22.50 -14.19
N ILE F 160 37.64 -21.66 -15.21
CA ILE F 160 38.78 -21.14 -15.98
C ILE F 160 39.05 -19.71 -15.56
N ASN F 161 40.28 -19.45 -15.13
CA ASN F 161 40.71 -18.12 -14.79
C ASN F 161 40.82 -17.25 -16.04
N ILE F 162 40.17 -16.10 -16.02
CA ILE F 162 40.27 -15.14 -17.09
C ILE F 162 41.08 -13.97 -16.56
N PRO F 163 42.21 -13.63 -17.23
CA PRO F 163 43.08 -12.57 -16.75
C PRO F 163 42.34 -11.26 -16.47
N GLY F 164 42.77 -10.55 -15.43
CA GLY F 164 42.17 -9.29 -15.05
C GLY F 164 41.68 -9.28 -13.61
N LEU F 165 41.15 -8.13 -13.19
CA LEU F 165 40.67 -7.93 -11.83
C LEU F 165 39.32 -7.21 -11.77
N LEU F 166 38.36 -7.81 -11.07
CA LEU F 166 37.04 -7.21 -10.87
C LEU F 166 36.49 -7.48 -9.46
N SER F 167 35.71 -6.55 -8.95
CA SER F 167 35.07 -6.68 -7.63
C SER F 167 33.72 -7.40 -7.74
N MET F 168 33.04 -7.20 -8.87
CA MET F 168 31.82 -7.90 -9.19
C MET F 168 31.67 -8.01 -10.71
N ILE F 169 30.70 -8.80 -11.16
CA ILE F 169 30.57 -9.18 -12.57
C ILE F 169 29.18 -9.77 -12.82
N GLU F 170 28.55 -9.30 -13.90
CA GLU F 170 27.21 -9.76 -14.26
C GLU F 170 27.17 -10.28 -15.71
N VAL F 171 26.40 -11.35 -15.91
CA VAL F 171 26.20 -11.94 -17.23
C VAL F 171 24.74 -11.70 -17.68
N ALA F 172 24.58 -11.17 -18.88
CA ALA F 172 23.27 -10.79 -19.40
C ALA F 172 22.61 -11.95 -20.15
N THR F 173 21.32 -11.81 -20.42
CA THR F 173 20.56 -12.86 -21.13
C THR F 173 21.01 -13.05 -22.58
N ASP F 174 21.61 -12.01 -23.18
CA ASP F 174 22.21 -12.13 -24.51
C ASP F 174 23.69 -12.53 -24.44
N GLY F 175 24.16 -12.84 -23.23
CA GLY F 175 25.53 -13.32 -23.04
C GLY F 175 26.56 -12.25 -22.72
N SER F 176 26.16 -10.98 -22.77
CA SER F 176 27.08 -9.87 -22.46
C SER F 176 27.65 -10.00 -21.07
N VAL F 177 28.89 -9.56 -20.91
CA VAL F 177 29.57 -9.66 -19.62
C VAL F 177 30.14 -8.28 -19.26
N PHE F 178 29.69 -7.75 -18.13
CA PHE F 178 30.22 -6.48 -17.62
C PHE F 178 30.66 -6.64 -16.19
N GLY F 179 31.62 -5.81 -15.77
CA GLY F 179 32.05 -5.81 -14.38
C GLY F 179 32.60 -4.48 -13.91
N VAL F 180 32.71 -4.33 -12.59
CA VAL F 180 33.32 -3.17 -11.96
C VAL F 180 34.52 -3.63 -11.13
N ASN F 181 35.65 -2.93 -11.23
CA ASN F 181 36.81 -3.28 -10.38
C ASN F 181 36.84 -2.53 -9.05
N SER F 182 37.86 -2.82 -8.23
CA SER F 182 37.96 -2.24 -6.91
C SER F 182 38.03 -0.70 -6.90
N GLN F 183 38.72 -0.13 -7.89
CA GLN F 183 38.90 1.33 -7.96
C GLN F 183 37.68 2.02 -8.56
N GLY F 184 36.72 1.23 -9.02
CA GLY F 184 35.47 1.79 -9.56
C GLY F 184 35.45 2.00 -11.07
N ASN F 185 36.37 1.35 -11.77
CA ASN F 185 36.36 1.33 -13.25
C ASN F 185 35.35 0.32 -13.77
N LEU F 186 34.88 0.54 -15.00
CA LEU F 186 33.83 -0.27 -15.60
C LEU F 186 34.36 -0.95 -16.85
N TYR F 187 34.11 -2.24 -16.99
CA TYR F 187 34.62 -3.00 -18.12
C TYR F 187 33.57 -3.89 -18.78
N GLN F 188 33.73 -4.08 -20.09
CA GLN F 188 32.96 -5.08 -20.84
C GLN F 188 33.92 -6.12 -21.42
N ARG F 189 33.47 -7.37 -21.43
CA ARG F 189 34.22 -8.43 -22.10
C ARG F 189 33.84 -8.46 -23.58
N THR F 190 34.83 -8.31 -24.45
CA THR F 190 34.61 -8.39 -25.91
C THR F 190 34.67 -9.84 -26.39
N GLY F 191 34.04 -10.09 -27.54
CA GLY F 191 34.19 -11.37 -28.25
C GLY F 191 33.47 -12.56 -27.66
N VAL F 192 32.55 -12.30 -26.73
CA VAL F 192 31.81 -13.38 -26.07
C VAL F 192 30.72 -13.93 -26.99
N THR F 193 30.80 -15.22 -27.29
CA THR F 193 29.79 -15.93 -28.08
C THR F 193 29.59 -17.34 -27.52
N ARG F 194 28.59 -18.07 -28.00
CA ARG F 194 28.42 -19.49 -27.67
C ARG F 194 29.67 -20.31 -27.99
N SER F 195 30.31 -20.02 -29.13
CA SER F 195 31.52 -20.72 -29.57
C SER F 195 32.75 -20.32 -28.75
N LYS F 196 32.76 -19.09 -28.26
CA LYS F 196 33.90 -18.54 -27.53
C LYS F 196 33.40 -17.82 -26.27
N PRO F 197 32.93 -18.59 -25.25
CA PRO F 197 32.27 -17.98 -24.09
C PRO F 197 33.22 -17.16 -23.20
N ASP F 198 34.51 -17.46 -23.27
CA ASP F 198 35.52 -16.73 -22.52
C ASP F 198 35.80 -15.34 -23.11
N GLY F 199 35.36 -15.12 -24.35
CA GLY F 199 35.61 -13.86 -25.03
C GLY F 199 37.07 -13.70 -25.39
N THR F 200 37.47 -12.46 -25.68
CA THR F 200 38.85 -12.21 -26.10
C THR F 200 39.57 -11.20 -25.22
N ASP F 201 38.88 -10.11 -24.87
CA ASP F 201 39.53 -8.98 -24.19
C ASP F 201 38.58 -8.18 -23.30
N TRP F 202 39.14 -7.28 -22.51
CA TRP F 202 38.36 -6.30 -21.75
C TRP F 202 38.46 -4.93 -22.42
N ILE F 203 37.36 -4.19 -22.42
CA ILE F 203 37.34 -2.78 -22.85
C ILE F 203 36.73 -1.92 -21.76
N SER F 204 37.35 -0.79 -21.45
CA SER F 204 36.82 0.11 -20.44
C SER F 204 35.80 1.07 -21.03
N MET F 205 34.82 1.45 -20.20
CA MET F 205 33.89 2.51 -20.55
C MET F 205 33.52 3.32 -19.32
N VAL F 206 32.93 4.50 -19.55
CA VAL F 206 32.62 5.41 -18.44
C VAL F 206 31.17 5.87 -18.53
N ALA F 207 30.41 5.62 -17.46
CA ALA F 207 29.04 6.11 -17.32
C ALA F 207 28.92 7.05 -16.12
N CYS F 208 29.72 6.78 -15.09
CA CYS F 208 29.68 7.56 -13.84
C CYS F 208 30.85 8.54 -13.79
N PRO F 209 30.58 9.79 -13.37
CA PRO F 209 31.61 10.85 -13.37
C PRO F 209 32.73 10.63 -12.35
N ASN F 210 32.40 9.99 -11.22
CA ASN F 210 33.34 9.82 -10.10
C ASN F 210 33.45 8.37 -9.63
N GLY F 211 33.25 7.42 -10.55
CA GLY F 211 33.44 6.00 -10.25
C GLY F 211 32.17 5.17 -10.27
N HIS F 212 32.32 3.89 -10.62
CA HIS F 212 31.20 2.96 -10.72
C HIS F 212 31.19 2.01 -9.53
N LYS F 213 30.01 1.74 -9.00
CA LYS F 213 29.88 0.85 -7.83
C LYS F 213 29.35 -0.53 -8.22
N HIS F 214 28.35 -0.56 -9.11
CA HIS F 214 27.70 -1.80 -9.50
C HIS F 214 27.17 -1.69 -10.93
N VAL F 215 27.12 -2.81 -11.65
CA VAL F 215 26.70 -2.81 -13.06
C VAL F 215 25.81 -4.01 -13.38
N SER F 216 24.87 -3.82 -14.29
CA SER F 216 24.10 -4.91 -14.85
C SER F 216 23.57 -4.49 -16.22
N PHE F 217 23.39 -5.47 -17.10
CA PHE F 217 22.96 -5.19 -18.46
C PHE F 217 21.79 -6.07 -18.85
N ASP F 218 20.82 -5.49 -19.56
CA ASP F 218 19.71 -6.26 -20.11
C ASP F 218 19.11 -5.58 -21.32
N LEU F 219 18.97 -6.34 -22.41
CA LEU F 219 18.22 -5.90 -23.59
C LEU F 219 18.64 -4.52 -24.10
N GLY F 220 19.94 -4.37 -24.34
CA GLY F 220 20.48 -3.17 -24.96
C GLY F 220 20.69 -2.00 -24.03
N VAL F 221 20.41 -2.20 -22.74
CA VAL F 221 20.54 -1.15 -21.74
C VAL F 221 21.49 -1.55 -20.61
N LEU F 222 22.49 -0.72 -20.41
CA LEU F 222 23.45 -0.90 -19.34
C LEU F 222 23.04 -0.06 -18.13
N TRP F 223 22.96 -0.69 -16.97
CA TRP F 223 22.55 -0.03 -15.72
C TRP F 223 23.72 0.12 -14.76
N LEU F 224 23.89 1.33 -14.23
CA LEU F 224 25.00 1.61 -13.31
C LEU F 224 24.51 2.16 -11.97
N VAL F 225 25.14 1.69 -10.90
CA VAL F 225 25.10 2.39 -9.64
C VAL F 225 26.46 3.06 -9.51
N CYS F 226 26.47 4.39 -9.38
CA CYS F 226 27.71 5.14 -9.21
C CYS F 226 28.15 5.12 -7.74
N VAL F 227 29.37 5.57 -7.47
CA VAL F 227 29.93 5.54 -6.10
C VAL F 227 29.00 6.26 -5.09
N ASP F 228 28.40 7.37 -5.50
CA ASP F 228 27.45 8.10 -4.65
C ASP F 228 26.06 7.42 -4.52
N GLY F 229 25.87 6.31 -5.22
CA GLY F 229 24.60 5.58 -5.16
C GLY F 229 23.55 6.03 -6.18
N SER F 230 23.86 7.07 -6.97
CA SER F 230 22.94 7.49 -8.03
C SER F 230 22.94 6.47 -9.17
N ILE F 231 21.91 6.51 -10.02
CA ILE F 231 21.72 5.51 -11.07
C ILE F 231 21.91 6.09 -12.47
N ARG F 232 22.57 5.35 -13.35
CA ARG F 232 22.63 5.70 -14.78
C ARG F 232 22.00 4.60 -15.65
N LYS F 233 21.22 5.03 -16.64
CA LYS F 233 20.68 4.16 -17.67
C LYS F 233 21.41 4.50 -18.97
N CYS F 234 22.01 3.51 -19.61
CA CYS F 234 22.85 3.75 -20.78
C CYS F 234 22.52 2.80 -21.94
N ILE F 235 22.38 3.37 -23.14
CA ILE F 235 22.26 2.58 -24.37
C ILE F 235 23.62 2.41 -25.04
N LEU F 236 23.83 1.26 -25.69
CA LEU F 236 25.11 0.96 -26.33
C LEU F 236 25.18 1.45 -27.78
N THR F 237 26.38 1.89 -28.20
CA THR F 237 26.63 2.29 -29.59
C THR F 237 27.82 1.52 -30.16
C1 NAG G . -24.72 8.07 8.22
C2 NAG G . -25.34 7.48 9.50
C3 NAG G . -26.81 7.16 9.28
C4 NAG G . -27.56 8.33 8.66
C5 NAG G . -26.81 8.86 7.42
C6 NAG G . -27.46 10.12 6.85
C7 NAG G . -23.68 6.29 10.82
C8 NAG G . -23.05 4.97 11.15
N2 NAG G . -24.65 6.28 9.90
O3 NAG G . -27.36 6.87 10.54
O4 NAG G . -28.86 7.85 8.33
O5 NAG G . -25.46 9.17 7.73
O6 NAG G . -27.41 11.17 7.80
O7 NAG G . -23.29 7.33 11.36
C1 NAG G . -29.86 8.73 8.84
C2 NAG G . -31.19 8.47 8.12
C3 NAG G . -32.34 9.30 8.70
C4 NAG G . -32.29 9.40 10.23
C5 NAG G . -30.86 9.70 10.69
C6 NAG G . -30.73 9.87 12.20
C7 NAG G . -30.74 7.66 5.87
C8 NAG G . -30.58 7.95 4.41
N2 NAG G . -31.04 8.68 6.68
O3 NAG G . -33.56 8.72 8.30
O4 NAG G . -33.15 10.42 10.68
O5 NAG G . -30.04 8.65 10.24
O6 NAG G . -29.95 11.02 12.44
O7 NAG G . -30.59 6.49 6.28
C1 NAG H . 15.63 14.79 -7.24
C2 NAG H . 16.92 14.01 -7.41
C3 NAG H . 18.11 14.95 -7.55
C4 NAG H . 17.82 16.04 -8.60
C5 NAG H . 16.48 16.72 -8.30
C6 NAG H . 16.07 17.78 -9.35
C7 NAG H . 17.15 11.80 -6.35
C8 NAG H . 17.39 11.06 -5.07
N2 NAG H . 17.12 13.14 -6.27
O3 NAG H . 19.25 14.20 -7.91
O4 NAG H . 18.86 16.99 -8.58
O5 NAG H . 15.45 15.77 -8.24
O6 NAG H . 15.91 17.14 -10.60
O7 NAG H . 17.00 11.19 -7.39
C1 NAG H . 19.36 17.20 -9.91
C2 NAG H . 20.30 18.40 -9.85
C3 NAG H . 20.97 18.69 -11.19
C4 NAG H . 21.45 17.42 -11.88
C5 NAG H . 20.43 16.28 -11.78
C6 NAG H . 20.94 14.97 -12.35
C7 NAG H . 19.66 20.04 -8.18
C8 NAG H . 18.84 21.27 -7.86
N2 NAG H . 19.56 19.57 -9.42
O3 NAG H . 22.05 19.56 -10.96
O4 NAG H . 21.69 17.70 -13.24
O5 NAG H . 20.04 16.08 -10.43
O6 NAG H . 19.80 14.12 -12.46
O7 NAG H . 20.38 19.52 -7.33
C1 NAG I . 10.21 14.11 15.08
C2 NAG I . 10.59 15.38 14.33
C3 NAG I . 11.60 16.18 15.15
C4 NAG I . 11.13 16.34 16.61
C5 NAG I . 10.82 14.95 17.19
C6 NAG I . 10.32 14.99 18.63
C7 NAG I . 10.66 15.48 11.90
C8 NAG I . 11.36 15.10 10.63
N2 NAG I . 11.20 15.06 13.04
O3 NAG I . 11.80 17.44 14.55
O4 NAG I . 12.14 17.00 17.32
O5 NAG I . 9.80 14.37 16.40
O6 NAG I . 9.15 15.78 18.67
O7 NAG I . 9.64 16.18 11.87
C1 NAG I . 11.60 18.08 18.09
C2 NAG I . 12.68 18.53 19.07
C3 NAG I . 12.24 19.76 19.86
C4 NAG I . 11.65 20.82 18.95
C5 NAG I . 10.60 20.23 18.00
C6 NAG I . 10.05 21.25 16.98
C7 NAG I . 14.21 16.76 19.77
C8 NAG I . 14.54 15.65 20.73
N2 NAG I . 13.06 17.43 19.96
O3 NAG I . 13.36 20.29 20.55
O4 NAG I . 11.05 21.82 19.74
O5 NAG I . 11.21 19.18 17.28
O6 NAG I . 9.00 20.66 16.25
O7 NAG I . 15.00 17.01 18.86
C1 NAG J . -6.60 -25.20 5.72
C2 NAG J . -6.32 -26.21 4.61
C3 NAG J . -7.51 -27.13 4.45
C4 NAG J . -7.93 -27.73 5.80
C5 NAG J . -8.09 -26.61 6.86
C6 NAG J . -8.38 -27.14 8.26
C7 NAG J . -4.85 -25.60 2.77
C8 NAG J . -4.66 -24.89 1.46
N2 NAG J . -6.05 -25.56 3.34
O3 NAG J . -7.17 -28.17 3.56
O4 NAG J . -9.15 -28.38 5.58
O5 NAG J . -6.88 -25.87 6.93
O6 NAG J . -7.28 -27.93 8.65
O7 NAG J . -3.88 -26.18 3.27
C1 NAG J . -9.08 -29.70 6.17
C2 NAG J . -10.47 -30.34 6.17
C3 NAG J . -10.40 -31.77 6.70
C4 NAG J . -9.34 -32.55 5.90
C5 NAG J . -8.01 -31.82 6.09
C6 NAG J . -6.81 -32.51 5.47
C7 NAG J . -12.15 -28.61 6.46
C8 NAG J . -13.05 -27.90 7.43
N2 NAG J . -11.39 -29.57 6.98
O3 NAG J . -11.66 -32.37 6.57
O4 NAG J . -9.31 -33.89 6.35
O5 NAG J . -8.13 -30.53 5.53
O6 NAG J . -5.63 -31.96 6.04
O7 NAG J . -12.13 -28.31 5.26
C1 NAG K . -10.25 -3.45 -24.42
C2 NAG K . -11.26 -2.40 -24.88
C3 NAG K . -12.48 -3.06 -25.51
C4 NAG K . -12.04 -4.08 -26.57
C5 NAG K . -11.01 -5.05 -25.97
C6 NAG K . -10.47 -6.05 -26.99
C7 NAG K . -11.47 -0.29 -23.74
C8 NAG K . -11.92 0.51 -22.54
N2 NAG K . -11.68 -1.59 -23.76
O3 NAG K . -13.34 -2.08 -26.05
O4 NAG K . -13.19 -4.79 -26.99
O5 NAG K . -9.90 -4.34 -25.44
O6 NAG K . -9.79 -5.33 -28.01
O7 NAG K . -10.95 0.28 -24.69
C1 NAG K . -13.35 -4.78 -28.42
C2 NAG K . -14.40 -5.80 -28.83
C3 NAG K . -14.69 -5.76 -30.33
C4 NAG K . -14.80 -4.33 -30.87
C5 NAG K . -13.64 -3.50 -30.33
C6 NAG K . -13.60 -2.05 -30.85
C7 NAG K . -14.49 -7.77 -27.40
C8 NAG K . -13.95 -9.15 -27.12
N2 NAG K . -13.97 -7.14 -28.45
O3 NAG K . -15.89 -6.47 -30.58
O4 NAG K . -14.79 -4.35 -32.29
O5 NAG K . -13.70 -3.50 -28.92
O6 NAG K . -12.30 -1.56 -30.59
O7 NAG K . -15.35 -7.27 -26.67
C1 NAG L . 21.95 -3.40 5.19
C2 NAG L . 22.22 -2.85 6.59
C3 NAG L . 23.71 -2.86 6.92
C4 NAG L . 24.43 -4.15 6.52
C5 NAG L . 24.03 -4.59 5.10
C6 NAG L . 24.59 -5.96 4.74
C7 NAG L . 20.68 -1.20 7.54
C8 NAG L . 20.29 0.24 7.68
N2 NAG L . 21.75 -1.49 6.78
O3 NAG L . 23.85 -2.63 8.31
O4 NAG L . 25.82 -3.88 6.57
O5 NAG L . 22.61 -4.64 4.98
O6 NAG L . 24.11 -6.93 5.64
O7 NAG L . 20.03 -2.07 8.11
C1 NAG L . 26.52 -4.91 7.29
C2 NAG L . 28.03 -4.77 7.06
C3 NAG L . 28.80 -5.86 7.82
C4 NAG L . 28.36 -5.94 9.28
C5 NAG L . 26.84 -6.02 9.33
C6 NAG L . 26.29 -6.07 10.74
C7 NAG L . 28.67 -3.66 5.00
C8 NAG L . 28.99 -3.79 3.53
N2 NAG L . 28.36 -4.79 5.65
O3 NAG L . 30.19 -5.59 7.76
O4 NAG L . 28.94 -7.08 9.87
O5 NAG L . 26.25 -4.91 8.68
O6 NAG L . 24.92 -6.34 10.58
O7 NAG L . 28.70 -2.56 5.54
CA CA M . -19.68 16.59 -8.79
C1 NDG N . -36.47 8.86 -21.32
C2 NDG N . -36.66 8.78 -19.80
C3 NDG N . -37.11 7.38 -19.34
C4 NDG N . -38.24 6.84 -20.21
C5 NDG N . -37.80 6.89 -21.68
C6 NDG N . -38.78 6.25 -22.66
C7 NDG N . -35.46 10.12 -18.12
C8 NDG N . -34.12 10.58 -17.63
O5 NDG N . -37.58 8.26 -22.02
O3 NDG N . -37.55 7.43 -17.98
O4 NDG N . -38.56 5.50 -19.81
O6 NDG N . -39.87 7.15 -22.88
O7 NDG N . -36.49 10.55 -17.65
N2 NDG N . -35.45 9.20 -19.11
O1 NDG N . -35.24 8.22 -21.68
OH2 1PE O . -26.15 26.97 3.23
C12 1PE O . -26.72 27.46 4.45
C22 1PE O . -26.54 28.97 4.54
OH3 1PE O . -26.91 29.41 5.85
C13 1PE O . -29.17 28.83 5.97
C23 1PE O . -28.21 29.98 5.80
OH4 1PE O . -29.38 28.63 7.37
C14 1PE O . -31.70 28.33 6.62
C24 1PE O . -30.59 27.86 7.56
OH5 1PE O . -32.99 27.74 6.89
C15 1PE O . -35.35 28.42 6.91
C25 1PE O . -33.90 28.85 6.86
OH6 1PE O . -36.14 29.47 7.47
C16 1PE O . -35.81 31.26 9.05
C26 1PE O . -35.74 29.77 8.81
OH7 1PE O . -36.82 31.46 10.00
MG MG P . -12.52 -6.33 -3.03
MG MG Q . -13.47 30.57 -14.03
CA CA R . 0.58 27.27 -6.51
C1 NDG S . 4.77 22.36 -27.18
C2 NDG S . 5.98 22.26 -26.24
C3 NDG S . 7.22 22.97 -26.83
C4 NDG S . 7.52 22.48 -28.25
C5 NDG S . 6.26 22.53 -29.13
C6 NDG S . 6.51 21.83 -30.46
C7 NDG S . 5.83 22.02 -23.82
C8 NDG S . 5.31 22.61 -22.54
O5 NDG S . 5.12 21.91 -28.51
O3 NDG S . 8.37 22.70 -26.00
O4 NDG S . 8.52 23.33 -28.80
O6 NDG S . 5.51 22.30 -31.38
O7 NDG S . 6.36 20.92 -23.84
N2 NDG S . 5.66 22.77 -24.92
O1 NDG S . 4.25 23.70 -27.22
C1 NDG T . 11.68 45.71 -0.81
C2 NDG T . 12.53 44.58 -1.42
C3 NDG T . 13.76 44.23 -0.57
C4 NDG T . 14.52 45.49 -0.19
C5 NDG T . 13.57 46.44 0.54
C6 NDG T . 14.29 47.68 1.04
C7 NDG T . 11.87 42.66 -2.79
C8 NDG T . 10.95 41.48 -2.90
O5 NDG T . 12.49 46.80 -0.34
O3 NDG T . 14.62 43.36 -1.32
O4 NDG T . 15.63 45.14 0.63
O6 NDG T . 13.95 48.80 0.21
O7 NDG T . 12.68 42.93 -3.65
N2 NDG T . 11.75 43.38 -1.66
O1 NDG T . 10.86 45.22 0.27
CA CA U . 7.10 -1.07 27.19
C1 NAG V . -6.31 15.23 32.43
C2 NAG V . -5.09 15.60 31.60
C3 NAG V . -4.34 16.76 32.26
C4 NAG V . -5.31 17.92 32.51
C5 NAG V . -6.58 17.45 33.21
C6 NAG V . -7.59 18.59 33.24
C7 NAG V . -3.66 14.16 30.23
C8 NAG V . -2.82 12.93 30.16
N2 NAG V . -4.24 14.43 31.40
O1 NAG V . -7.00 14.19 31.79
O3 NAG V . -3.34 17.25 31.41
O4 NAG V . -4.67 18.87 33.32
O5 NAG V . -7.16 16.35 32.54
O6 NAG V . -8.77 18.16 33.87
O7 NAG V . -3.77 14.89 29.25
C1 NAG W . 25.80 0.39 39.17
C2 NAG W . 25.14 1.66 38.63
C3 NAG W . 26.17 2.45 37.83
C4 NAG W . 27.41 2.72 38.68
C5 NAG W . 27.95 1.41 39.25
C6 NAG W . 29.16 1.67 40.16
C7 NAG W . 22.86 2.13 37.87
C8 NAG W . 21.71 1.72 36.98
N2 NAG W . 23.96 1.36 37.83
O1 NAG W . 24.88 -0.35 39.95
O3 NAG W . 25.64 3.68 37.40
O4 NAG W . 28.39 3.37 37.90
O5 NAG W . 26.92 0.74 39.96
O6 NAG W . 28.90 1.24 41.47
O7 NAG W . 22.76 3.13 38.57
MG MG X . -5.15 -8.60 34.64
CA CA Y . -11.35 -13.36 20.61
C1 NDG Z . -33.07 -16.77 21.45
C2 NDG Z . -32.29 -17.86 20.73
C3 NDG Z . -32.88 -18.09 19.33
C4 NDG Z . -34.39 -18.36 19.37
C5 NDG Z . -35.09 -17.26 20.19
C6 NDG Z . -36.58 -17.53 20.38
C7 NDG Z . -29.91 -18.32 20.91
C8 NDG Z . -28.51 -17.76 20.81
O5 NDG Z . -34.47 -17.11 21.47
O3 NDG Z . -32.21 -19.19 18.68
O4 NDG Z . -34.89 -18.40 18.03
O6 NDG Z . -36.80 -18.28 21.58
O7 NDG Z . -30.13 -19.48 21.19
N2 NDG Z . -30.89 -17.46 20.65
O1 NDG Z . -32.84 -15.51 20.79
CA CA AA . 1.32 -18.58 -19.35
C1 NAG BA . -13.28 -35.28 -20.08
C2 NAG BA . -13.55 -34.10 -21.01
C3 NAG BA . -14.95 -33.62 -20.66
C4 NAG BA . -15.98 -34.75 -20.84
C5 NAG BA . -15.52 -36.09 -20.23
C6 NAG BA . -16.33 -37.22 -20.86
C7 NAG BA . -12.12 -32.24 -21.82
C8 NAG BA . -11.12 -31.19 -21.44
N2 NAG BA . -12.57 -33.03 -20.83
O1 NAG BA . -11.94 -35.69 -20.15
O3 NAG BA . -15.29 -32.50 -21.45
O4 NAG BA . -17.19 -34.40 -20.22
O5 NAG BA . -14.14 -36.34 -20.46
O6 NAG BA . -15.82 -38.47 -20.44
O7 NAG BA . -12.50 -32.33 -22.99
OH2 1PE CA . 4.32 -12.76 -34.29
C12 1PE CA . 3.45 -12.57 -35.41
C22 1PE CA . 4.06 -11.56 -36.38
OH3 1PE CA . 5.13 -12.20 -37.08
C13 1PE CA . 4.81 -11.51 -39.34
C23 1PE CA . 5.68 -11.38 -38.10
OH4 1PE CA . 3.46 -11.57 -38.88
C14 1PE CA . 1.67 -11.22 -40.48
C24 1PE CA . 2.61 -12.22 -39.82
OH5 1PE CA . 1.18 -11.78 -41.71
C15 1PE CA . -0.58 -12.57 -43.09
C25 1PE CA . -0.25 -11.92 -41.75
OH6 1PE CA . -1.97 -12.42 -43.39
C16 1PE CA . -1.51 -10.96 -45.23
C26 1PE CA . -2.19 -12.24 -44.78
OH7 1PE CA . -1.76 -10.70 -46.61
MG MG DA . 16.60 -23.27 -21.22
CA CA EA . 22.11 -10.75 -13.02
C1 NDG FA . 23.04 -27.02 1.30
C2 NDG FA . 23.57 -25.69 1.83
C3 NDG FA . 24.96 -25.83 2.45
C4 NDG FA . 24.97 -26.97 3.48
C5 NDG FA . 24.39 -28.25 2.89
C6 NDG FA . 24.27 -29.32 3.97
C7 NDG FA . 23.11 -23.47 0.95
C8 NDG FA . 23.21 -22.56 -0.23
O5 NDG FA . 23.08 -28.02 2.34
O3 NDG FA . 25.25 -24.62 3.16
O4 NDG FA . 26.32 -27.17 3.91
O6 NDG FA . 24.06 -30.56 3.28
O7 NDG FA . 22.62 -23.10 2.02
N2 NDG FA . 23.60 -24.70 0.76
O1 NDG FA . 23.85 -27.45 0.21
C1 NDG GA . 42.62 -4.82 -18.90
C2 NDG GA . 42.31 -4.76 -17.38
C3 NDG GA . 42.64 -3.39 -16.76
C4 NDG GA . 44.02 -2.89 -17.21
C5 NDG GA . 44.10 -2.89 -18.74
C6 NDG GA . 45.42 -2.38 -19.26
C7 NDG GA . 40.50 -5.79 -16.10
C8 NDG GA . 39.02 -6.03 -16.04
O5 NDG GA . 43.90 -4.24 -19.20
O3 NDG GA . 42.59 -3.48 -15.34
O4 NDG GA . 44.27 -1.57 -16.70
O6 NDG GA . 46.42 -3.36 -18.97
O7 NDG GA . 41.26 -6.22 -15.25
N2 NDG GA . 40.91 -5.08 -17.15
O1 NDG GA . 41.59 -4.14 -19.63
#